data_7Y3N
#
_entry.id   7Y3N
#
_cell.length_a   112.483
_cell.length_b   159.018
_cell.length_c   175.990
_cell.angle_alpha   90.000
_cell.angle_beta   90.000
_cell.angle_gamma   90.000
#
_symmetry.space_group_name_H-M   'P 21 21 21'
#
loop_
_entity.id
_entity.type
_entity.pdbx_description
1 polymer 'Spike protein S1'
2 polymer 'Heavy chain of BIOLS56'
3 polymer 'Light chain of BIOLS56'
4 branched 2-acetamido-2-deoxy-beta-D-glucopyranose-(1-4)-[alpha-L-fucopyranose-(1-6)]2-acetamido-2-deoxy-beta-D-glucopyranose
5 non-polymer 2-acetamido-2-deoxy-beta-D-glucopyranose
#
loop_
_entity_poly.entity_id
_entity_poly.type
_entity_poly.pdbx_seq_one_letter_code
_entity_poly.pdbx_strand_id
1 'polypeptide(L)'
;RVVPSGDVVRFPNITNLCPFGEVFNATKFPSVYAWERKKISNCVADYSVLYNSTFFSTFKCYGVSATKLNDLCFSNVYAD
SFVVKGDDVRQIAPGQTGVIADYNYKLPDDFMGCVLAWNTRNIDATSTGNYNYKYRYLRHGKLRPFERDISNVPFSPDGK
PCTPPALNCYWPLNDYGFYTTTGIGYQPYRVVVLSFELLNAPATVCGPKLSTDLIKNQCVNFHHHHHH
;
A,B,E
2 'polypeptide(L)'
;EVQLVESGGGVVQPGGSLRLSCAVSGFTFDDYAMHWVRQAPGKGLDWVSLISGDGSYTYYADSVKGRFTISRDSSKNSLY
LQMNSLRTEDTALYYCAKAQTPTLWWLQDAFDIWGQGTMVTVSSASTKGPSVFPLAPSSKSTSGGTAALGCLVKDYFPEP
VTVSWNSGALTSGVHTFPAVLQSSGLYSLSSVVTVPSSSLGTQTYICNVNHKPSNTKVDKRVEPKSCDKTHTCPPCP
;
H,C,F
3 'polypeptide(L)'
;DIQMTQSPSSLSASVGDRVTITCRASQSISNYLNWYQQKPGKAPKLLIYVASSLQSGVPSRFSGSGSGTDFTLTISSLQP
EDFATYYCQQSYSTPFTFGPGTKVDIKRTVAAPSVFIFPPSDEQLKSGTASVVCLLNNFYPREAKVQWKVDNALQSGNSQ
ESVTEQDSKDSTYSLSSTLTLSKADYEKHKVYACEVTHQGLSSPVTKSFNRGECS
;
L,D,G
#
loop_
_chem_comp.id
_chem_comp.type
_chem_comp.name
_chem_comp.formula
FUC L-saccharide, alpha linking alpha-L-fucopyranose 'C6 H12 O5'
NAG D-saccharide, beta linking 2-acetamido-2-deoxy-beta-D-glucopyranose 'C8 H15 N O6'
#
# COMPACT_ATOMS: atom_id res chain seq x y z
N ASN A 13 -20.42 -44.95 -50.37
CA ASN A 13 -19.10 -44.32 -50.40
C ASN A 13 -18.21 -44.86 -49.29
N ILE A 14 -18.28 -44.22 -48.13
CA ILE A 14 -17.50 -44.68 -46.98
C ILE A 14 -17.96 -46.07 -46.58
N THR A 15 -16.99 -46.99 -46.50
CA THR A 15 -17.26 -48.38 -46.17
C THR A 15 -16.75 -48.76 -44.78
N ASN A 16 -16.45 -47.76 -43.96
CA ASN A 16 -15.81 -47.97 -42.66
C ASN A 16 -16.85 -48.28 -41.59
N LEU A 17 -16.48 -49.16 -40.67
CA LEU A 17 -17.28 -49.43 -39.48
C LEU A 17 -16.85 -48.54 -38.33
N CYS A 18 -17.79 -48.29 -37.37
CA CYS A 18 -17.39 -47.54 -36.19
C CYS A 18 -16.94 -48.45 -35.05
N PRO A 19 -16.05 -47.92 -34.22
CA PRO A 19 -15.41 -48.73 -33.18
C PRO A 19 -16.28 -49.06 -31.98
N PHE A 20 -17.60 -48.95 -32.12
CA PHE A 20 -18.54 -49.37 -31.07
C PHE A 20 -18.12 -50.70 -30.44
N GLY A 21 -17.57 -51.59 -31.25
CA GLY A 21 -17.05 -52.84 -30.73
C GLY A 21 -15.92 -52.66 -29.73
N GLU A 22 -15.09 -51.63 -29.92
CA GLU A 22 -13.96 -51.40 -29.04
C GLU A 22 -14.27 -50.45 -27.90
N VAL A 23 -15.48 -49.92 -27.83
CA VAL A 23 -15.93 -49.12 -26.69
C VAL A 23 -16.69 -49.97 -25.69
N PHE A 24 -17.67 -50.75 -26.17
CA PHE A 24 -18.43 -51.62 -25.28
C PHE A 24 -17.58 -52.80 -24.79
N ASN A 25 -16.78 -53.39 -25.69
CA ASN A 25 -15.89 -54.49 -25.33
C ASN A 25 -14.52 -54.01 -24.88
N ALA A 26 -14.41 -52.78 -24.37
CA ALA A 26 -13.14 -52.27 -23.87
C ALA A 26 -12.72 -53.03 -22.62
N THR A 27 -11.42 -53.32 -22.53
CA THR A 27 -10.93 -54.20 -21.48
C THR A 27 -11.18 -53.62 -20.09
N LYS A 28 -10.84 -52.35 -19.88
CA LYS A 28 -11.04 -51.68 -18.62
C LYS A 28 -11.66 -50.30 -18.82
N PHE A 29 -12.56 -49.94 -17.89
CA PHE A 29 -13.35 -48.71 -17.91
C PHE A 29 -12.85 -47.72 -16.85
N PRO A 30 -13.10 -46.42 -17.06
CA PRO A 30 -12.65 -45.42 -16.09
C PRO A 30 -13.71 -45.13 -15.02
N SER A 31 -13.28 -44.39 -14.00
CA SER A 31 -14.21 -43.90 -13.00
C SER A 31 -15.10 -42.81 -13.59
N VAL A 32 -16.24 -42.58 -12.95
CA VAL A 32 -17.23 -41.66 -13.51
C VAL A 32 -16.68 -40.23 -13.53
N TYR A 33 -15.96 -39.82 -12.48
CA TYR A 33 -15.45 -38.45 -12.44
C TYR A 33 -14.44 -38.20 -13.56
N ALA A 34 -13.73 -39.23 -13.98
CA ALA A 34 -12.78 -39.16 -15.09
C ALA A 34 -13.35 -39.80 -16.35
N TRP A 35 -14.64 -39.61 -16.61
CA TRP A 35 -15.32 -40.33 -17.68
C TRP A 35 -14.69 -40.06 -19.04
N GLU A 36 -14.62 -41.10 -19.86
CA GLU A 36 -13.97 -41.02 -21.16
C GLU A 36 -14.96 -40.59 -22.24
N ARG A 37 -14.46 -39.84 -23.21
CA ARG A 37 -15.26 -39.27 -24.29
C ARG A 37 -14.55 -39.58 -25.60
N LYS A 38 -15.16 -40.42 -26.44
CA LYS A 38 -14.57 -40.87 -27.69
C LYS A 38 -15.38 -40.37 -28.88
N LYS A 39 -14.71 -39.75 -29.84
CA LYS A 39 -15.41 -39.24 -31.00
C LYS A 39 -15.62 -40.36 -32.02
N ILE A 40 -16.73 -40.25 -32.75
CA ILE A 40 -17.10 -41.18 -33.78
C ILE A 40 -17.50 -40.39 -35.02
N SER A 41 -16.84 -40.68 -36.13
CA SER A 41 -16.92 -39.90 -37.35
C SER A 41 -16.41 -40.76 -38.50
N ASN A 42 -17.00 -40.56 -39.68
CA ASN A 42 -16.56 -41.19 -40.92
C ASN A 42 -16.57 -42.72 -40.79
N CYS A 43 -17.77 -43.26 -40.66
CA CYS A 43 -17.96 -44.70 -40.67
C CYS A 43 -19.39 -45.00 -41.11
N VAL A 44 -19.80 -46.26 -40.94
CA VAL A 44 -21.20 -46.65 -40.94
C VAL A 44 -21.52 -47.16 -39.53
N ALA A 45 -22.70 -46.80 -39.03
CA ALA A 45 -23.08 -47.09 -37.66
C ALA A 45 -24.04 -48.29 -37.66
N ASP A 46 -23.54 -49.44 -37.21
CA ASP A 46 -24.35 -50.64 -37.05
C ASP A 46 -24.72 -50.75 -35.58
N TYR A 47 -25.98 -50.45 -35.27
CA TYR A 47 -26.49 -50.52 -33.91
C TYR A 47 -27.12 -51.86 -33.58
N SER A 48 -27.09 -52.82 -34.51
CA SER A 48 -27.72 -54.11 -34.25
C SER A 48 -27.10 -54.79 -33.04
N VAL A 49 -25.81 -54.57 -32.79
CA VAL A 49 -25.12 -55.17 -31.67
C VAL A 49 -25.67 -54.72 -30.32
N LEU A 50 -26.47 -53.66 -30.30
CA LEU A 50 -27.02 -53.12 -29.06
C LEU A 50 -28.38 -53.68 -28.70
N TYR A 51 -29.14 -54.16 -29.68
CA TYR A 51 -30.50 -54.63 -29.42
C TYR A 51 -30.52 -55.99 -28.73
N ASN A 52 -29.37 -56.41 -28.23
CA ASN A 52 -29.23 -57.65 -27.47
C ASN A 52 -29.68 -57.41 -26.04
N SER A 53 -30.92 -57.76 -25.74
CA SER A 53 -31.37 -57.71 -24.35
C SER A 53 -30.74 -58.85 -23.57
N THR A 54 -31.05 -58.90 -22.28
CA THR A 54 -30.54 -59.89 -21.33
C THR A 54 -29.03 -59.66 -21.17
N PHE A 55 -28.50 -58.71 -21.92
CA PHE A 55 -27.17 -58.16 -21.73
C PHE A 55 -27.24 -56.75 -21.13
N PHE A 56 -27.94 -55.84 -21.80
CA PHE A 56 -28.04 -54.46 -21.36
C PHE A 56 -29.22 -54.33 -20.40
N SER A 57 -28.91 -54.03 -19.14
CA SER A 57 -29.96 -53.87 -18.14
C SER A 57 -30.82 -52.64 -18.42
N THR A 58 -30.19 -51.53 -18.79
CA THR A 58 -30.91 -50.34 -19.20
C THR A 58 -30.53 -50.01 -20.63
N PHE A 59 -31.49 -49.56 -21.46
CA PHE A 59 -31.28 -49.07 -22.86
C PHE A 59 -32.42 -48.11 -23.16
N LYS A 60 -32.26 -46.80 -22.96
CA LYS A 60 -33.27 -45.76 -23.00
C LYS A 60 -32.72 -44.62 -23.83
N CYS A 61 -33.46 -44.20 -24.85
CA CYS A 61 -33.02 -43.11 -25.71
C CYS A 61 -33.91 -41.91 -25.52
N TYR A 62 -33.30 -40.73 -25.62
CA TYR A 62 -33.98 -39.46 -25.44
C TYR A 62 -33.82 -38.67 -26.73
N GLY A 63 -34.94 -38.23 -27.30
CA GLY A 63 -34.93 -37.52 -28.56
C GLY A 63 -34.93 -38.39 -29.79
N VAL A 64 -34.81 -39.72 -29.64
CA VAL A 64 -34.93 -40.67 -30.74
C VAL A 64 -35.51 -41.96 -30.17
N SER A 65 -36.07 -42.80 -31.05
CA SER A 65 -36.42 -44.17 -30.68
C SER A 65 -35.31 -45.10 -31.11
N ALA A 66 -34.92 -45.99 -30.19
CA ALA A 66 -33.81 -46.91 -30.41
C ALA A 66 -34.02 -47.80 -31.62
N THR A 67 -35.28 -48.07 -31.97
CA THR A 67 -35.59 -49.01 -33.03
C THR A 67 -35.35 -48.45 -34.43
N LYS A 68 -35.12 -47.15 -34.57
CA LYS A 68 -34.96 -46.53 -35.88
C LYS A 68 -33.69 -45.68 -35.95
N LEU A 69 -32.63 -46.14 -35.28
CA LEU A 69 -31.30 -45.52 -35.38
C LEU A 69 -30.58 -45.83 -36.68
N ASN A 70 -30.80 -47.00 -37.29
CA ASN A 70 -30.08 -47.34 -38.51
C ASN A 70 -30.55 -46.53 -39.72
N ASP A 71 -31.63 -45.75 -39.58
CA ASP A 71 -32.14 -44.92 -40.66
C ASP A 71 -31.61 -43.48 -40.62
N LEU A 72 -30.76 -43.15 -39.66
CA LEU A 72 -30.45 -41.75 -39.37
C LEU A 72 -29.00 -41.44 -39.70
N CYS A 73 -28.69 -40.14 -39.72
CA CYS A 73 -27.37 -39.64 -40.07
C CYS A 73 -27.02 -38.46 -39.18
N PHE A 74 -25.78 -38.42 -38.71
CA PHE A 74 -25.36 -37.45 -37.69
C PHE A 74 -24.02 -36.83 -38.06
N SER A 75 -23.80 -35.62 -37.51
CA SER A 75 -22.54 -34.92 -37.78
C SER A 75 -21.37 -35.59 -37.07
N ASN A 76 -21.37 -35.63 -35.74
CA ASN A 76 -20.53 -36.63 -35.09
C ASN A 76 -21.39 -37.41 -34.10
N VAL A 77 -20.81 -38.49 -33.59
CA VAL A 77 -21.39 -39.28 -32.51
C VAL A 77 -20.35 -39.42 -31.41
N TYR A 78 -20.77 -39.30 -30.16
CA TYR A 78 -19.89 -39.36 -29.01
C TYR A 78 -20.28 -40.52 -28.10
N ALA A 79 -19.29 -41.25 -27.61
CA ALA A 79 -19.50 -42.40 -26.74
C ALA A 79 -18.79 -42.16 -25.41
N ASP A 80 -19.57 -42.09 -24.33
CA ASP A 80 -19.05 -41.85 -22.99
C ASP A 80 -19.03 -43.15 -22.20
N SER A 81 -17.92 -43.43 -21.53
CA SER A 81 -17.75 -44.68 -20.80
C SER A 81 -17.33 -44.39 -19.37
N PHE A 82 -17.97 -45.06 -18.42
CA PHE A 82 -17.63 -44.96 -17.01
C PHE A 82 -18.34 -46.08 -16.26
N VAL A 83 -18.02 -46.20 -14.98
CA VAL A 83 -18.60 -47.21 -14.10
C VAL A 83 -19.24 -46.53 -12.91
N VAL A 84 -20.49 -46.90 -12.60
CA VAL A 84 -21.18 -46.42 -11.42
C VAL A 84 -21.85 -47.59 -10.72
N LYS A 85 -22.22 -47.35 -9.46
CA LYS A 85 -23.01 -48.30 -8.69
C LYS A 85 -24.34 -48.54 -9.38
N GLY A 86 -24.92 -49.72 -9.15
CA GLY A 86 -26.18 -50.05 -9.79
C GLY A 86 -27.28 -49.07 -9.45
N ASP A 87 -27.38 -48.68 -8.19
CA ASP A 87 -28.39 -47.72 -7.77
C ASP A 87 -28.16 -46.34 -8.37
N ASP A 88 -26.95 -46.05 -8.85
CA ASP A 88 -26.63 -44.76 -9.44
C ASP A 88 -26.88 -44.69 -10.94
N VAL A 89 -27.20 -45.82 -11.58
CA VAL A 89 -27.52 -45.80 -13.00
C VAL A 89 -28.76 -44.96 -13.25
N ARG A 90 -29.69 -44.94 -12.31
CA ARG A 90 -30.98 -44.28 -12.54
C ARG A 90 -30.84 -42.80 -12.78
N GLN A 91 -29.77 -42.16 -12.29
CA GLN A 91 -29.60 -40.72 -12.43
C GLN A 91 -28.67 -40.35 -13.56
N ILE A 92 -28.35 -41.29 -14.45
CA ILE A 92 -27.62 -40.95 -15.68
C ILE A 92 -28.71 -40.77 -16.74
N ALA A 93 -29.30 -39.58 -16.73
CA ALA A 93 -30.51 -39.23 -17.47
C ALA A 93 -30.78 -37.75 -17.25
N PRO A 94 -31.42 -37.07 -18.21
CA PRO A 94 -31.66 -35.64 -18.04
C PRO A 94 -32.54 -35.36 -16.82
N GLY A 95 -32.25 -34.22 -16.18
CA GLY A 95 -33.04 -33.76 -15.05
C GLY A 95 -33.00 -34.67 -13.84
N GLN A 96 -31.81 -35.12 -13.44
CA GLN A 96 -31.64 -35.92 -12.24
C GLN A 96 -30.79 -35.15 -11.23
N THR A 97 -30.86 -35.57 -9.97
CA THR A 97 -30.41 -34.74 -8.87
C THR A 97 -29.45 -35.43 -7.90
N GLY A 98 -28.95 -36.61 -8.23
CA GLY A 98 -28.07 -37.32 -7.31
C GLY A 98 -26.67 -36.73 -7.27
N VAL A 99 -25.79 -37.43 -6.55
CA VAL A 99 -24.39 -37.00 -6.45
C VAL A 99 -23.69 -37.12 -7.80
N ILE A 100 -23.88 -38.25 -8.47
CA ILE A 100 -23.20 -38.50 -9.74
C ILE A 100 -23.65 -37.49 -10.79
N ALA A 101 -24.96 -37.21 -10.84
CA ALA A 101 -25.46 -36.25 -11.82
C ALA A 101 -25.04 -34.82 -11.48
N ASP A 102 -24.91 -34.51 -10.19
CA ASP A 102 -24.56 -33.14 -9.80
C ASP A 102 -23.06 -32.89 -9.91
N TYR A 103 -22.23 -33.87 -9.56
CA TYR A 103 -20.81 -33.64 -9.39
C TYR A 103 -19.92 -34.49 -10.30
N ASN A 104 -20.45 -35.46 -11.04
CA ASN A 104 -19.61 -36.36 -11.80
C ASN A 104 -19.90 -36.36 -13.30
N TYR A 105 -21.17 -36.48 -13.70
CA TYR A 105 -21.50 -36.59 -15.13
C TYR A 105 -22.92 -36.07 -15.32
N LYS A 106 -23.04 -34.90 -15.93
CA LYS A 106 -24.31 -34.22 -16.11
C LYS A 106 -24.78 -34.34 -17.55
N LEU A 107 -26.06 -34.67 -17.74
CA LEU A 107 -26.65 -34.68 -19.07
C LEU A 107 -27.55 -33.47 -19.26
N PRO A 108 -27.59 -32.91 -20.46
CA PRO A 108 -28.44 -31.73 -20.71
C PRO A 108 -29.91 -32.05 -20.57
N ASP A 109 -30.69 -31.02 -20.22
CA ASP A 109 -32.14 -31.16 -20.25
C ASP A 109 -32.62 -31.55 -21.64
N ASP A 110 -32.02 -30.97 -22.67
CA ASP A 110 -32.36 -31.29 -24.07
C ASP A 110 -31.42 -32.36 -24.64
N PHE A 111 -31.22 -33.44 -23.91
CA PHE A 111 -30.26 -34.45 -24.35
C PHE A 111 -30.83 -35.29 -25.47
N MET A 112 -30.05 -35.48 -26.53
CA MET A 112 -30.42 -36.34 -27.64
C MET A 112 -29.39 -37.46 -27.75
N GLY A 113 -29.76 -38.64 -27.28
CA GLY A 113 -28.86 -39.77 -27.31
C GLY A 113 -29.41 -40.92 -26.48
N CYS A 114 -28.58 -41.96 -26.35
CA CYS A 114 -28.99 -43.19 -25.70
C CYS A 114 -28.06 -43.51 -24.54
N VAL A 115 -28.63 -44.03 -23.46
CA VAL A 115 -27.89 -44.46 -22.28
C VAL A 115 -28.02 -45.97 -22.18
N LEU A 116 -26.88 -46.66 -22.19
CA LEU A 116 -26.84 -48.12 -22.09
C LEU A 116 -26.02 -48.51 -20.87
N ALA A 117 -26.55 -49.46 -20.10
CA ALA A 117 -25.84 -49.99 -18.95
C ALA A 117 -26.03 -51.49 -18.91
N TRP A 118 -25.02 -52.17 -18.38
CA TRP A 118 -25.11 -53.62 -18.18
C TRP A 118 -24.29 -54.00 -16.95
N ASN A 119 -24.72 -55.07 -16.31
CA ASN A 119 -24.16 -55.49 -15.04
C ASN A 119 -22.78 -56.10 -15.26
N THR A 120 -21.85 -55.80 -14.34
CA THR A 120 -20.48 -56.27 -14.41
C THR A 120 -20.03 -56.87 -13.08
N ARG A 121 -20.91 -57.61 -12.43
CA ARG A 121 -20.54 -58.32 -11.21
C ARG A 121 -19.36 -59.27 -11.46
N ASN A 122 -19.46 -60.07 -12.53
CA ASN A 122 -18.32 -60.83 -13.05
C ASN A 122 -16.97 -60.10 -13.01
N ILE A 123 -16.84 -58.97 -13.69
CA ILE A 123 -15.51 -58.46 -14.05
C ILE A 123 -15.03 -57.30 -13.18
N ASP A 124 -15.90 -56.67 -12.41
CA ASP A 124 -15.52 -55.48 -11.65
C ASP A 124 -15.71 -55.62 -10.14
N ALA A 125 -16.12 -56.79 -9.65
CA ALA A 125 -16.27 -57.03 -8.23
C ALA A 125 -15.41 -58.22 -7.82
N THR A 126 -14.82 -58.13 -6.63
CA THR A 126 -13.97 -59.18 -6.10
C THR A 126 -14.37 -59.48 -4.66
N SER A 127 -13.95 -60.65 -4.17
CA SER A 127 -14.18 -61.01 -2.78
C SER A 127 -13.40 -60.14 -1.81
N THR A 128 -12.35 -59.48 -2.29
CA THR A 128 -11.53 -58.61 -1.45
C THR A 128 -12.04 -57.17 -1.44
N GLY A 129 -12.67 -56.72 -2.51
CA GLY A 129 -13.09 -55.35 -2.64
C GLY A 129 -12.42 -54.64 -3.80
N ASN A 130 -13.21 -54.15 -4.73
CA ASN A 130 -12.69 -53.42 -5.89
C ASN A 130 -12.93 -51.93 -5.64
N TYR A 131 -11.93 -51.27 -5.06
CA TYR A 131 -12.00 -49.85 -4.76
C TYR A 131 -11.32 -48.99 -5.83
N ASN A 132 -10.99 -49.57 -6.98
CA ASN A 132 -10.33 -48.84 -8.05
C ASN A 132 -11.26 -47.84 -8.73
N TYR A 133 -12.56 -47.90 -8.48
CA TYR A 133 -13.52 -46.97 -9.06
C TYR A 133 -13.88 -45.90 -8.04
N LYS A 134 -13.75 -44.64 -8.43
CA LYS A 134 -13.96 -43.52 -7.54
C LYS A 134 -15.07 -42.62 -8.07
N TYR A 135 -15.59 -41.76 -7.19
CA TYR A 135 -16.59 -40.78 -7.57
C TYR A 135 -16.44 -39.56 -6.67
N ARG A 136 -16.82 -38.40 -7.22
CA ARG A 136 -16.69 -37.14 -6.50
C ARG A 136 -17.98 -36.82 -5.76
N TYR A 137 -17.86 -36.61 -4.45
CA TYR A 137 -19.01 -36.32 -3.62
C TYR A 137 -18.98 -34.92 -3.01
N LEU A 138 -17.89 -34.18 -3.19
CA LEU A 138 -17.73 -32.82 -2.68
C LEU A 138 -17.29 -31.90 -3.81
N ARG A 139 -18.04 -30.82 -4.01
CA ARG A 139 -17.72 -29.85 -5.05
C ARG A 139 -18.44 -28.54 -4.77
N HIS A 140 -17.78 -27.42 -5.05
CA HIS A 140 -18.38 -26.09 -4.94
C HIS A 140 -19.24 -25.86 -6.18
N GLY A 141 -20.51 -26.26 -6.10
CA GLY A 141 -21.38 -25.96 -7.23
C GLY A 141 -21.43 -27.08 -8.23
N LYS A 142 -22.57 -27.19 -8.90
CA LYS A 142 -22.86 -28.30 -9.80
C LYS A 142 -22.12 -28.14 -11.13
N LEU A 143 -22.07 -29.24 -11.86
CA LEU A 143 -21.48 -29.26 -13.19
C LEU A 143 -22.50 -28.83 -14.24
N ARG A 144 -22.05 -28.00 -15.18
CA ARG A 144 -22.82 -27.83 -16.40
C ARG A 144 -22.80 -29.14 -17.19
N PRO A 145 -23.81 -29.38 -18.03
CA PRO A 145 -23.82 -30.63 -18.80
C PRO A 145 -22.56 -30.78 -19.63
N PHE A 146 -22.06 -32.02 -19.68
CA PHE A 146 -20.86 -32.41 -20.42
C PHE A 146 -19.59 -31.76 -19.89
N GLU A 147 -19.61 -31.15 -18.71
CA GLU A 147 -18.39 -30.78 -18.03
C GLU A 147 -17.73 -32.02 -17.43
N ARG A 148 -16.46 -31.88 -17.06
CA ARG A 148 -15.73 -32.99 -16.47
C ARG A 148 -14.67 -32.44 -15.53
N ASP A 149 -14.91 -32.60 -14.23
CA ASP A 149 -13.97 -32.15 -13.20
C ASP A 149 -13.06 -33.31 -12.82
N ILE A 150 -11.77 -33.16 -13.07
CA ILE A 150 -10.79 -34.21 -12.87
C ILE A 150 -9.81 -33.86 -11.77
N SER A 151 -10.06 -32.76 -11.06
CA SER A 151 -9.15 -32.26 -10.04
C SER A 151 -9.31 -33.04 -8.75
N ASN A 152 -8.19 -33.18 -8.03
CA ASN A 152 -8.18 -33.75 -6.68
C ASN A 152 -7.49 -32.73 -5.78
N VAL A 153 -8.26 -31.76 -5.31
CA VAL A 153 -7.76 -30.65 -4.51
C VAL A 153 -8.54 -30.63 -3.20
N PRO A 154 -7.89 -30.55 -2.05
CA PRO A 154 -8.61 -30.60 -0.78
C PRO A 154 -9.70 -29.54 -0.69
N PHE A 155 -10.85 -29.95 -0.17
CA PHE A 155 -12.10 -29.20 -0.25
C PHE A 155 -12.41 -28.61 1.12
N SER A 156 -12.60 -27.29 1.17
CA SER A 156 -13.05 -26.65 2.39
C SER A 156 -14.49 -26.21 2.23
N PRO A 157 -15.34 -26.41 3.24
CA PRO A 157 -16.78 -26.13 3.07
C PRO A 157 -17.10 -24.67 2.81
N ASP A 158 -16.16 -23.75 3.05
CA ASP A 158 -16.39 -22.33 2.82
C ASP A 158 -15.42 -21.74 1.80
N GLY A 159 -14.96 -22.56 0.84
CA GLY A 159 -14.11 -22.07 -0.27
C GLY A 159 -12.88 -21.28 0.15
N LYS A 160 -11.82 -21.96 0.56
CA LYS A 160 -10.55 -21.28 0.94
C LYS A 160 -9.37 -22.20 0.60
N PRO A 161 -8.13 -21.69 0.38
CA PRO A 161 -6.96 -22.56 0.18
C PRO A 161 -6.96 -23.59 1.31
N CYS A 162 -6.97 -24.88 0.97
CA CYS A 162 -7.12 -25.87 2.03
C CYS A 162 -5.90 -26.77 2.00
N THR A 163 -5.10 -26.71 3.08
CA THR A 163 -3.80 -27.44 3.11
C THR A 163 -3.80 -28.48 4.22
N PRO A 164 -4.33 -29.71 4.00
CA PRO A 164 -4.24 -30.76 5.03
C PRO A 164 -2.78 -31.04 5.35
N PRO A 165 -2.49 -31.65 6.52
CA PRO A 165 -3.43 -32.21 7.51
C PRO A 165 -4.13 -31.23 8.46
N ALA A 166 -4.46 -30.03 7.99
CA ALA A 166 -5.21 -29.09 8.81
C ALA A 166 -6.66 -29.55 8.97
N LEU A 167 -7.38 -28.84 9.83
CA LEU A 167 -8.79 -29.13 10.06
C LEU A 167 -9.64 -28.46 8.97
N ASN A 168 -10.84 -29.02 8.78
CA ASN A 168 -11.80 -28.59 7.76
C ASN A 168 -11.24 -28.68 6.34
N CYS A 169 -10.23 -29.54 6.14
CA CYS A 169 -9.58 -29.77 4.85
C CYS A 169 -9.79 -31.20 4.40
N TYR A 170 -10.61 -31.38 3.35
CA TYR A 170 -11.24 -32.68 3.12
C TYR A 170 -11.08 -33.12 1.67
N TRP A 171 -11.08 -34.44 1.47
CA TRP A 171 -10.77 -34.89 0.11
C TRP A 171 -12.03 -35.18 -0.69
N PRO A 172 -12.05 -34.76 -1.97
CA PRO A 172 -13.32 -34.72 -2.72
C PRO A 172 -13.80 -36.06 -3.27
N LEU A 173 -12.93 -37.05 -3.40
CA LEU A 173 -13.31 -38.31 -4.03
C LEU A 173 -13.53 -39.40 -3.00
N ASN A 174 -14.25 -40.44 -3.42
CA ASN A 174 -14.51 -41.60 -2.57
C ASN A 174 -14.54 -42.85 -3.43
N ASP A 175 -13.95 -43.93 -2.92
CA ASP A 175 -13.92 -45.19 -3.65
C ASP A 175 -15.23 -45.96 -3.49
N TYR A 176 -15.74 -46.56 -4.58
CA TYR A 176 -16.96 -47.35 -4.47
C TYR A 176 -16.77 -48.60 -3.60
N GLY A 177 -15.77 -49.42 -3.90
CA GLY A 177 -15.68 -50.68 -3.18
C GLY A 177 -16.73 -51.72 -3.54
N PHE A 178 -16.59 -52.34 -4.71
CA PHE A 178 -17.54 -53.35 -5.17
C PHE A 178 -17.16 -54.74 -4.68
N TYR A 179 -18.15 -55.47 -4.18
CA TYR A 179 -17.97 -56.81 -3.63
C TYR A 179 -18.76 -57.83 -4.45
N THR A 180 -18.30 -59.08 -4.45
CA THR A 180 -18.93 -60.10 -5.27
C THR A 180 -20.30 -60.50 -4.72
N THR A 181 -20.38 -60.70 -3.40
CA THR A 181 -21.63 -61.12 -2.76
C THR A 181 -22.18 -59.91 -1.99
N THR A 182 -22.99 -59.11 -2.68
CA THR A 182 -23.66 -57.98 -2.06
C THR A 182 -24.95 -57.69 -2.81
N GLY A 183 -25.66 -56.67 -2.36
CA GLY A 183 -26.94 -56.32 -2.96
C GLY A 183 -26.82 -56.02 -4.44
N ILE A 184 -27.96 -56.15 -5.10
CA ILE A 184 -28.01 -56.03 -6.56
C ILE A 184 -27.66 -54.60 -6.98
N GLY A 185 -28.23 -53.61 -6.29
CA GLY A 185 -27.93 -52.22 -6.58
C GLY A 185 -26.54 -51.80 -6.15
N TYR A 186 -25.92 -52.54 -5.23
CA TYR A 186 -24.55 -52.25 -4.83
C TYR A 186 -23.50 -52.82 -5.77
N GLN A 187 -23.92 -53.59 -6.77
CA GLN A 187 -22.98 -54.16 -7.74
C GLN A 187 -22.59 -53.13 -8.79
N PRO A 188 -21.42 -53.29 -9.40
CA PRO A 188 -20.98 -52.32 -10.41
C PRO A 188 -21.65 -52.53 -11.75
N TYR A 189 -21.97 -51.43 -12.41
CA TYR A 189 -22.50 -51.43 -13.77
C TYR A 189 -21.58 -50.59 -14.66
N ARG A 190 -21.39 -51.06 -15.89
CA ARG A 190 -20.66 -50.30 -16.90
C ARG A 190 -21.65 -49.58 -17.78
N VAL A 191 -21.39 -48.30 -18.05
CA VAL A 191 -22.33 -47.43 -18.75
C VAL A 191 -21.66 -46.88 -20.00
N VAL A 192 -22.41 -46.87 -21.10
CA VAL A 192 -22.01 -46.16 -22.32
C VAL A 192 -23.13 -45.23 -22.71
N VAL A 193 -22.81 -43.95 -22.89
CA VAL A 193 -23.77 -42.93 -23.30
C VAL A 193 -23.43 -42.53 -24.73
N LEU A 194 -24.39 -42.68 -25.63
CA LEU A 194 -24.20 -42.31 -27.02
C LEU A 194 -24.86 -40.97 -27.27
N SER A 195 -24.09 -40.01 -27.82
CA SER A 195 -24.55 -38.67 -28.09
C SER A 195 -24.51 -38.39 -29.59
N PHE A 196 -25.59 -37.84 -30.11
CA PHE A 196 -25.73 -37.54 -31.53
C PHE A 196 -25.82 -36.03 -31.71
N GLU A 197 -25.05 -35.48 -32.66
CA GLU A 197 -24.77 -34.04 -32.67
C GLU A 197 -25.54 -33.25 -33.73
N LEU A 198 -25.43 -33.60 -35.01
CA LEU A 198 -26.21 -32.95 -36.07
C LEU A 198 -25.92 -31.45 -36.19
N LEU A 199 -24.72 -31.15 -36.68
CA LEU A 199 -24.25 -29.79 -36.87
C LEU A 199 -24.66 -29.24 -38.24
N ASN A 200 -24.13 -28.06 -38.60
CA ASN A 200 -24.26 -27.47 -39.94
C ASN A 200 -23.35 -28.14 -40.97
N ALA A 201 -22.68 -29.21 -40.56
CA ALA A 201 -21.70 -29.95 -41.33
C ALA A 201 -22.35 -31.18 -41.97
N PRO A 202 -21.76 -31.73 -43.04
CA PRO A 202 -22.32 -32.95 -43.61
C PRO A 202 -22.22 -34.12 -42.64
N ALA A 203 -23.22 -34.99 -42.67
CA ALA A 203 -23.24 -36.15 -41.79
C ALA A 203 -22.22 -37.18 -42.26
N THR A 204 -21.31 -37.58 -41.38
CA THR A 204 -20.30 -38.57 -41.70
C THR A 204 -20.57 -39.95 -41.13
N VAL A 205 -21.52 -40.09 -40.20
CA VAL A 205 -21.89 -41.39 -39.66
C VAL A 205 -23.35 -41.66 -39.99
N CYS A 206 -23.61 -42.78 -40.67
CA CYS A 206 -24.94 -43.14 -41.13
C CYS A 206 -25.12 -44.65 -40.96
N GLY A 207 -26.37 -45.08 -41.07
CA GLY A 207 -26.67 -46.50 -41.07
C GLY A 207 -26.51 -47.11 -42.43
N PRO A 208 -26.66 -48.45 -42.49
CA PRO A 208 -26.58 -49.19 -43.76
C PRO A 208 -27.79 -48.92 -44.66
N GLU B 1 -9.18 -20.62 -47.83
CA GLU B 1 -8.34 -20.74 -46.64
C GLU B 1 -8.97 -20.03 -45.45
N VAL B 2 -8.64 -20.50 -44.25
CA VAL B 2 -9.20 -19.94 -43.02
C VAL B 2 -8.41 -18.71 -42.61
N GLN B 3 -9.11 -17.62 -42.32
CA GLN B 3 -8.51 -16.36 -41.93
C GLN B 3 -9.07 -15.91 -40.59
N LEU B 4 -8.18 -15.64 -39.64
CA LEU B 4 -8.55 -15.09 -38.34
C LEU B 4 -7.91 -13.71 -38.22
N VAL B 5 -8.68 -12.68 -38.56
CA VAL B 5 -8.23 -11.30 -38.50
C VAL B 5 -8.64 -10.71 -37.15
N GLU B 6 -7.71 -10.07 -36.46
CA GLU B 6 -7.93 -9.62 -35.10
C GLU B 6 -7.73 -8.11 -35.00
N SER B 7 -8.54 -7.47 -34.17
CA SER B 7 -8.49 -6.03 -33.99
C SER B 7 -9.01 -5.69 -32.61
N GLY B 8 -8.74 -4.45 -32.18
CA GLY B 8 -9.19 -3.94 -30.90
C GLY B 8 -8.07 -3.49 -29.99
N GLY B 9 -6.88 -4.05 -30.16
CA GLY B 9 -5.81 -3.82 -29.21
C GLY B 9 -5.35 -2.38 -29.17
N GLY B 10 -4.73 -2.03 -28.04
CA GLY B 10 -4.24 -0.68 -27.86
C GLY B 10 -3.62 -0.51 -26.49
N VAL B 11 -3.45 0.74 -26.08
CA VAL B 11 -2.94 1.09 -24.76
C VAL B 11 -4.10 1.57 -23.90
N VAL B 12 -4.15 1.11 -22.66
CA VAL B 12 -5.32 1.31 -21.80
C VAL B 12 -4.85 1.53 -20.36
N GLN B 13 -5.61 2.32 -19.61
CA GLN B 13 -5.21 2.62 -18.24
C GLN B 13 -5.42 1.36 -17.42
N PRO B 14 -4.64 1.14 -16.36
CA PRO B 14 -5.04 0.13 -15.38
C PRO B 14 -6.42 0.46 -14.81
N GLY B 15 -7.28 -0.55 -14.75
CA GLY B 15 -8.66 -0.37 -14.35
C GLY B 15 -9.62 -0.10 -15.49
N GLY B 16 -9.12 0.23 -16.68
CA GLY B 16 -9.98 0.51 -17.80
C GLY B 16 -10.54 -0.73 -18.45
N SER B 17 -11.47 -0.50 -19.37
CA SER B 17 -12.04 -1.56 -20.19
C SER B 17 -11.41 -1.54 -21.57
N LEU B 18 -11.59 -2.62 -22.34
CA LEU B 18 -11.11 -2.70 -23.75
C LEU B 18 -11.87 -3.85 -24.39
N ARG B 19 -12.37 -3.69 -25.61
CA ARG B 19 -12.98 -4.82 -26.29
C ARG B 19 -12.17 -5.27 -27.49
N LEU B 20 -12.04 -6.59 -27.66
CA LEU B 20 -11.34 -7.20 -28.78
C LEU B 20 -12.29 -7.87 -29.74
N SER B 21 -11.87 -7.92 -31.01
CA SER B 21 -12.66 -8.49 -32.09
C SER B 21 -11.80 -9.46 -32.91
N CYS B 22 -12.44 -10.49 -33.44
CA CYS B 22 -11.79 -11.45 -34.32
C CYS B 22 -12.78 -11.81 -35.42
N ALA B 23 -12.55 -11.32 -36.63
CA ALA B 23 -13.41 -11.61 -37.77
C ALA B 23 -12.87 -12.83 -38.51
N VAL B 24 -13.74 -13.80 -38.77
CA VAL B 24 -13.30 -15.09 -39.28
C VAL B 24 -13.67 -15.16 -40.75
N SER B 25 -13.07 -16.13 -41.44
CA SER B 25 -13.55 -16.54 -42.76
C SER B 25 -12.93 -17.89 -43.09
N GLY B 26 -13.59 -18.59 -44.00
CA GLY B 26 -13.08 -19.85 -44.50
C GLY B 26 -13.61 -21.10 -43.83
N PHE B 27 -14.57 -20.99 -42.93
CA PHE B 27 -15.17 -22.18 -42.31
C PHE B 27 -16.51 -21.80 -41.71
N THR B 28 -17.33 -22.82 -41.48
CA THR B 28 -18.66 -22.62 -40.88
C THR B 28 -18.48 -22.26 -39.42
N PHE B 29 -18.65 -20.97 -39.10
CA PHE B 29 -18.28 -20.44 -37.79
C PHE B 29 -18.99 -21.17 -36.67
N ASP B 30 -20.30 -21.36 -36.80
CA ASP B 30 -21.13 -21.87 -35.70
C ASP B 30 -20.81 -23.32 -35.33
N ASP B 31 -20.03 -24.03 -36.13
CA ASP B 31 -19.72 -25.43 -35.85
C ASP B 31 -18.49 -25.61 -34.97
N TYR B 32 -17.76 -24.55 -34.67
CA TYR B 32 -16.47 -24.67 -34.00
C TYR B 32 -16.41 -23.79 -32.76
N ALA B 33 -15.82 -24.34 -31.70
CA ALA B 33 -15.55 -23.55 -30.50
C ALA B 33 -14.36 -22.63 -30.74
N MET B 34 -14.44 -21.41 -30.21
CA MET B 34 -13.40 -20.42 -30.38
C MET B 34 -12.67 -20.18 -29.07
N HIS B 35 -11.41 -19.75 -29.18
CA HIS B 35 -10.54 -19.61 -28.02
C HIS B 35 -9.73 -18.32 -28.13
N TRP B 36 -9.34 -17.81 -26.98
CA TRP B 36 -8.39 -16.70 -26.86
C TRP B 36 -7.15 -17.19 -26.13
N VAL B 37 -5.99 -16.95 -26.73
CA VAL B 37 -4.71 -17.29 -26.12
C VAL B 37 -3.83 -16.05 -26.16
N ARG B 38 -3.24 -15.71 -25.01
CA ARG B 38 -2.40 -14.52 -24.91
C ARG B 38 -0.97 -14.92 -24.61
N GLN B 39 -0.03 -14.06 -25.02
CA GLN B 39 1.40 -14.31 -24.85
C GLN B 39 2.05 -13.02 -24.39
N ALA B 40 2.52 -13.00 -23.15
CA ALA B 40 3.20 -11.83 -22.63
C ALA B 40 4.52 -11.63 -23.37
N PRO B 41 5.00 -10.39 -23.49
CA PRO B 41 6.28 -10.15 -24.18
C PRO B 41 7.42 -10.97 -23.59
N GLY B 42 8.01 -11.84 -24.41
CA GLY B 42 9.13 -12.65 -24.00
C GLY B 42 8.78 -13.91 -23.23
N LYS B 43 7.51 -14.29 -23.17
CA LYS B 43 7.08 -15.42 -22.36
C LYS B 43 6.27 -16.39 -23.21
N GLY B 44 5.74 -17.43 -22.56
CA GLY B 44 5.08 -18.52 -23.25
C GLY B 44 3.62 -18.24 -23.55
N LEU B 45 2.91 -19.32 -23.86
CA LEU B 45 1.51 -19.24 -24.27
C LEU B 45 0.60 -19.48 -23.07
N ASP B 46 -0.42 -18.63 -22.92
CA ASP B 46 -1.32 -18.68 -21.78
C ASP B 46 -2.75 -18.64 -22.30
N TRP B 47 -3.50 -19.72 -22.07
CA TRP B 47 -4.89 -19.79 -22.52
C TRP B 47 -5.78 -18.92 -21.62
N VAL B 48 -6.81 -18.32 -22.23
CA VAL B 48 -7.60 -17.30 -21.56
C VAL B 48 -9.07 -17.67 -21.46
N SER B 49 -9.71 -17.97 -22.59
CA SER B 49 -11.14 -18.20 -22.57
C SER B 49 -11.57 -18.98 -23.81
N LEU B 50 -12.66 -19.73 -23.66
CA LEU B 50 -13.27 -20.46 -24.77
C LEU B 50 -14.77 -20.19 -24.80
N ILE B 51 -15.35 -20.36 -25.99
CA ILE B 51 -16.80 -20.33 -26.17
C ILE B 51 -17.17 -21.38 -27.19
N SER B 52 -18.22 -22.14 -26.91
CA SER B 52 -18.65 -23.22 -27.80
C SER B 52 -19.29 -22.64 -29.06
N GLY B 53 -19.71 -23.53 -29.95
CA GLY B 53 -20.37 -23.08 -31.17
C GLY B 53 -21.67 -22.34 -30.89
N ASP B 54 -22.50 -22.92 -30.00
CA ASP B 54 -23.75 -22.26 -29.63
C ASP B 54 -23.52 -20.91 -28.98
N GLY B 55 -22.39 -20.75 -28.28
CA GLY B 55 -22.27 -19.73 -27.27
C GLY B 55 -22.91 -20.12 -25.96
N SER B 56 -23.46 -21.34 -25.87
CA SER B 56 -24.09 -21.79 -24.64
C SER B 56 -23.06 -21.99 -23.52
N TYR B 57 -21.88 -22.48 -23.86
CA TYR B 57 -20.84 -22.78 -22.88
C TYR B 57 -19.67 -21.82 -23.06
N THR B 58 -19.23 -21.23 -21.96
CA THR B 58 -18.02 -20.43 -21.92
C THR B 58 -17.24 -20.78 -20.66
N TYR B 59 -15.91 -20.81 -20.78
CA TYR B 59 -15.02 -21.06 -19.66
C TYR B 59 -13.88 -20.05 -19.70
N TYR B 60 -13.44 -19.62 -18.52
CA TYR B 60 -12.39 -18.61 -18.40
C TYR B 60 -11.30 -19.11 -17.47
N ALA B 61 -10.06 -18.72 -17.77
CA ALA B 61 -8.95 -18.99 -16.87
C ALA B 61 -9.12 -18.19 -15.57
N ASP B 62 -8.55 -18.72 -14.49
CA ASP B 62 -8.72 -18.10 -13.18
C ASP B 62 -8.20 -16.67 -13.16
N SER B 63 -7.14 -16.39 -13.92
CA SER B 63 -6.53 -15.06 -13.90
C SER B 63 -7.45 -13.99 -14.44
N VAL B 64 -8.41 -14.34 -15.29
CA VAL B 64 -9.27 -13.36 -15.94
C VAL B 64 -10.73 -13.49 -15.54
N LYS B 65 -11.10 -14.52 -14.79
CA LYS B 65 -12.51 -14.74 -14.46
C LYS B 65 -13.07 -13.56 -13.66
N GLY B 66 -14.33 -13.23 -13.94
CA GLY B 66 -15.00 -12.15 -13.26
C GLY B 66 -14.83 -10.78 -13.90
N ARG B 67 -13.87 -10.62 -14.81
CA ARG B 67 -13.65 -9.34 -15.48
C ARG B 67 -13.53 -9.44 -16.99
N PHE B 68 -13.33 -10.61 -17.56
CA PHE B 68 -13.36 -10.81 -19.00
C PHE B 68 -14.65 -11.52 -19.39
N THR B 69 -15.18 -11.19 -20.56
CA THR B 69 -16.38 -11.82 -21.07
C THR B 69 -16.20 -12.12 -22.56
N ILE B 70 -16.49 -13.36 -22.94
CA ILE B 70 -16.29 -13.84 -24.30
C ILE B 70 -17.65 -14.06 -24.95
N SER B 71 -17.78 -13.64 -26.20
CA SER B 71 -19.02 -13.81 -26.94
C SER B 71 -18.71 -13.98 -28.42
N ARG B 72 -19.70 -14.49 -29.15
CA ARG B 72 -19.58 -14.64 -30.60
C ARG B 72 -20.87 -14.17 -31.25
N ASP B 73 -20.75 -13.71 -32.50
CA ASP B 73 -21.87 -13.22 -33.28
C ASP B 73 -21.93 -14.04 -34.57
N SER B 74 -22.93 -14.91 -34.67
CA SER B 74 -23.03 -15.80 -35.83
C SER B 74 -23.19 -15.01 -37.13
N SER B 75 -24.04 -13.99 -37.12
CA SER B 75 -24.32 -13.25 -38.35
C SER B 75 -23.11 -12.47 -38.84
N LYS B 76 -22.22 -12.07 -37.95
CA LYS B 76 -21.04 -11.31 -38.33
C LYS B 76 -19.77 -12.16 -38.42
N ASN B 77 -19.88 -13.47 -38.17
CA ASN B 77 -18.74 -14.38 -38.20
C ASN B 77 -17.56 -13.80 -37.43
N SER B 78 -17.86 -13.32 -36.21
CA SER B 78 -16.88 -12.61 -35.42
C SER B 78 -16.90 -13.12 -33.99
N LEU B 79 -15.74 -13.04 -33.35
CA LEU B 79 -15.54 -13.42 -31.96
C LEU B 79 -15.06 -12.21 -31.18
N TYR B 80 -15.53 -12.08 -29.94
CA TYR B 80 -15.27 -10.89 -29.14
C TYR B 80 -14.71 -11.28 -27.77
N LEU B 81 -13.95 -10.34 -27.19
CA LEU B 81 -13.48 -10.49 -25.81
C LEU B 81 -13.55 -9.11 -25.15
N GLN B 82 -14.56 -8.94 -24.29
CA GLN B 82 -14.69 -7.72 -23.51
C GLN B 82 -13.85 -7.83 -22.26
N MET B 83 -12.84 -6.97 -22.13
CA MET B 83 -11.97 -6.95 -20.96
C MET B 83 -12.28 -5.75 -20.08
N ASN B 84 -12.50 -6.01 -18.81
CA ASN B 84 -12.75 -4.98 -17.82
C ASN B 84 -11.74 -5.10 -16.69
N SER B 85 -11.59 -4.01 -15.94
CA SER B 85 -10.72 -3.99 -14.76
C SER B 85 -9.30 -4.46 -15.11
N LEU B 86 -8.79 -3.97 -16.23
CA LEU B 86 -7.51 -4.44 -16.73
C LEU B 86 -6.38 -4.06 -15.77
N ARG B 87 -5.29 -4.83 -15.86
CA ARG B 87 -4.16 -4.60 -14.98
C ARG B 87 -2.90 -5.11 -15.67
N THR B 88 -1.75 -4.53 -15.29
CA THR B 88 -0.53 -4.54 -16.09
C THR B 88 -0.16 -5.97 -16.50
N GLU B 89 -0.52 -6.95 -15.68
CA GLU B 89 -0.18 -8.36 -15.93
C GLU B 89 -0.92 -8.84 -17.17
N ASP B 90 -2.04 -8.20 -17.48
CA ASP B 90 -2.79 -8.51 -18.66
C ASP B 90 -2.10 -8.08 -19.94
N THR B 91 -1.02 -7.30 -19.84
CA THR B 91 -0.30 -6.86 -21.03
C THR B 91 0.25 -8.06 -21.78
N ALA B 92 -0.31 -8.35 -22.95
CA ALA B 92 0.14 -9.46 -23.75
C ALA B 92 -0.38 -9.29 -25.18
N LEU B 93 0.17 -10.08 -26.09
CA LEU B 93 -0.39 -10.24 -27.41
C LEU B 93 -1.49 -11.29 -27.35
N TYR B 94 -2.68 -10.95 -27.85
CA TYR B 94 -3.85 -11.80 -27.72
C TYR B 94 -4.16 -12.44 -29.07
N TYR B 95 -4.11 -13.77 -29.11
CA TYR B 95 -4.39 -14.53 -30.31
C TYR B 95 -5.83 -15.02 -30.32
N CYS B 96 -6.40 -15.08 -31.52
CA CYS B 96 -7.69 -15.70 -31.77
C CYS B 96 -7.41 -17.09 -32.33
N ALA B 97 -7.95 -18.12 -31.69
CA ALA B 97 -7.62 -19.50 -32.03
C ALA B 97 -8.88 -20.29 -32.35
N LYS B 98 -8.77 -21.20 -33.32
CA LYS B 98 -9.88 -22.01 -33.78
C LYS B 98 -9.66 -23.46 -33.39
N ALA B 99 -10.68 -24.08 -32.80
CA ALA B 99 -10.67 -25.52 -32.57
C ALA B 99 -10.81 -26.25 -33.90
N GLN B 100 -9.98 -27.28 -34.12
CA GLN B 100 -10.03 -27.95 -35.41
C GLN B 100 -11.25 -28.85 -35.55
N THR B 101 -11.72 -29.42 -34.46
CA THR B 101 -12.80 -30.38 -34.64
C THR B 101 -14.15 -29.67 -34.60
N PRO B 102 -15.00 -29.88 -35.60
CA PRO B 102 -16.32 -29.24 -35.61
C PRO B 102 -17.26 -29.89 -34.61
N THR B 103 -17.27 -29.38 -33.37
CA THR B 103 -18.05 -29.99 -32.31
C THR B 103 -18.72 -28.88 -31.49
N LEU B 104 -19.81 -29.25 -30.81
CA LEU B 104 -20.42 -28.40 -29.80
C LEU B 104 -19.82 -28.62 -28.42
N TRP B 105 -18.76 -29.41 -28.33
CA TRP B 105 -18.01 -29.67 -27.12
C TRP B 105 -16.68 -28.93 -27.20
N TRP B 106 -15.98 -28.83 -26.06
CA TRP B 106 -14.83 -27.95 -25.97
C TRP B 106 -13.52 -28.63 -25.60
N LEU B 107 -13.55 -29.85 -25.09
CA LEU B 107 -12.35 -30.50 -24.59
C LEU B 107 -11.74 -31.44 -25.63
N GLN B 108 -10.52 -31.89 -25.32
CA GLN B 108 -9.81 -32.94 -26.06
C GLN B 108 -9.49 -32.53 -27.50
N ASP B 109 -9.47 -31.24 -27.79
CA ASP B 109 -9.23 -30.73 -29.14
C ASP B 109 -7.89 -30.01 -29.21
N ALA B 110 -7.55 -29.56 -30.41
CA ALA B 110 -6.35 -28.77 -30.65
C ALA B 110 -6.75 -27.43 -31.24
N PHE B 111 -5.74 -26.59 -31.49
CA PHE B 111 -5.92 -25.28 -32.11
C PHE B 111 -5.20 -25.30 -33.45
N ASP B 112 -5.94 -25.45 -34.55
CA ASP B 112 -5.32 -25.65 -35.84
C ASP B 112 -5.01 -24.34 -36.58
N ILE B 113 -5.81 -23.31 -36.39
CA ILE B 113 -5.58 -22.02 -37.04
C ILE B 113 -5.51 -20.94 -35.97
N TRP B 114 -4.45 -20.13 -36.03
CA TRP B 114 -4.25 -19.00 -35.13
C TRP B 114 -4.18 -17.72 -35.93
N GLY B 115 -4.85 -16.68 -35.44
CA GLY B 115 -4.62 -15.35 -35.97
C GLY B 115 -3.30 -14.78 -35.50
N GLN B 116 -2.91 -13.65 -36.10
CA GLN B 116 -1.56 -13.14 -35.93
C GLN B 116 -1.38 -12.26 -34.70
N GLY B 117 -2.46 -11.78 -34.08
CA GLY B 117 -2.31 -11.07 -32.82
C GLY B 117 -2.75 -9.62 -32.83
N THR B 118 -3.37 -9.18 -31.73
CA THR B 118 -3.60 -7.78 -31.46
C THR B 118 -2.99 -7.45 -30.10
N MET B 119 -2.22 -6.38 -30.03
CA MET B 119 -1.42 -6.10 -28.85
C MET B 119 -2.22 -5.28 -27.84
N VAL B 120 -2.25 -5.75 -26.60
CA VAL B 120 -2.88 -5.05 -25.49
C VAL B 120 -1.78 -4.67 -24.52
N THR B 121 -1.66 -3.38 -24.22
CA THR B 121 -0.63 -2.87 -23.33
C THR B 121 -1.29 -2.06 -22.23
N VAL B 122 -1.29 -2.59 -21.01
CA VAL B 122 -1.93 -1.96 -19.86
C VAL B 122 -0.84 -1.24 -19.07
N SER B 123 -0.84 0.09 -19.14
CA SER B 123 0.12 0.91 -18.44
C SER B 123 -0.50 2.26 -18.16
N SER B 124 -0.06 2.90 -17.09
CA SER B 124 -0.51 4.24 -16.75
C SER B 124 0.43 5.32 -17.29
N ALA B 125 1.51 4.94 -17.95
CA ALA B 125 2.45 5.92 -18.50
C ALA B 125 1.84 6.66 -19.69
N SER B 126 2.22 7.92 -19.83
CA SER B 126 1.79 8.74 -20.94
C SER B 126 2.78 8.59 -22.10
N THR B 127 2.28 8.81 -23.32
CA THR B 127 3.13 8.73 -24.50
C THR B 127 4.30 9.70 -24.38
N LYS B 128 5.51 9.21 -24.62
CA LYS B 128 6.70 10.01 -24.46
C LYS B 128 7.74 9.60 -25.50
N GLY B 129 8.36 10.59 -26.11
CA GLY B 129 9.42 10.35 -27.06
C GLY B 129 10.72 9.98 -26.37
N PRO B 130 11.57 9.25 -27.07
CA PRO B 130 12.83 8.80 -26.47
C PRO B 130 13.87 9.91 -26.45
N SER B 131 14.80 9.77 -25.51
CA SER B 131 16.05 10.52 -25.51
C SER B 131 17.14 9.60 -26.03
N VAL B 132 17.89 10.07 -27.03
CA VAL B 132 18.91 9.27 -27.69
C VAL B 132 20.27 9.81 -27.26
N PHE B 133 21.09 8.94 -26.65
CA PHE B 133 22.39 9.28 -26.12
C PHE B 133 23.48 8.48 -26.81
N PRO B 134 24.63 9.08 -27.08
CA PRO B 134 25.69 8.36 -27.80
C PRO B 134 26.46 7.39 -26.92
N LEU B 135 26.74 6.21 -27.47
CA LEU B 135 27.66 5.26 -26.87
C LEU B 135 28.98 5.37 -27.63
N ALA B 136 29.79 6.34 -27.22
CA ALA B 136 31.00 6.65 -27.96
C ALA B 136 32.01 5.51 -27.86
N PRO B 137 32.70 5.18 -28.94
CA PRO B 137 33.72 4.14 -28.88
C PRO B 137 34.96 4.62 -28.15
N SER B 138 35.69 3.67 -27.58
CA SER B 138 36.91 3.93 -26.82
C SER B 138 38.11 3.39 -27.57
N SER B 139 39.28 3.50 -26.93
CA SER B 139 40.53 3.01 -27.51
C SER B 139 40.72 1.53 -27.23
N GLY B 144 41.77 -2.35 -30.67
CA GLY B 144 42.40 -3.63 -30.93
C GLY B 144 41.76 -4.39 -32.08
N GLY B 145 41.85 -3.82 -33.28
CA GLY B 145 41.24 -4.41 -34.46
C GLY B 145 39.86 -3.88 -34.80
N THR B 146 38.88 -4.10 -33.93
CA THR B 146 37.53 -3.61 -34.12
C THR B 146 37.12 -2.75 -32.93
N ALA B 147 36.17 -1.85 -33.18
CA ALA B 147 35.62 -0.97 -32.15
C ALA B 147 34.11 -1.10 -32.14
N ALA B 148 33.52 -0.83 -30.97
CA ALA B 148 32.08 -0.90 -30.79
C ALA B 148 31.53 0.47 -30.41
N LEU B 149 30.42 0.84 -31.03
CA LEU B 149 29.73 2.08 -30.71
C LEU B 149 28.24 1.89 -30.93
N GLY B 150 27.46 2.88 -30.52
CA GLY B 150 26.03 2.80 -30.68
C GLY B 150 25.34 3.98 -30.02
N CYS B 151 24.01 3.91 -29.98
CA CYS B 151 23.22 4.89 -29.28
C CYS B 151 22.24 4.18 -28.34
N LEU B 152 21.89 4.86 -27.27
CA LEU B 152 20.96 4.35 -26.26
C LEU B 152 19.64 5.09 -26.39
N VAL B 153 18.56 4.34 -26.61
CA VAL B 153 17.23 4.90 -26.83
C VAL B 153 16.46 4.72 -25.53
N LYS B 154 16.39 5.78 -24.72
CA LYS B 154 15.93 5.67 -23.34
C LYS B 154 14.66 6.47 -23.10
N ASP B 155 13.81 5.92 -22.21
CA ASP B 155 12.65 6.61 -21.66
C ASP B 155 11.64 7.00 -22.75
N TYR B 156 11.07 5.98 -23.39
CA TYR B 156 10.00 6.19 -24.36
C TYR B 156 8.84 5.25 -24.04
N PHE B 157 7.64 5.66 -24.47
CA PHE B 157 6.45 4.85 -24.32
C PHE B 157 5.43 5.29 -25.36
N PRO B 158 4.72 4.36 -26.01
CA PRO B 158 4.86 2.90 -25.89
C PRO B 158 5.81 2.29 -26.92
N GLU B 159 5.84 0.97 -26.98
CA GLU B 159 6.53 0.29 -28.06
C GLU B 159 5.89 0.69 -29.40
N PRO B 160 6.64 0.61 -30.50
CA PRO B 160 8.05 0.27 -30.66
C PRO B 160 8.94 1.43 -31.12
N VAL B 161 10.24 1.14 -31.23
CA VAL B 161 11.21 2.06 -31.80
C VAL B 161 12.00 1.34 -32.88
N THR B 162 12.19 2.01 -34.01
CA THR B 162 13.04 1.52 -35.08
C THR B 162 14.36 2.29 -35.07
N VAL B 163 15.47 1.58 -35.20
CA VAL B 163 16.79 2.18 -35.28
C VAL B 163 17.47 1.70 -36.54
N SER B 164 18.08 2.63 -37.28
CA SER B 164 18.92 2.34 -38.42
C SER B 164 20.23 3.08 -38.27
N TRP B 165 21.20 2.76 -39.13
CA TRP B 165 22.50 3.40 -39.10
C TRP B 165 22.83 3.93 -40.49
N ASN B 166 23.13 5.23 -40.56
CA ASN B 166 23.48 5.90 -41.82
C ASN B 166 22.38 5.75 -42.86
N SER B 167 21.13 5.93 -42.41
CA SER B 167 19.96 5.95 -43.31
C SER B 167 19.82 4.62 -44.06
N GLY B 168 20.17 3.52 -43.40
CA GLY B 168 20.09 2.20 -43.98
C GLY B 168 21.35 1.72 -44.68
N ALA B 169 22.37 2.57 -44.82
CA ALA B 169 23.57 2.19 -45.55
C ALA B 169 24.50 1.28 -44.76
N LEU B 170 24.40 1.25 -43.44
CA LEU B 170 25.26 0.44 -42.59
C LEU B 170 24.43 -0.67 -41.96
N THR B 171 24.68 -1.90 -42.38
CA THR B 171 23.85 -3.02 -41.93
C THR B 171 24.64 -4.16 -41.32
N SER B 172 25.82 -4.46 -41.85
CA SER B 172 26.60 -5.59 -41.33
C SER B 172 27.23 -5.22 -39.99
N GLY B 173 27.06 -6.10 -39.01
CA GLY B 173 27.54 -5.85 -37.67
C GLY B 173 26.62 -5.06 -36.77
N VAL B 174 25.42 -4.71 -37.24
CA VAL B 174 24.46 -3.98 -36.43
C VAL B 174 23.74 -4.96 -35.52
N HIS B 175 23.54 -4.56 -34.26
CA HIS B 175 22.77 -5.36 -33.30
C HIS B 175 21.87 -4.42 -32.53
N THR B 176 20.58 -4.40 -32.88
CA THR B 176 19.58 -3.63 -32.15
C THR B 176 18.85 -4.57 -31.20
N PHE B 177 18.98 -4.32 -29.91
CA PHE B 177 18.50 -5.22 -28.86
C PHE B 177 17.04 -4.99 -28.56
N PRO B 178 16.35 -6.03 -28.08
CA PRO B 178 14.98 -5.85 -27.59
C PRO B 178 14.94 -4.84 -26.46
N ALA B 179 13.87 -4.05 -26.43
CA ALA B 179 13.72 -3.08 -25.35
C ALA B 179 13.40 -3.77 -24.04
N VAL B 180 13.78 -3.13 -22.95
CA VAL B 180 13.45 -3.59 -21.60
C VAL B 180 12.49 -2.59 -20.99
N LEU B 181 11.61 -3.09 -20.14
CA LEU B 181 10.64 -2.24 -19.46
C LEU B 181 11.19 -1.88 -18.09
N GLN B 182 11.55 -0.60 -17.92
CA GLN B 182 12.13 -0.14 -16.68
C GLN B 182 11.06 -0.01 -15.59
N SER B 183 11.53 0.18 -14.36
CA SER B 183 10.62 0.38 -13.24
C SER B 183 9.74 1.61 -13.43
N SER B 184 10.24 2.61 -14.17
CA SER B 184 9.49 3.82 -14.44
C SER B 184 8.33 3.60 -15.40
N GLY B 185 8.21 2.42 -16.00
CA GLY B 185 7.18 2.18 -17.00
C GLY B 185 7.54 2.65 -18.39
N LEU B 186 8.73 3.21 -18.58
CA LEU B 186 9.22 3.60 -19.90
C LEU B 186 10.26 2.60 -20.38
N TYR B 187 10.33 2.43 -21.70
CA TYR B 187 11.21 1.44 -22.28
C TYR B 187 12.57 2.03 -22.62
N SER B 188 13.58 1.17 -22.62
CA SER B 188 14.92 1.52 -23.08
C SER B 188 15.48 0.38 -23.90
N LEU B 189 16.03 0.71 -25.06
CA LEU B 189 16.78 -0.27 -25.84
C LEU B 189 18.05 0.41 -26.35
N SER B 190 19.05 -0.41 -26.63
CA SER B 190 20.29 0.04 -27.23
C SER B 190 20.43 -0.55 -28.62
N SER B 191 21.18 0.15 -29.46
CA SER B 191 21.55 -0.33 -30.79
C SER B 191 23.04 -0.10 -30.97
N VAL B 192 23.77 -1.16 -31.32
CA VAL B 192 25.22 -1.09 -31.43
C VAL B 192 25.63 -1.62 -32.81
N VAL B 193 26.82 -1.21 -33.23
CA VAL B 193 27.44 -1.74 -34.44
C VAL B 193 28.94 -1.88 -34.19
N THR B 194 29.54 -2.88 -34.81
CA THR B 194 30.98 -3.09 -34.78
C THR B 194 31.58 -2.56 -36.08
N VAL B 195 32.51 -1.63 -35.95
CA VAL B 195 33.13 -0.98 -37.11
C VAL B 195 34.64 -1.14 -37.00
N PRO B 196 35.35 -1.07 -38.13
CA PRO B 196 36.81 -1.19 -38.07
C PRO B 196 37.42 -0.09 -37.21
N SER B 197 38.44 -0.46 -36.44
CA SER B 197 39.10 0.49 -35.55
C SER B 197 39.80 1.60 -36.33
N SER B 198 40.09 1.39 -37.61
CA SER B 198 40.81 2.36 -38.41
C SER B 198 39.90 3.43 -39.02
N SER B 199 38.58 3.22 -39.02
CA SER B 199 37.67 4.11 -39.72
C SER B 199 37.17 5.27 -38.85
N LEU B 200 37.44 5.26 -37.54
CA LEU B 200 36.95 6.31 -36.68
C LEU B 200 37.55 7.66 -37.06
N GLY B 201 36.80 8.72 -36.78
CA GLY B 201 37.24 10.06 -37.10
C GLY B 201 36.91 10.47 -38.53
N THR B 202 37.47 9.75 -39.50
CA THR B 202 37.20 10.05 -40.90
C THR B 202 35.81 9.62 -41.32
N GLN B 203 35.37 8.44 -40.87
CA GLN B 203 34.05 7.91 -41.20
C GLN B 203 33.05 8.28 -40.11
N THR B 204 31.91 8.82 -40.53
CA THR B 204 30.88 9.27 -39.60
C THR B 204 29.77 8.23 -39.51
N TYR B 205 29.29 8.00 -38.29
CA TYR B 205 28.21 7.07 -38.03
C TYR B 205 27.05 7.80 -37.37
N ILE B 206 25.90 7.82 -38.05
CA ILE B 206 24.67 8.40 -37.52
C ILE B 206 23.67 7.27 -37.30
N CYS B 207 22.99 7.29 -36.16
CA CYS B 207 21.92 6.34 -35.87
C CYS B 207 20.58 7.05 -35.93
N ASN B 208 19.63 6.43 -36.64
CA ASN B 208 18.38 7.05 -37.02
C ASN B 208 17.32 6.42 -36.14
N VAL B 209 16.76 7.18 -35.19
CA VAL B 209 15.78 6.62 -34.26
C VAL B 209 14.41 7.17 -34.61
N ASN B 210 13.44 6.27 -34.76
CA ASN B 210 12.06 6.64 -35.03
C ASN B 210 11.15 6.05 -33.96
N HIS B 211 10.30 6.88 -33.38
CA HIS B 211 9.29 6.45 -32.41
C HIS B 211 7.95 7.04 -32.87
N LYS B 212 7.26 6.28 -33.72
CA LYS B 212 6.01 6.76 -34.31
C LYS B 212 4.92 7.14 -33.31
N PRO B 213 4.72 6.43 -32.18
CA PRO B 213 3.66 6.87 -31.25
C PRO B 213 3.79 8.30 -30.77
N SER B 214 4.97 8.72 -30.31
CA SER B 214 5.22 10.14 -30.06
C SER B 214 5.53 10.89 -31.33
N ASN B 215 5.66 10.18 -32.43
CA ASN B 215 5.95 10.66 -33.76
C ASN B 215 7.30 11.40 -33.71
N THR B 216 8.34 10.72 -33.23
CA THR B 216 9.61 11.40 -32.93
C THR B 216 10.72 10.79 -33.78
N LYS B 217 11.51 11.65 -34.42
CA LYS B 217 12.61 11.23 -35.27
C LYS B 217 13.90 11.90 -34.81
N VAL B 218 14.89 11.09 -34.42
CA VAL B 218 16.18 11.58 -33.96
C VAL B 218 17.28 10.96 -34.80
N ASP B 219 18.15 11.80 -35.36
CA ASP B 219 19.39 11.37 -35.98
C ASP B 219 20.53 11.81 -35.08
N LYS B 220 21.25 10.86 -34.51
CA LYS B 220 22.31 11.14 -33.54
C LYS B 220 23.65 10.66 -34.10
N ARG B 221 24.65 11.53 -34.04
CA ARG B 221 25.99 11.18 -34.49
C ARG B 221 26.82 10.74 -33.29
N VAL B 222 27.42 9.56 -33.40
CA VAL B 222 28.24 8.99 -32.34
C VAL B 222 29.69 9.21 -32.73
N GLU B 223 30.27 10.21 -32.07
CA GLU B 223 31.64 10.60 -32.40
C GLU B 223 32.60 10.06 -31.32
N PRO B 224 33.88 9.75 -31.60
CA PRO B 224 34.81 9.31 -30.55
C PRO B 224 34.92 10.37 -29.46
N LYS B 225 35.19 9.92 -28.24
CA LYS B 225 35.24 10.83 -27.10
C LYS B 225 36.39 11.81 -27.27
N SER B 226 36.15 13.04 -26.82
CA SER B 226 37.15 14.10 -26.98
C SER B 226 38.43 13.79 -26.20
N CYS B 227 38.28 13.30 -24.96
CA CYS B 227 39.39 12.99 -24.06
C CYS B 227 40.55 13.98 -24.14
N ASP C 1 -4.92 -26.50 -11.68
CA ASP C 1 -4.50 -26.61 -13.07
C ASP C 1 -3.43 -27.67 -13.27
N ILE C 2 -3.49 -28.36 -14.40
CA ILE C 2 -2.50 -29.38 -14.74
C ILE C 2 -1.22 -28.67 -15.18
N GLN C 3 -0.10 -29.06 -14.59
CA GLN C 3 1.18 -28.39 -14.85
C GLN C 3 1.93 -29.10 -15.96
N MET C 4 2.18 -28.39 -17.04
CA MET C 4 2.91 -28.91 -18.20
C MET C 4 4.37 -28.47 -18.09
N THR C 5 5.28 -29.45 -18.06
CA THR C 5 6.71 -29.18 -18.09
C THR C 5 7.31 -29.74 -19.37
N GLN C 6 8.40 -29.13 -19.82
CA GLN C 6 9.08 -29.53 -21.03
C GLN C 6 10.59 -29.62 -20.77
N SER C 7 11.21 -30.68 -21.28
CA SER C 7 12.63 -30.91 -21.09
C SER C 7 13.25 -31.32 -22.42
N PRO C 8 14.36 -30.70 -22.85
CA PRO C 8 15.06 -29.61 -22.15
C PRO C 8 14.47 -28.23 -22.47
N SER C 9 14.87 -27.21 -21.69
CA SER C 9 14.42 -25.86 -21.99
C SER C 9 15.07 -25.31 -23.25
N SER C 10 16.32 -25.68 -23.51
CA SER C 10 17.04 -25.26 -24.69
C SER C 10 17.74 -26.47 -25.30
N LEU C 11 17.94 -26.42 -26.62
CA LEU C 11 18.55 -27.53 -27.34
C LEU C 11 19.30 -26.98 -28.54
N SER C 12 20.53 -27.43 -28.73
CA SER C 12 21.35 -27.05 -29.88
C SER C 12 21.59 -28.28 -30.74
N ALA C 13 21.26 -28.18 -32.02
CA ALA C 13 21.42 -29.28 -32.96
C ALA C 13 21.82 -28.71 -34.32
N SER C 14 22.09 -29.61 -35.26
CA SER C 14 22.46 -29.26 -36.62
C SER C 14 21.46 -29.86 -37.59
N VAL C 15 21.53 -29.41 -38.85
CA VAL C 15 20.66 -29.94 -39.88
C VAL C 15 20.96 -31.42 -40.08
N GLY C 16 19.90 -32.22 -40.23
CA GLY C 16 20.03 -33.65 -40.37
C GLY C 16 20.05 -34.42 -39.08
N ASP C 17 20.23 -33.74 -37.94
CA ASP C 17 20.22 -34.41 -36.65
C ASP C 17 18.83 -34.94 -36.35
N ARG C 18 18.78 -35.89 -35.42
CA ARG C 18 17.54 -36.34 -34.82
C ARG C 18 17.33 -35.58 -33.51
N VAL C 19 16.15 -35.01 -33.33
CA VAL C 19 15.82 -34.19 -32.18
C VAL C 19 14.64 -34.82 -31.45
N THR C 20 14.70 -34.83 -30.12
CA THR C 20 13.67 -35.44 -29.29
C THR C 20 13.41 -34.52 -28.10
N ILE C 21 12.16 -34.11 -27.94
CA ILE C 21 11.77 -33.15 -26.91
C ILE C 21 10.72 -33.78 -26.01
N THR C 22 10.89 -33.62 -24.70
CA THR C 22 10.02 -34.22 -23.70
C THR C 22 9.02 -33.21 -23.18
N CYS C 23 7.77 -33.64 -23.01
CA CYS C 23 6.73 -32.86 -22.36
C CYS C 23 6.04 -33.76 -21.35
N ARG C 24 5.82 -33.27 -20.14
CA ARG C 24 5.24 -34.10 -19.11
C ARG C 24 4.18 -33.35 -18.31
N ALA C 25 3.10 -34.04 -17.99
CA ALA C 25 1.98 -33.49 -17.23
C ALA C 25 1.99 -33.99 -15.80
N SER C 26 1.51 -33.15 -14.88
CA SER C 26 1.37 -33.51 -13.48
C SER C 26 0.20 -34.44 -13.21
N GLN C 27 -0.49 -34.88 -14.25
CA GLN C 27 -1.72 -35.67 -14.14
C GLN C 27 -1.89 -36.41 -15.45
N SER C 28 -2.68 -37.49 -15.42
CA SER C 28 -2.97 -38.23 -16.66
C SER C 28 -3.85 -37.37 -17.55
N ILE C 29 -3.38 -37.09 -18.76
CA ILE C 29 -4.13 -36.28 -19.74
C ILE C 29 -4.39 -37.22 -20.89
N SER C 30 -4.38 -38.52 -20.61
CA SER C 30 -4.58 -39.56 -21.65
C SER C 30 -3.72 -39.28 -22.86
N ASN C 31 -4.36 -39.04 -23.99
CA ASN C 31 -3.63 -38.80 -25.25
C ASN C 31 -3.87 -37.38 -25.70
N TYR C 32 -4.41 -36.50 -24.86
CA TYR C 32 -4.77 -35.19 -25.37
C TYR C 32 -3.66 -34.17 -25.08
N LEU C 33 -2.55 -34.37 -25.77
CA LEU C 33 -1.46 -33.41 -25.83
C LEU C 33 -1.27 -32.97 -27.27
N ASN C 34 -1.20 -31.66 -27.47
CA ASN C 34 -0.91 -31.07 -28.77
C ASN C 34 0.48 -30.46 -28.76
N TRP C 35 1.11 -30.46 -29.93
CA TRP C 35 2.43 -29.86 -30.11
C TRP C 35 2.32 -28.71 -31.10
N TYR C 36 2.84 -27.54 -30.72
CA TYR C 36 2.83 -26.35 -31.56
C TYR C 36 4.24 -25.87 -31.80
N GLN C 37 4.43 -25.20 -32.94
CA GLN C 37 5.71 -24.60 -33.31
C GLN C 37 5.52 -23.10 -33.47
N GLN C 38 6.47 -22.33 -32.94
CA GLN C 38 6.42 -20.88 -33.03
C GLN C 38 7.78 -20.33 -33.38
N LYS C 39 7.89 -19.70 -34.54
CA LYS C 39 9.06 -18.93 -34.90
C LYS C 39 8.95 -17.51 -34.35
N PRO C 40 10.08 -16.85 -34.08
CA PRO C 40 10.02 -15.51 -33.47
C PRO C 40 9.19 -14.55 -34.29
N GLY C 41 8.31 -13.81 -33.61
CA GLY C 41 7.51 -12.78 -34.22
C GLY C 41 6.29 -13.25 -34.99
N LYS C 42 5.99 -14.55 -34.97
CA LYS C 42 4.85 -15.08 -35.71
C LYS C 42 4.02 -15.99 -34.81
N ALA C 43 2.78 -16.23 -35.25
CA ALA C 43 1.83 -16.97 -34.45
C ALA C 43 2.20 -18.46 -34.37
N PRO C 44 1.74 -19.15 -33.33
CA PRO C 44 1.96 -20.60 -33.26
C PRO C 44 1.27 -21.33 -34.41
N LYS C 45 1.92 -22.36 -34.91
CA LYS C 45 1.32 -23.30 -35.87
C LYS C 45 1.23 -24.67 -35.22
N LEU C 46 0.12 -25.36 -35.46
CA LEU C 46 -0.10 -26.68 -34.89
C LEU C 46 0.64 -27.75 -35.69
N LEU C 47 1.33 -28.65 -34.99
CA LEU C 47 2.09 -29.73 -35.61
C LEU C 47 1.46 -31.10 -35.33
N ILE C 48 1.27 -31.46 -34.07
CA ILE C 48 0.73 -32.80 -33.67
C ILE C 48 -0.58 -32.58 -32.94
N TYR C 49 -1.60 -33.41 -33.18
CA TYR C 49 -2.93 -33.11 -32.60
C TYR C 49 -3.45 -34.02 -31.51
N VAL C 50 -3.21 -35.32 -31.53
CA VAL C 50 -3.68 -36.10 -30.34
C VAL C 50 -2.53 -36.99 -29.94
N ALA C 51 -1.43 -36.37 -29.55
CA ALA C 51 -0.21 -37.08 -29.10
C ALA C 51 0.53 -37.75 -30.24
N SER C 52 -0.15 -38.16 -31.30
CA SER C 52 0.52 -38.96 -32.35
C SER C 52 0.08 -38.53 -33.73
N SER C 53 -1.05 -37.83 -33.81
CA SER C 53 -1.61 -37.52 -35.12
C SER C 53 -0.94 -36.31 -35.74
N LEU C 54 -0.54 -36.42 -37.00
CA LEU C 54 0.18 -35.33 -37.69
C LEU C 54 -0.82 -34.48 -38.45
N GLN C 55 -0.73 -33.17 -38.26
CA GLN C 55 -1.62 -32.21 -38.88
C GLN C 55 -1.31 -32.11 -40.37
N SER C 56 -2.36 -31.93 -41.18
CA SER C 56 -2.20 -31.86 -42.62
C SER C 56 -1.27 -30.71 -43.00
N GLY C 57 -0.29 -31.00 -43.86
CA GLY C 57 0.70 -30.05 -44.28
C GLY C 57 2.00 -30.10 -43.52
N VAL C 58 1.98 -30.66 -42.32
CA VAL C 58 3.23 -30.77 -41.53
C VAL C 58 4.13 -31.81 -42.17
N PRO C 59 5.41 -31.52 -42.37
CA PRO C 59 6.31 -32.50 -43.00
C PRO C 59 6.37 -33.81 -42.21
N SER C 60 6.64 -34.88 -42.95
CA SER C 60 6.58 -36.23 -42.39
C SER C 60 7.55 -36.44 -41.23
N ARG C 61 8.63 -35.66 -41.17
CA ARG C 61 9.66 -35.89 -40.15
C ARG C 61 9.16 -35.70 -38.73
N PHE C 62 8.10 -34.92 -38.53
CA PHE C 62 7.58 -34.71 -37.19
C PHE C 62 6.73 -35.89 -36.75
N SER C 63 6.83 -36.24 -35.47
CA SER C 63 6.05 -37.33 -34.91
C SER C 63 6.04 -37.21 -33.40
N GLY C 64 4.92 -37.63 -32.80
CA GLY C 64 4.80 -37.63 -31.36
C GLY C 64 4.28 -38.97 -30.87
N SER C 65 4.55 -39.24 -29.59
CA SER C 65 4.09 -40.48 -28.97
C SER C 65 3.97 -40.26 -27.48
N GLY C 66 3.26 -41.19 -26.83
CA GLY C 66 3.09 -41.12 -25.39
C GLY C 66 1.65 -41.09 -24.95
N SER C 67 1.40 -41.52 -23.71
CA SER C 67 0.08 -41.45 -23.10
C SER C 67 0.25 -41.27 -21.61
N GLY C 68 -0.81 -40.82 -20.96
CA GLY C 68 -0.76 -40.63 -19.52
C GLY C 68 -0.13 -39.32 -19.13
N THR C 69 1.14 -39.38 -18.70
CA THR C 69 1.88 -38.19 -18.30
C THR C 69 3.14 -37.93 -19.10
N ASP C 70 3.68 -38.92 -19.79
CA ASP C 70 4.95 -38.78 -20.51
C ASP C 70 4.70 -38.69 -22.01
N PHE C 71 5.26 -37.66 -22.64
CA PHE C 71 5.06 -37.41 -24.06
C PHE C 71 6.37 -36.98 -24.69
N THR C 72 6.49 -37.23 -25.99
CA THR C 72 7.71 -36.89 -26.71
C THR C 72 7.37 -36.39 -28.11
N LEU C 73 8.12 -35.40 -28.58
CA LEU C 73 8.04 -34.91 -29.94
C LEU C 73 9.37 -35.16 -30.63
N THR C 74 9.34 -35.80 -31.80
CA THR C 74 10.54 -36.28 -32.46
C THR C 74 10.62 -35.72 -33.88
N ILE C 75 11.78 -35.19 -34.24
CA ILE C 75 12.08 -34.79 -35.61
C ILE C 75 13.20 -35.69 -36.11
N SER C 76 12.91 -36.49 -37.14
CA SER C 76 13.85 -37.51 -37.58
C SER C 76 15.07 -36.90 -38.27
N SER C 77 14.85 -35.93 -39.16
CA SER C 77 15.94 -35.27 -39.87
C SER C 77 15.68 -33.76 -39.80
N LEU C 78 16.50 -33.06 -39.04
CA LEU C 78 16.28 -31.64 -38.79
C LEU C 78 16.51 -30.84 -40.06
N GLN C 79 15.73 -29.78 -40.23
CA GLN C 79 15.73 -28.96 -41.42
C GLN C 79 15.88 -27.50 -41.02
N PRO C 80 16.40 -26.65 -41.92
CA PRO C 80 16.61 -25.24 -41.56
C PRO C 80 15.35 -24.53 -41.13
N GLU C 81 14.19 -24.88 -41.69
CA GLU C 81 12.93 -24.26 -41.31
C GLU C 81 12.34 -24.86 -40.03
N ASP C 82 13.04 -25.80 -39.40
CA ASP C 82 12.57 -26.41 -38.16
C ASP C 82 13.17 -25.79 -36.92
N PHE C 83 13.98 -24.73 -37.06
CA PHE C 83 14.57 -24.06 -35.91
C PHE C 83 13.56 -23.06 -35.35
N ALA C 84 12.92 -23.43 -34.25
CA ALA C 84 11.88 -22.62 -33.64
C ALA C 84 11.72 -23.08 -32.19
N THR C 85 10.68 -22.56 -31.53
CA THR C 85 10.34 -22.96 -30.18
C THR C 85 9.09 -23.84 -30.22
N TYR C 86 9.10 -24.92 -29.45
CA TYR C 86 8.05 -25.93 -29.48
C TYR C 86 7.34 -25.98 -28.14
N TYR C 87 6.02 -25.82 -28.17
CA TYR C 87 5.18 -25.86 -26.98
C TYR C 87 4.27 -27.07 -27.03
N CYS C 88 3.97 -27.63 -25.86
CA CYS C 88 2.98 -28.67 -25.73
C CYS C 88 1.78 -28.14 -24.94
N GLN C 89 0.61 -28.71 -25.22
CA GLN C 89 -0.62 -28.21 -24.62
C GLN C 89 -1.55 -29.39 -24.35
N GLN C 90 -2.06 -29.46 -23.13
CA GLN C 90 -3.04 -30.48 -22.77
C GLN C 90 -4.45 -29.94 -22.99
N SER C 91 -5.31 -30.79 -23.53
CA SER C 91 -6.72 -30.45 -23.72
C SER C 91 -7.63 -31.33 -22.88
N TYR C 92 -7.09 -32.04 -21.89
CA TYR C 92 -7.91 -32.95 -21.10
C TYR C 92 -8.88 -32.20 -20.20
N SER C 93 -8.48 -31.04 -19.69
CA SER C 93 -9.34 -30.29 -18.79
C SER C 93 -9.09 -28.80 -18.96
N THR C 94 -10.09 -28.01 -18.58
CA THR C 94 -9.97 -26.56 -18.53
C THR C 94 -9.65 -26.11 -17.11
N PRO C 95 -8.83 -25.07 -16.93
CA PRO C 95 -8.21 -24.28 -18.00
C PRO C 95 -7.09 -25.03 -18.72
N PHE C 96 -7.00 -24.84 -20.03
CA PHE C 96 -5.91 -25.44 -20.79
C PHE C 96 -4.60 -24.81 -20.38
N THR C 97 -3.55 -25.63 -20.35
CA THR C 97 -2.25 -25.19 -19.89
C THR C 97 -1.19 -25.60 -20.91
N PHE C 98 -0.23 -24.72 -21.12
CA PHE C 98 0.86 -24.96 -22.06
C PHE C 98 2.14 -25.31 -21.32
N GLY C 99 3.05 -25.96 -22.03
CA GLY C 99 4.40 -26.15 -21.54
C GLY C 99 5.16 -24.85 -21.63
N PRO C 100 6.31 -24.78 -20.94
CA PRO C 100 7.13 -23.56 -21.03
C PRO C 100 7.80 -23.37 -22.38
N GLY C 101 7.83 -24.41 -23.21
CA GLY C 101 8.43 -24.33 -24.52
C GLY C 101 9.85 -24.86 -24.54
N THR C 102 10.26 -25.35 -25.71
CA THR C 102 11.64 -25.79 -25.95
C THR C 102 12.15 -25.08 -27.19
N LYS C 103 13.25 -24.35 -27.04
CA LYS C 103 13.87 -23.65 -28.15
C LYS C 103 14.94 -24.53 -28.79
N VAL C 104 14.89 -24.65 -30.12
CA VAL C 104 15.84 -25.43 -30.89
C VAL C 104 16.60 -24.46 -31.77
N ASP C 105 17.89 -24.29 -31.51
CA ASP C 105 18.71 -23.34 -32.28
C ASP C 105 19.87 -24.07 -32.94
N ILE C 106 20.60 -23.31 -33.75
CA ILE C 106 21.62 -23.83 -34.64
C ILE C 106 22.91 -24.09 -33.87
N LYS C 107 23.44 -25.31 -34.01
CA LYS C 107 24.70 -25.63 -33.37
C LYS C 107 25.85 -24.94 -34.08
N ARG C 108 26.82 -24.47 -33.30
CA ARG C 108 27.90 -23.64 -33.81
C ARG C 108 29.09 -23.78 -32.87
N THR C 109 30.28 -23.54 -33.40
CA THR C 109 31.49 -23.68 -32.60
C THR C 109 31.44 -22.72 -31.42
N VAL C 110 31.96 -23.18 -30.27
CA VAL C 110 31.93 -22.39 -29.04
C VAL C 110 32.71 -21.11 -29.27
N ALA C 111 32.02 -19.98 -29.28
CA ALA C 111 32.62 -18.68 -29.51
C ALA C 111 32.44 -17.82 -28.27
N ALA C 112 33.55 -17.30 -27.76
CA ALA C 112 33.51 -16.46 -26.57
C ALA C 112 33.07 -15.05 -26.91
N PRO C 113 32.43 -14.35 -25.98
CA PRO C 113 32.01 -12.98 -26.25
C PRO C 113 33.19 -12.01 -26.23
N SER C 114 33.11 -11.00 -27.08
CA SER C 114 33.98 -9.83 -27.01
C SER C 114 33.23 -8.74 -26.28
N VAL C 115 33.81 -8.23 -25.20
CA VAL C 115 33.11 -7.39 -24.23
C VAL C 115 33.55 -5.94 -24.40
N PHE C 116 32.57 -5.02 -24.27
CA PHE C 116 32.82 -3.60 -24.28
C PHE C 116 31.96 -2.95 -23.20
N ILE C 117 32.51 -1.92 -22.55
CA ILE C 117 31.81 -1.16 -21.52
C ILE C 117 31.73 0.29 -21.94
N PHE C 118 30.59 0.91 -21.68
CA PHE C 118 30.33 2.29 -22.11
C PHE C 118 29.98 3.17 -20.92
N PRO C 119 30.83 4.13 -20.56
CA PRO C 119 30.46 5.09 -19.51
C PRO C 119 29.34 6.00 -19.97
N PRO C 120 28.59 6.60 -19.04
CA PRO C 120 27.48 7.47 -19.44
C PRO C 120 27.94 8.66 -20.26
N SER C 121 27.10 9.06 -21.21
CA SER C 121 27.35 10.26 -21.98
C SER C 121 27.22 11.49 -21.09
N ASP C 122 28.08 12.49 -21.33
CA ASP C 122 27.99 13.74 -20.57
C ASP C 122 26.65 14.43 -20.80
N GLU C 123 26.04 14.24 -21.97
CA GLU C 123 24.72 14.80 -22.22
C GLU C 123 23.68 14.20 -21.29
N GLN C 124 23.81 12.90 -21.00
CA GLN C 124 22.85 12.26 -20.10
C GLN C 124 23.07 12.65 -18.65
N LEU C 125 24.33 12.82 -18.25
CA LEU C 125 24.61 13.17 -16.86
C LEU C 125 23.99 14.52 -16.48
N LYS C 126 23.93 15.46 -17.43
CA LYS C 126 23.23 16.71 -17.18
C LYS C 126 21.76 16.46 -16.87
N SER C 127 21.14 15.49 -17.57
CA SER C 127 19.73 15.21 -17.36
C SER C 127 19.43 14.67 -15.96
N GLY C 128 20.44 14.13 -15.27
CA GLY C 128 20.28 13.75 -13.88
C GLY C 128 20.35 12.27 -13.58
N THR C 129 20.49 11.41 -14.59
CA THR C 129 20.68 9.98 -14.36
C THR C 129 21.88 9.51 -15.15
N ALA C 130 22.31 8.27 -14.86
CA ALA C 130 23.47 7.68 -15.50
C ALA C 130 23.16 6.26 -15.93
N SER C 131 23.48 5.93 -17.18
CA SER C 131 23.33 4.58 -17.71
C SER C 131 24.69 4.08 -18.15
N VAL C 132 25.12 2.96 -17.57
CA VAL C 132 26.37 2.30 -17.92
C VAL C 132 26.02 1.02 -18.65
N VAL C 133 26.52 0.86 -19.88
CA VAL C 133 26.11 -0.20 -20.78
C VAL C 133 27.27 -1.15 -20.99
N CYS C 134 26.97 -2.46 -20.90
CA CYS C 134 27.93 -3.52 -21.16
C CYS C 134 27.43 -4.36 -22.32
N LEU C 135 28.30 -4.59 -23.29
CA LEU C 135 27.94 -5.27 -24.53
C LEU C 135 28.70 -6.57 -24.66
N LEU C 136 27.98 -7.67 -24.87
CA LEU C 136 28.55 -8.97 -25.18
C LEU C 136 28.21 -9.27 -26.63
N ASN C 137 29.21 -9.27 -27.50
CA ASN C 137 28.99 -9.30 -28.93
C ASN C 137 29.42 -10.64 -29.52
N ASN C 138 28.51 -11.28 -30.25
CA ASN C 138 28.79 -12.43 -31.12
C ASN C 138 29.45 -13.58 -30.34
N PHE C 139 28.67 -14.15 -29.45
CA PHE C 139 29.09 -15.30 -28.64
C PHE C 139 28.11 -16.45 -28.84
N TYR C 140 28.60 -17.66 -28.53
CA TYR C 140 27.81 -18.88 -28.58
C TYR C 140 28.31 -19.80 -27.48
N PRO C 141 27.42 -20.44 -26.71
CA PRO C 141 25.95 -20.41 -26.76
C PRO C 141 25.33 -19.24 -25.98
N ARG C 142 24.00 -19.18 -25.92
CA ARG C 142 23.34 -18.03 -25.31
C ARG C 142 23.59 -17.94 -23.80
N GLU C 143 23.92 -19.05 -23.15
CA GLU C 143 24.12 -19.04 -21.71
C GLU C 143 25.29 -18.13 -21.34
N ALA C 144 24.99 -16.97 -20.76
CA ALA C 144 26.00 -16.00 -20.38
C ALA C 144 25.53 -15.27 -19.12
N LYS C 145 26.48 -14.95 -18.24
CA LYS C 145 26.18 -14.31 -16.96
C LYS C 145 26.96 -13.01 -16.86
N VAL C 146 26.26 -11.92 -16.56
CA VAL C 146 26.85 -10.59 -16.44
C VAL C 146 26.82 -10.16 -14.99
N GLN C 147 27.94 -9.60 -14.51
CA GLN C 147 28.07 -9.16 -13.13
C GLN C 147 28.56 -7.73 -13.08
N TRP C 148 27.83 -6.88 -12.36
CA TRP C 148 28.13 -5.45 -12.25
C TRP C 148 28.76 -5.18 -10.89
N LYS C 149 30.02 -4.73 -10.90
CA LYS C 149 30.73 -4.35 -9.69
C LYS C 149 31.05 -2.86 -9.73
N VAL C 150 30.72 -2.15 -8.66
CA VAL C 150 30.99 -0.71 -8.53
C VAL C 150 31.90 -0.53 -7.33
N ASP C 151 33.14 -0.09 -7.58
CA ASP C 151 34.18 0.00 -6.55
C ASP C 151 34.35 -1.34 -5.84
N ASN C 152 34.32 -2.42 -6.62
CA ASN C 152 34.40 -3.80 -6.17
C ASN C 152 33.18 -4.20 -5.34
N ALA C 153 32.28 -3.27 -5.05
CA ALA C 153 31.03 -3.57 -4.38
C ALA C 153 30.03 -4.08 -5.41
N LEU C 154 29.30 -5.13 -5.04
CA LEU C 154 28.61 -5.93 -6.04
C LEU C 154 27.14 -5.47 -6.11
N GLN C 155 26.68 -5.19 -7.32
CA GLN C 155 25.33 -4.66 -7.54
C GLN C 155 24.32 -5.77 -7.82
N SER C 156 23.10 -5.56 -7.34
CA SER C 156 21.98 -6.44 -7.66
C SER C 156 20.70 -5.60 -7.72
N GLY C 157 19.80 -5.96 -8.63
CA GLY C 157 18.50 -5.34 -8.70
C GLY C 157 18.42 -4.00 -9.39
N ASN C 158 19.54 -3.49 -9.92
CA ASN C 158 19.55 -2.21 -10.60
C ASN C 158 20.08 -2.31 -12.03
N SER C 159 20.03 -3.50 -12.61
CA SER C 159 20.49 -3.73 -13.98
C SER C 159 19.44 -4.52 -14.76
N GLN C 160 19.41 -4.29 -16.07
CA GLN C 160 18.50 -4.98 -16.96
C GLN C 160 19.25 -5.47 -18.19
N GLU C 161 18.81 -6.62 -18.72
CA GLU C 161 19.51 -7.30 -19.81
C GLU C 161 18.60 -7.46 -21.01
N SER C 162 19.23 -7.61 -22.18
CA SER C 162 18.52 -7.82 -23.43
C SER C 162 19.40 -8.64 -24.36
N VAL C 163 18.81 -9.61 -25.04
CA VAL C 163 19.55 -10.55 -25.88
C VAL C 163 18.88 -10.62 -27.25
N THR C 164 19.68 -10.53 -28.30
CA THR C 164 19.19 -10.63 -29.67
C THR C 164 18.89 -12.07 -30.04
N GLU C 165 18.16 -12.24 -31.15
CA GLU C 165 17.96 -13.56 -31.72
C GLU C 165 19.26 -14.07 -32.34
N GLN C 166 19.31 -15.37 -32.58
CA GLN C 166 20.50 -15.98 -33.18
C GLN C 166 20.74 -15.39 -34.57
N ASP C 167 21.99 -15.05 -34.84
CA ASP C 167 22.31 -14.35 -36.08
C ASP C 167 22.18 -15.27 -37.28
N SER C 168 21.61 -14.74 -38.36
CA SER C 168 21.35 -15.53 -39.55
C SER C 168 22.62 -15.97 -40.26
N LYS C 169 23.75 -15.29 -40.02
CA LYS C 169 24.96 -15.52 -40.79
C LYS C 169 26.02 -16.30 -40.02
N ASP C 170 26.35 -15.89 -38.78
CA ASP C 170 27.33 -16.60 -37.99
C ASP C 170 26.74 -17.36 -36.81
N SER C 171 25.41 -17.34 -36.64
CA SER C 171 24.72 -18.13 -35.61
C SER C 171 25.22 -17.81 -34.21
N THR C 172 25.49 -16.54 -33.94
CA THR C 172 25.93 -16.08 -32.63
C THR C 172 24.84 -15.27 -31.95
N TYR C 173 25.08 -14.95 -30.68
CA TYR C 173 24.17 -14.16 -29.88
C TYR C 173 24.87 -12.91 -29.37
N SER C 174 24.07 -11.88 -29.07
CA SER C 174 24.59 -10.64 -28.53
C SER C 174 23.70 -10.19 -27.37
N LEU C 175 24.34 -9.65 -26.33
CA LEU C 175 23.66 -9.27 -25.10
C LEU C 175 24.08 -7.86 -24.70
N SER C 176 23.12 -7.06 -24.26
CA SER C 176 23.39 -5.77 -23.63
C SER C 176 22.81 -5.76 -22.23
N SER C 177 23.59 -5.24 -21.28
CA SER C 177 23.14 -5.03 -19.92
C SER C 177 23.26 -3.56 -19.60
N THR C 178 22.22 -2.98 -19.00
CA THR C 178 22.21 -1.57 -18.64
C THR C 178 22.16 -1.43 -17.12
N LEU C 179 23.13 -0.69 -16.58
CA LEU C 179 23.23 -0.39 -15.15
C LEU C 179 22.81 1.05 -14.93
N THR C 180 21.67 1.25 -14.27
CA THR C 180 21.07 2.57 -14.14
C THR C 180 21.20 3.06 -12.70
N LEU C 181 21.90 4.18 -12.52
CA LEU C 181 22.04 4.83 -11.23
C LEU C 181 21.65 6.29 -11.37
N SER C 182 21.26 6.90 -10.25
CA SER C 182 21.07 8.35 -10.23
C SER C 182 22.42 9.03 -10.46
N LYS C 183 22.36 10.27 -10.96
CA LYS C 183 23.59 11.02 -11.16
C LYS C 183 24.34 11.18 -9.83
N ALA C 184 23.60 11.50 -8.76
CA ALA C 184 24.23 11.68 -7.46
C ALA C 184 24.95 10.41 -7.01
N ASP C 185 24.30 9.25 -7.17
CA ASP C 185 24.93 7.99 -6.80
C ASP C 185 26.13 7.71 -7.71
N TYR C 186 26.03 8.05 -8.99
CA TYR C 186 27.14 7.84 -9.91
C TYR C 186 28.34 8.70 -9.54
N GLU C 187 28.10 9.93 -9.05
CA GLU C 187 29.19 10.80 -8.64
C GLU C 187 29.95 10.25 -7.44
N LYS C 188 29.39 9.29 -6.72
CA LYS C 188 29.96 8.84 -5.46
C LYS C 188 31.00 7.75 -5.60
N HIS C 189 31.23 7.23 -6.80
CA HIS C 189 32.08 6.05 -6.96
C HIS C 189 33.03 6.24 -8.13
N LYS C 190 34.13 5.48 -8.09
CA LYS C 190 35.22 5.63 -9.05
C LYS C 190 35.27 4.49 -10.06
N VAL C 191 35.36 3.24 -9.60
CA VAL C 191 35.56 2.10 -10.48
C VAL C 191 34.21 1.49 -10.84
N TYR C 192 33.91 1.44 -12.13
CA TYR C 192 32.72 0.77 -12.64
C TYR C 192 33.18 -0.38 -13.52
N ALA C 193 32.77 -1.60 -13.18
CA ALA C 193 33.29 -2.80 -13.80
C ALA C 193 32.15 -3.71 -14.25
N CYS C 194 32.39 -4.40 -15.37
CA CYS C 194 31.45 -5.38 -15.90
C CYS C 194 32.18 -6.72 -15.99
N GLU C 195 31.64 -7.72 -15.29
CA GLU C 195 32.23 -9.05 -15.24
C GLU C 195 31.39 -10.01 -16.06
N VAL C 196 32.02 -10.70 -17.00
CA VAL C 196 31.33 -11.56 -17.96
C VAL C 196 31.84 -12.98 -17.80
N THR C 197 30.91 -13.92 -17.61
CA THR C 197 31.20 -15.34 -17.52
C THR C 197 30.56 -16.06 -18.69
N HIS C 198 31.35 -16.85 -19.40
CA HIS C 198 30.84 -17.58 -20.56
C HIS C 198 31.63 -18.87 -20.73
N GLN C 199 30.99 -19.84 -21.39
CA GLN C 199 31.60 -21.16 -21.58
C GLN C 199 32.88 -21.07 -22.41
N GLY C 200 32.94 -20.14 -23.36
CA GLY C 200 34.13 -19.94 -24.16
C GLY C 200 35.23 -19.16 -23.49
N LEU C 201 35.01 -18.69 -22.27
CA LEU C 201 36.02 -17.97 -21.49
C LEU C 201 36.59 -18.92 -20.44
N SER C 202 37.91 -19.10 -20.46
CA SER C 202 38.56 -19.93 -19.45
C SER C 202 38.38 -19.31 -18.07
N SER C 203 38.53 -18.00 -17.97
CA SER C 203 38.32 -17.23 -16.76
C SER C 203 37.37 -16.08 -17.05
N PRO C 204 36.57 -15.67 -16.08
CA PRO C 204 35.72 -14.48 -16.28
C PRO C 204 36.55 -13.27 -16.67
N VAL C 205 36.08 -12.54 -17.68
CA VAL C 205 36.75 -11.35 -18.18
C VAL C 205 36.05 -10.12 -17.63
N THR C 206 36.83 -9.07 -17.35
CA THR C 206 36.30 -7.84 -16.78
C THR C 206 36.74 -6.66 -17.63
N LYS C 207 35.77 -5.83 -18.03
CA LYS C 207 36.01 -4.54 -18.63
C LYS C 207 35.55 -3.47 -17.64
N SER C 208 36.41 -2.48 -17.39
CA SER C 208 36.12 -1.48 -16.36
C SER C 208 36.60 -0.12 -16.83
N PHE C 209 36.17 0.91 -16.09
CA PHE C 209 36.66 2.26 -16.30
C PHE C 209 36.58 3.02 -14.98
N ASN C 210 37.41 4.05 -14.88
CA ASN C 210 37.40 4.95 -13.73
C ASN C 210 36.69 6.24 -14.14
N ARG C 211 35.62 6.58 -13.43
CA ARG C 211 34.87 7.78 -13.75
C ARG C 211 35.75 9.01 -13.60
N GLY C 212 35.79 9.84 -14.64
CA GLY C 212 36.63 11.01 -14.70
C GLY C 212 37.88 10.84 -15.55
N GLU C 213 38.25 9.61 -15.88
CA GLU C 213 39.37 9.34 -16.78
C GLU C 213 38.82 9.10 -18.19
N CYS C 214 39.71 8.74 -19.11
CA CYS C 214 39.35 8.57 -20.51
C CYS C 214 38.69 7.21 -20.73
N SER C 215 38.49 6.84 -22.00
CA SER C 215 38.02 5.53 -22.43
C SER C 215 37.00 4.86 -21.52
N THR D 15 -36.59 -17.36 23.24
CA THR D 15 -37.41 -18.51 23.65
C THR D 15 -36.73 -19.30 24.78
N ASN D 16 -35.75 -18.68 25.43
CA ASN D 16 -34.98 -19.29 26.50
C ASN D 16 -35.56 -18.90 27.86
N LEU D 17 -34.81 -19.22 28.91
CA LEU D 17 -35.10 -18.77 30.26
C LEU D 17 -33.82 -18.27 30.91
N CYS D 18 -33.97 -17.45 31.92
CA CYS D 18 -32.80 -16.94 32.62
C CYS D 18 -32.49 -17.73 33.89
N PRO D 19 -31.22 -17.70 34.33
CA PRO D 19 -30.78 -18.56 35.43
C PRO D 19 -31.21 -18.11 36.81
N PHE D 20 -32.25 -17.25 36.91
CA PHE D 20 -32.75 -16.83 38.20
C PHE D 20 -32.92 -18.00 39.16
N GLY D 21 -33.37 -19.16 38.65
CA GLY D 21 -33.47 -20.33 39.49
C GLY D 21 -32.12 -20.76 40.06
N GLU D 22 -31.07 -20.73 39.25
CA GLU D 22 -29.75 -21.14 39.71
C GLU D 22 -29.03 -20.04 40.49
N VAL D 23 -29.62 -18.85 40.59
CA VAL D 23 -29.07 -17.79 41.43
C VAL D 23 -29.70 -17.80 42.81
N PHE D 24 -31.04 -17.84 42.87
CA PHE D 24 -31.72 -17.87 44.15
C PHE D 24 -31.54 -19.23 44.84
N ASN D 25 -31.64 -20.32 44.09
CA ASN D 25 -31.52 -21.66 44.64
C ASN D 25 -30.08 -22.18 44.62
N ALA D 26 -29.09 -21.29 44.48
CA ALA D 26 -27.70 -21.71 44.52
C ALA D 26 -27.38 -22.32 45.88
N THR D 27 -26.65 -23.43 45.87
CA THR D 27 -26.47 -24.23 47.09
C THR D 27 -25.78 -23.43 48.18
N LYS D 28 -24.71 -22.70 47.84
CA LYS D 28 -24.03 -21.85 48.81
C LYS D 28 -23.77 -20.48 48.22
N PHE D 29 -23.72 -19.47 49.11
CA PHE D 29 -23.61 -18.06 48.81
C PHE D 29 -22.26 -17.52 49.29
N PRO D 30 -21.77 -16.44 48.66
CA PRO D 30 -20.49 -15.86 49.09
C PRO D 30 -20.67 -14.92 50.27
N SER D 31 -19.53 -14.55 50.85
CA SER D 31 -19.51 -13.46 51.81
C SER D 31 -19.65 -12.13 51.08
N VAL D 32 -20.35 -11.19 51.71
CA VAL D 32 -20.22 -9.81 51.27
C VAL D 32 -18.80 -9.35 51.59
N TYR D 33 -18.30 -8.42 50.77
CA TYR D 33 -16.93 -8.01 50.41
C TYR D 33 -16.42 -8.95 49.32
N ALA D 34 -17.12 -10.04 49.02
CA ALA D 34 -16.79 -10.94 47.94
C ALA D 34 -18.06 -11.25 47.15
N TRP D 35 -18.97 -10.28 47.11
CA TRP D 35 -20.29 -10.51 46.54
C TRP D 35 -20.19 -10.91 45.07
N GLU D 36 -21.02 -11.88 44.70
CA GLU D 36 -21.00 -12.44 43.35
C GLU D 36 -21.87 -11.60 42.43
N ARG D 37 -21.35 -11.32 41.25
CA ARG D 37 -22.04 -10.55 40.22
C ARG D 37 -22.38 -11.49 39.06
N LYS D 38 -23.67 -11.69 38.82
CA LYS D 38 -24.15 -12.59 37.77
C LYS D 38 -24.76 -11.76 36.65
N LYS D 39 -24.24 -11.89 35.45
CA LYS D 39 -24.78 -11.16 34.32
C LYS D 39 -25.84 -12.02 33.64
N ILE D 40 -26.85 -11.35 33.09
CA ILE D 40 -28.07 -12.01 32.66
C ILE D 40 -28.54 -11.32 31.38
N SER D 41 -28.48 -12.04 30.26
CA SER D 41 -28.75 -11.46 28.95
C SER D 41 -29.23 -12.57 28.02
N ASN D 42 -29.87 -12.15 26.94
CA ASN D 42 -30.34 -13.06 25.89
C ASN D 42 -31.19 -14.19 26.45
N CYS D 43 -32.25 -13.83 27.18
CA CYS D 43 -33.24 -14.82 27.58
C CYS D 43 -34.60 -14.15 27.61
N VAL D 44 -35.54 -14.80 28.29
CA VAL D 44 -36.86 -14.27 28.51
C VAL D 44 -37.08 -14.36 30.02
N ALA D 45 -37.40 -13.23 30.66
CA ALA D 45 -37.39 -13.16 32.12
C ALA D 45 -38.80 -13.37 32.67
N ASP D 46 -38.96 -14.39 33.51
CA ASP D 46 -40.21 -14.63 34.23
C ASP D 46 -39.96 -14.37 35.71
N TYR D 47 -40.52 -13.27 36.21
CA TYR D 47 -40.35 -12.88 37.61
C TYR D 47 -41.43 -13.45 38.52
N SER D 48 -42.36 -14.24 37.98
CA SER D 48 -43.45 -14.78 38.78
C SER D 48 -42.95 -15.63 39.93
N VAL D 49 -41.76 -16.22 39.78
CA VAL D 49 -41.14 -16.97 40.86
C VAL D 49 -40.65 -16.07 41.99
N LEU D 50 -40.69 -14.75 41.79
CA LEU D 50 -40.27 -13.81 42.82
C LEU D 50 -41.42 -13.30 43.67
N TYR D 51 -42.65 -13.34 43.16
CA TYR D 51 -43.80 -12.82 43.89
C TYR D 51 -44.31 -13.78 44.94
N ASN D 52 -43.51 -14.79 45.30
CA ASN D 52 -43.81 -15.64 46.45
C ASN D 52 -43.30 -14.93 47.70
N SER D 53 -44.19 -14.22 48.39
CA SER D 53 -43.91 -13.87 49.77
C SER D 53 -43.98 -15.14 50.62
N THR D 54 -43.77 -14.99 51.93
CA THR D 54 -43.64 -16.10 52.87
C THR D 54 -42.31 -16.81 52.63
N PHE D 55 -41.64 -16.45 51.54
CA PHE D 55 -40.27 -16.84 51.26
C PHE D 55 -39.31 -15.68 51.49
N PHE D 56 -39.58 -14.55 50.84
CA PHE D 56 -38.75 -13.36 50.96
C PHE D 56 -39.19 -12.54 52.16
N SER D 57 -38.24 -12.24 53.05
CA SER D 57 -38.51 -11.31 54.14
C SER D 57 -38.66 -9.89 53.61
N THR D 58 -37.93 -9.55 52.54
CA THR D 58 -38.01 -8.24 51.92
C THR D 58 -38.01 -8.40 50.41
N PHE D 59 -38.86 -7.62 49.74
CA PHE D 59 -38.85 -7.48 48.27
C PHE D 59 -39.17 -6.01 47.98
N LYS D 60 -38.12 -5.20 47.86
CA LYS D 60 -38.25 -3.76 47.64
C LYS D 60 -37.50 -3.38 46.36
N CYS D 61 -38.14 -2.56 45.54
CA CYS D 61 -37.58 -2.13 44.27
C CYS D 61 -37.45 -0.61 44.22
N TYR D 62 -36.40 -0.14 43.55
CA TYR D 62 -36.08 1.28 43.45
C TYR D 62 -35.99 1.64 41.98
N GLY D 63 -36.76 2.64 41.55
CA GLY D 63 -36.78 3.07 40.17
C GLY D 63 -37.71 2.29 39.26
N VAL D 64 -38.32 1.22 39.77
CA VAL D 64 -39.29 0.43 39.02
C VAL D 64 -40.34 -0.10 39.99
N SER D 65 -41.49 -0.48 39.45
CA SER D 65 -42.50 -1.19 40.21
C SER D 65 -42.28 -2.68 40.06
N ALA D 66 -42.19 -3.39 41.19
CA ALA D 66 -42.01 -4.84 41.13
C ALA D 66 -43.16 -5.51 40.41
N THR D 67 -44.37 -4.94 40.49
CA THR D 67 -45.56 -5.61 40.02
C THR D 67 -45.62 -5.74 38.50
N LYS D 68 -44.83 -4.96 37.75
CA LYS D 68 -44.88 -5.02 36.29
C LYS D 68 -43.48 -5.12 35.70
N LEU D 69 -42.58 -5.84 36.37
CA LEU D 69 -41.30 -6.19 35.76
C LEU D 69 -41.48 -7.06 34.53
N ASN D 70 -42.59 -7.80 34.44
CA ASN D 70 -42.86 -8.65 33.29
C ASN D 70 -43.20 -7.86 32.02
N ASP D 71 -43.47 -6.57 32.14
CA ASP D 71 -43.79 -5.72 31.00
C ASP D 71 -42.60 -4.92 30.49
N LEU D 72 -41.41 -5.10 31.06
CA LEU D 72 -40.27 -4.23 30.81
C LEU D 72 -39.16 -4.96 30.07
N CYS D 73 -38.33 -4.16 29.38
CA CYS D 73 -37.22 -4.67 28.58
C CYS D 73 -35.93 -3.95 28.98
N PHE D 74 -34.84 -4.71 29.10
CA PHE D 74 -33.57 -4.17 29.56
C PHE D 74 -32.43 -4.72 28.71
N SER D 75 -31.35 -3.94 28.64
CA SER D 75 -30.16 -4.38 27.91
C SER D 75 -29.44 -5.51 28.65
N ASN D 76 -29.11 -5.29 29.91
CA ASN D 76 -28.48 -6.30 30.74
C ASN D 76 -29.13 -6.29 32.12
N VAL D 77 -29.19 -7.47 32.74
CA VAL D 77 -29.67 -7.63 34.10
C VAL D 77 -28.56 -8.26 34.92
N TYR D 78 -28.29 -7.68 36.09
CA TYR D 78 -27.24 -8.17 36.97
C TYR D 78 -27.87 -8.69 38.26
N ALA D 79 -27.34 -9.79 38.78
CA ALA D 79 -27.83 -10.43 39.99
C ALA D 79 -26.67 -10.54 40.99
N ASP D 80 -26.75 -9.76 42.06
CA ASP D 80 -25.72 -9.74 43.11
C ASP D 80 -26.14 -10.65 44.26
N SER D 81 -25.21 -11.47 44.73
CA SER D 81 -25.50 -12.42 45.79
C SER D 81 -24.49 -12.26 46.92
N PHE D 82 -24.99 -12.31 48.15
CA PHE D 82 -24.14 -12.29 49.35
C PHE D 82 -25.01 -12.66 50.55
N VAL D 83 -24.36 -12.85 51.69
CA VAL D 83 -25.02 -13.17 52.94
C VAL D 83 -24.66 -12.10 53.96
N VAL D 84 -25.68 -11.55 54.63
CA VAL D 84 -25.47 -10.57 55.68
C VAL D 84 -26.31 -10.94 56.88
N LYS D 85 -25.91 -10.41 58.04
CA LYS D 85 -26.73 -10.49 59.23
C LYS D 85 -28.05 -9.76 58.99
N GLY D 86 -29.12 -10.29 59.59
CA GLY D 86 -30.45 -9.74 59.33
C GLY D 86 -30.55 -8.25 59.64
N ASP D 87 -29.95 -7.82 60.75
CA ASP D 87 -29.96 -6.41 61.08
C ASP D 87 -29.20 -5.56 60.07
N ASP D 88 -28.31 -6.16 59.29
CA ASP D 88 -27.57 -5.45 58.25
C ASP D 88 -28.31 -5.42 56.92
N VAL D 89 -29.39 -6.17 56.77
CA VAL D 89 -30.13 -6.16 55.50
C VAL D 89 -30.64 -4.77 55.19
N ARG D 90 -30.98 -3.99 56.22
CA ARG D 90 -31.64 -2.72 56.02
C ARG D 90 -30.74 -1.68 55.38
N GLN D 91 -29.43 -1.91 55.31
CA GLN D 91 -28.54 -1.00 54.61
C GLN D 91 -28.17 -1.49 53.22
N ILE D 92 -28.81 -2.55 52.74
CA ILE D 92 -28.73 -2.90 51.32
C ILE D 92 -29.83 -2.09 50.64
N ALA D 93 -29.51 -0.83 50.36
CA ALA D 93 -30.44 0.18 49.85
C ALA D 93 -29.67 1.45 49.55
N PRO D 94 -30.16 2.29 48.65
CA PRO D 94 -29.46 3.55 48.35
C PRO D 94 -29.40 4.46 49.57
N GLY D 95 -28.35 5.28 49.61
CA GLY D 95 -28.23 6.31 50.63
C GLY D 95 -28.14 5.78 52.04
N GLN D 96 -27.56 4.61 52.23
CA GLN D 96 -27.41 4.03 53.56
C GLN D 96 -25.97 4.18 54.04
N THR D 97 -25.83 4.18 55.36
CA THR D 97 -24.63 4.64 56.06
C THR D 97 -24.00 3.60 56.97
N GLY D 98 -24.46 2.36 56.93
CA GLY D 98 -23.93 1.34 57.82
C GLY D 98 -22.50 0.91 57.52
N VAL D 99 -22.12 -0.23 58.09
CA VAL D 99 -20.75 -0.70 57.96
C VAL D 99 -20.60 -1.48 56.66
N ILE D 100 -21.62 -2.28 56.34
CA ILE D 100 -21.69 -3.02 55.09
C ILE D 100 -21.78 -2.06 53.90
N ALA D 101 -22.63 -1.04 54.03
CA ALA D 101 -22.87 -0.13 52.91
C ALA D 101 -21.64 0.71 52.59
N ASP D 102 -20.81 0.98 53.59
CA ASP D 102 -19.62 1.79 53.36
C ASP D 102 -18.43 0.99 52.86
N TYR D 103 -18.28 -0.26 53.30
CA TYR D 103 -17.06 -1.01 53.06
C TYR D 103 -17.24 -2.31 52.29
N ASN D 104 -18.46 -2.80 52.11
CA ASN D 104 -18.66 -4.12 51.50
C ASN D 104 -19.50 -4.10 50.23
N TYR D 105 -20.66 -3.43 50.25
CA TYR D 105 -21.54 -3.42 49.08
C TYR D 105 -22.33 -2.12 49.08
N LYS D 106 -22.09 -1.27 48.09
CA LYS D 106 -22.66 0.07 48.02
C LYS D 106 -23.59 0.18 46.82
N LEU D 107 -24.76 0.72 47.04
CA LEU D 107 -25.69 0.97 45.96
C LEU D 107 -25.69 2.44 45.59
N PRO D 108 -25.93 2.77 44.32
CA PRO D 108 -25.97 4.18 43.92
C PRO D 108 -27.19 4.87 44.49
N ASP D 109 -27.09 6.20 44.61
CA ASP D 109 -28.26 6.98 44.99
C ASP D 109 -29.37 6.81 43.96
N ASP D 110 -29.02 6.86 42.67
CA ASP D 110 -29.97 6.66 41.59
C ASP D 110 -30.04 5.19 41.18
N PHE D 111 -30.18 4.31 42.16
CA PHE D 111 -30.23 2.88 41.88
C PHE D 111 -31.56 2.51 41.24
N MET D 112 -31.50 1.70 40.18
CA MET D 112 -32.69 1.17 39.54
C MET D 112 -32.60 -0.35 39.59
N GLY D 113 -33.38 -0.96 40.48
CA GLY D 113 -33.35 -2.39 40.64
C GLY D 113 -34.15 -2.82 41.85
N CYS D 114 -33.93 -4.07 42.26
CA CYS D 114 -34.69 -4.67 43.36
C CYS D 114 -33.74 -5.39 44.30
N VAL D 115 -34.10 -5.39 45.59
CA VAL D 115 -33.36 -6.10 46.62
C VAL D 115 -34.30 -7.13 47.25
N LEU D 116 -33.90 -8.40 47.19
CA LEU D 116 -34.64 -9.48 47.81
C LEU D 116 -33.77 -10.14 48.88
N ALA D 117 -34.35 -10.32 50.06
CA ALA D 117 -33.67 -10.98 51.16
C ALA D 117 -34.61 -12.00 51.77
N TRP D 118 -34.03 -13.11 52.23
CA TRP D 118 -34.84 -14.12 52.91
C TRP D 118 -33.99 -14.77 54.00
N ASN D 119 -34.67 -15.31 55.01
CA ASN D 119 -34.02 -15.87 56.18
C ASN D 119 -33.50 -17.27 55.87
N THR D 120 -32.23 -17.51 56.21
CA THR D 120 -31.56 -18.78 55.95
C THR D 120 -30.96 -19.34 57.23
N ARG D 121 -31.74 -19.31 58.32
CA ARG D 121 -31.30 -19.95 59.55
C ARG D 121 -31.14 -21.46 59.35
N ASN D 122 -32.05 -22.07 58.59
CA ASN D 122 -32.05 -23.52 58.42
C ASN D 122 -30.75 -24.02 57.78
N ILE D 123 -30.15 -23.22 56.90
CA ILE D 123 -29.04 -23.70 56.07
C ILE D 123 -27.74 -22.94 56.29
N ASP D 124 -27.75 -21.78 56.95
CA ASP D 124 -26.53 -21.01 57.16
C ASP D 124 -26.17 -20.81 58.63
N ALA D 125 -26.93 -21.37 59.55
CA ALA D 125 -26.64 -21.30 60.98
C ALA D 125 -26.50 -22.71 61.54
N THR D 126 -25.62 -22.87 62.53
CA THR D 126 -25.35 -24.18 63.12
C THR D 126 -25.49 -24.10 64.64
N SER D 127 -25.36 -25.27 65.28
CA SER D 127 -25.44 -25.35 66.74
C SER D 127 -24.27 -24.63 67.39
N THR D 128 -23.06 -24.93 66.93
CA THR D 128 -21.89 -24.11 67.17
C THR D 128 -21.95 -22.93 66.19
N GLY D 129 -20.85 -22.20 66.01
CA GLY D 129 -20.86 -21.05 65.13
C GLY D 129 -20.51 -21.40 63.69
N ASN D 130 -21.28 -20.81 62.77
CA ASN D 130 -20.92 -20.80 61.35
C ASN D 130 -20.17 -19.50 61.10
N TYR D 131 -18.84 -19.59 61.11
CA TYR D 131 -17.98 -18.42 60.90
C TYR D 131 -17.41 -18.37 59.48
N ASN D 132 -18.09 -19.01 58.53
CA ASN D 132 -17.62 -19.02 57.15
C ASN D 132 -17.94 -17.72 56.41
N TYR D 133 -18.85 -16.91 56.95
CA TYR D 133 -19.26 -15.66 56.31
C TYR D 133 -18.52 -14.50 56.92
N LYS D 134 -17.97 -13.63 56.05
CA LYS D 134 -16.98 -12.63 56.42
C LYS D 134 -17.46 -11.28 55.94
N TYR D 135 -17.05 -10.22 56.65
CA TYR D 135 -17.30 -8.87 56.19
C TYR D 135 -16.11 -8.00 56.56
N ARG D 136 -15.91 -6.93 55.78
CA ARG D 136 -14.84 -5.98 56.04
C ARG D 136 -15.35 -4.87 56.96
N TYR D 137 -14.57 -4.56 57.99
CA TYR D 137 -14.94 -3.51 58.93
C TYR D 137 -13.90 -2.41 59.05
N LEU D 138 -12.75 -2.53 58.37
CA LEU D 138 -11.76 -1.47 58.31
C LEU D 138 -11.40 -1.21 56.86
N ARG D 139 -11.47 0.07 56.45
CA ARG D 139 -11.06 0.45 55.11
C ARG D 139 -10.72 1.93 55.10
N HIS D 140 -9.75 2.28 54.25
CA HIS D 140 -9.37 3.68 54.03
C HIS D 140 -10.31 4.27 53.01
N GLY D 141 -11.42 4.82 53.49
CA GLY D 141 -12.43 5.42 52.63
C GLY D 141 -13.54 4.45 52.27
N LYS D 142 -14.61 5.03 51.72
CA LYS D 142 -15.82 4.28 51.39
C LYS D 142 -15.75 3.76 49.96
N LEU D 143 -16.55 2.73 49.69
CA LEU D 143 -16.71 2.22 48.34
C LEU D 143 -17.59 3.15 47.52
N ARG D 144 -17.17 3.43 46.29
CA ARG D 144 -18.09 3.96 45.31
C ARG D 144 -19.07 2.86 44.90
N PRO D 145 -20.27 3.22 44.46
CA PRO D 145 -21.29 2.20 44.19
C PRO D 145 -20.79 1.12 43.23
N PHE D 146 -21.10 -0.13 43.58
CA PHE D 146 -20.79 -1.32 42.80
C PHE D 146 -19.30 -1.65 42.76
N GLU D 147 -18.47 -0.96 43.55
CA GLU D 147 -17.10 -1.38 43.74
C GLU D 147 -17.05 -2.65 44.58
N ARG D 148 -15.92 -3.35 44.54
CA ARG D 148 -15.76 -4.57 45.32
C ARG D 148 -14.30 -4.69 45.75
N ASP D 149 -14.07 -4.67 47.07
CA ASP D 149 -12.74 -4.78 47.65
C ASP D 149 -12.56 -6.19 48.22
N ILE D 150 -11.68 -6.96 47.60
CA ILE D 150 -11.35 -8.32 48.04
C ILE D 150 -9.99 -8.41 48.70
N SER D 151 -9.30 -7.29 48.86
CA SER D 151 -7.97 -7.35 49.48
C SER D 151 -8.09 -7.79 50.93
N ASN D 152 -7.07 -8.53 51.38
CA ASN D 152 -6.89 -8.86 52.79
C ASN D 152 -5.47 -8.44 53.15
N VAL D 153 -5.29 -7.15 53.42
CA VAL D 153 -3.97 -6.57 53.65
C VAL D 153 -3.99 -5.88 55.00
N PRO D 154 -2.94 -6.00 55.80
CA PRO D 154 -2.97 -5.40 57.15
C PRO D 154 -3.23 -3.91 57.09
N PHE D 155 -4.13 -3.48 57.98
CA PHE D 155 -4.63 -2.09 57.99
C PHE D 155 -4.01 -1.27 59.09
N SER D 156 -3.65 -0.03 58.78
CA SER D 156 -3.04 0.90 59.78
C SER D 156 -3.87 2.16 59.83
N PRO D 157 -4.33 2.62 61.01
CA PRO D 157 -5.23 3.76 61.09
C PRO D 157 -4.59 5.12 60.78
N ASP D 158 -3.51 5.14 60.02
CA ASP D 158 -2.80 6.38 59.68
C ASP D 158 -2.22 6.20 58.29
N GLY D 159 -2.96 5.52 57.42
CA GLY D 159 -2.42 5.17 56.10
C GLY D 159 -1.23 4.31 56.38
N LYS D 160 -0.17 4.39 55.57
CA LYS D 160 1.10 3.70 55.89
C LYS D 160 1.03 2.18 55.88
N PRO D 161 1.75 1.50 54.95
CA PRO D 161 1.79 0.05 54.98
C PRO D 161 2.28 -0.50 56.32
N CYS D 162 1.74 -1.63 56.77
CA CYS D 162 2.10 -2.21 58.09
C CYS D 162 2.57 -3.66 57.94
N THR D 163 3.54 -4.10 58.74
CA THR D 163 3.97 -5.53 58.74
C THR D 163 3.80 -6.13 60.14
N PRO D 164 2.78 -6.98 60.39
CA PRO D 164 2.56 -7.55 61.71
C PRO D 164 3.50 -8.73 62.01
N PRO D 165 3.90 -9.16 63.26
CA PRO D 165 3.43 -8.62 64.54
C PRO D 165 3.95 -7.22 64.82
N ALA D 166 3.04 -6.25 64.86
CA ALA D 166 3.40 -4.87 65.09
C ALA D 166 2.28 -4.20 65.88
N LEU D 167 2.48 -2.92 66.17
CA LEU D 167 1.48 -2.12 66.88
C LEU D 167 0.71 -1.26 65.89
N ASN D 168 -0.55 -0.99 66.24
CA ASN D 168 -1.46 -0.24 65.36
C ASN D 168 -1.55 -0.89 63.98
N CYS D 169 -1.58 -2.22 63.97
CA CYS D 169 -1.54 -3.01 62.73
C CYS D 169 -2.58 -4.11 62.82
N TYR D 170 -3.62 -4.05 61.99
CA TYR D 170 -4.73 -4.99 62.16
C TYR D 170 -5.20 -5.51 60.81
N TRP D 171 -6.17 -6.43 60.87
CA TRP D 171 -6.75 -7.17 59.77
C TRP D 171 -8.17 -6.68 59.49
N PRO D 172 -8.53 -6.53 58.21
CA PRO D 172 -9.75 -5.78 57.86
C PRO D 172 -11.02 -6.59 57.97
N LEU D 173 -10.91 -7.91 57.94
CA LEU D 173 -12.06 -8.79 57.83
C LEU D 173 -12.42 -9.40 59.17
N ASN D 174 -13.71 -9.67 59.35
CA ASN D 174 -14.22 -10.31 60.54
C ASN D 174 -15.27 -11.34 60.13
N ASP D 175 -15.40 -12.38 60.95
CA ASP D 175 -16.31 -13.49 60.64
C ASP D 175 -17.66 -13.24 61.30
N TYR D 176 -18.71 -13.23 60.48
CA TYR D 176 -20.07 -13.35 61.00
C TYR D 176 -20.18 -14.65 61.79
N GLY D 177 -20.74 -14.58 62.99
CA GLY D 177 -21.01 -15.78 63.75
C GLY D 177 -22.49 -16.09 63.81
N PHE D 178 -22.95 -17.09 63.05
CA PHE D 178 -24.36 -17.41 62.93
C PHE D 178 -24.68 -18.64 63.76
N TYR D 179 -25.47 -18.44 64.82
CA TYR D 179 -25.91 -19.51 65.71
C TYR D 179 -27.38 -19.80 65.44
N THR D 180 -27.76 -21.07 65.60
CA THR D 180 -29.13 -21.47 65.29
C THR D 180 -30.13 -20.87 66.27
N THR D 181 -29.78 -20.79 67.55
CA THR D 181 -30.65 -20.20 68.56
C THR D 181 -30.05 -18.86 68.98
N THR D 182 -30.57 -17.79 68.41
CA THR D 182 -30.13 -16.42 68.69
C THR D 182 -31.26 -15.48 68.29
N GLY D 183 -31.03 -14.19 68.47
CA GLY D 183 -32.03 -13.20 68.07
C GLY D 183 -32.22 -13.16 66.57
N ILE D 184 -33.45 -12.82 66.16
CA ILE D 184 -33.79 -12.81 64.74
C ILE D 184 -32.96 -11.79 63.99
N GLY D 185 -32.51 -10.74 64.66
CA GLY D 185 -31.64 -9.77 64.02
C GLY D 185 -30.23 -10.25 63.80
N TYR D 186 -29.83 -11.33 64.49
CA TYR D 186 -28.50 -11.91 64.35
C TYR D 186 -28.47 -13.12 63.42
N GLN D 187 -29.61 -13.52 62.90
CA GLN D 187 -29.69 -14.69 62.04
C GLN D 187 -29.22 -14.36 60.62
N PRO D 188 -28.75 -15.37 59.88
CA PRO D 188 -28.22 -15.10 58.54
C PRO D 188 -29.31 -14.96 57.49
N TYR D 189 -29.16 -13.94 56.65
CA TYR D 189 -30.06 -13.70 55.54
C TYR D 189 -29.29 -13.74 54.23
N ARG D 190 -29.88 -14.35 53.22
CA ARG D 190 -29.31 -14.35 51.87
C ARG D 190 -29.98 -13.25 51.06
N VAL D 191 -29.17 -12.44 50.38
CA VAL D 191 -29.65 -11.26 49.67
C VAL D 191 -29.29 -11.40 48.20
N VAL D 192 -30.27 -11.10 47.34
CA VAL D 192 -30.06 -11.05 45.89
C VAL D 192 -30.48 -9.66 45.42
N VAL D 193 -29.55 -8.96 44.77
CA VAL D 193 -29.79 -7.60 44.29
C VAL D 193 -29.85 -7.64 42.78
N LEU D 194 -31.03 -7.39 42.23
CA LEU D 194 -31.23 -7.32 40.79
C LEU D 194 -31.01 -5.88 40.32
N SER D 195 -30.03 -5.69 39.46
CA SER D 195 -29.77 -4.40 38.83
C SER D 195 -30.23 -4.47 37.39
N PHE D 196 -30.96 -3.45 36.95
CA PHE D 196 -31.49 -3.38 35.60
C PHE D 196 -30.75 -2.29 34.83
N GLU D 197 -30.23 -2.65 33.67
CA GLU D 197 -29.37 -1.78 32.88
C GLU D 197 -30.06 -1.51 31.54
N LEU D 198 -30.16 -0.23 31.18
CA LEU D 198 -30.77 0.20 29.93
C LEU D 198 -29.72 0.98 29.16
N LEU D 199 -29.26 0.41 28.05
CA LEU D 199 -28.16 0.97 27.27
C LEU D 199 -28.66 1.45 25.90
N ASN D 200 -27.72 1.95 25.09
CA ASN D 200 -27.97 2.35 23.70
C ASN D 200 -28.10 1.15 22.79
N ALA D 201 -28.15 -0.05 23.34
CA ALA D 201 -28.23 -1.29 22.59
C ALA D 201 -29.61 -1.91 22.68
N PRO D 202 -29.98 -2.76 21.72
CA PRO D 202 -31.26 -3.47 21.81
C PRO D 202 -31.37 -4.27 23.10
N ALA D 203 -32.58 -4.29 23.66
CA ALA D 203 -32.83 -5.01 24.90
C ALA D 203 -32.81 -6.52 24.64
N THR D 204 -31.97 -7.24 25.37
CA THR D 204 -31.84 -8.68 25.19
C THR D 204 -32.73 -9.48 26.13
N VAL D 205 -33.12 -8.91 27.27
CA VAL D 205 -33.93 -9.62 28.27
C VAL D 205 -35.26 -8.89 28.42
N CYS D 206 -36.34 -9.63 28.21
CA CYS D 206 -37.70 -9.11 28.33
C CYS D 206 -38.58 -10.19 28.96
N GLY D 207 -39.80 -9.81 29.30
CA GLY D 207 -40.76 -10.76 29.80
C GLY D 207 -41.46 -11.50 28.68
N PRO D 208 -42.27 -12.48 29.06
CA PRO D 208 -43.14 -13.15 28.07
C PRO D 208 -44.00 -12.16 27.31
N LYS D 209 -44.31 -11.01 27.91
CA LYS D 209 -45.14 -10.00 27.30
C LYS D 209 -44.40 -9.25 26.20
N GLU E 1 -16.32 -4.00 10.94
CA GLU E 1 -15.34 -4.42 11.93
C GLU E 1 -14.88 -3.25 12.78
N VAL E 2 -14.20 -3.56 13.87
CA VAL E 2 -13.83 -2.59 14.88
C VAL E 2 -12.38 -2.17 14.63
N GLN E 3 -12.15 -0.86 14.50
CA GLN E 3 -10.80 -0.36 14.66
C GLN E 3 -10.65 0.29 16.03
N LEU E 4 -9.43 0.35 16.52
CA LEU E 4 -9.04 1.27 17.58
C LEU E 4 -7.78 1.95 17.08
N VAL E 5 -7.92 3.18 16.58
CA VAL E 5 -6.83 3.92 15.97
C VAL E 5 -6.27 4.88 17.00
N GLU E 6 -4.95 4.85 17.17
CA GLU E 6 -4.28 5.46 18.30
C GLU E 6 -3.28 6.50 17.82
N SER E 7 -3.12 7.56 18.60
CA SER E 7 -2.23 8.64 18.20
C SER E 7 -1.81 9.44 19.43
N GLY E 8 -0.87 10.35 19.23
CA GLY E 8 -0.39 11.22 20.28
C GLY E 8 0.96 10.87 20.86
N GLY E 9 1.46 9.65 20.61
CA GLY E 9 2.73 9.25 21.17
C GLY E 9 3.90 10.01 20.56
N GLY E 10 5.02 9.99 21.29
CA GLY E 10 6.19 10.70 20.83
C GLY E 10 7.28 10.69 21.89
N VAL E 11 8.24 11.59 21.71
CA VAL E 11 9.38 11.73 22.61
C VAL E 11 9.16 12.96 23.47
N VAL E 12 9.29 12.79 24.79
CA VAL E 12 9.09 13.87 25.73
C VAL E 12 10.12 13.73 26.84
N GLN E 13 10.53 14.86 27.41
CA GLN E 13 11.49 14.85 28.48
C GLN E 13 10.81 14.50 29.81
N PRO E 14 11.57 13.96 30.77
CA PRO E 14 10.98 13.66 32.08
C PRO E 14 10.40 14.90 32.73
N GLY E 15 9.27 14.73 33.40
CA GLY E 15 8.53 15.84 33.96
C GLY E 15 7.60 16.53 32.98
N GLY E 16 7.65 16.17 31.69
CA GLY E 16 6.82 16.80 30.69
C GLY E 16 5.45 16.16 30.58
N SER E 17 4.63 16.78 29.74
CA SER E 17 3.24 16.39 29.52
C SER E 17 3.11 15.73 28.15
N LEU E 18 2.03 14.97 27.98
CA LEU E 18 1.71 14.38 26.68
C LEU E 18 0.33 13.72 26.76
N ARG E 19 -0.42 13.80 25.66
CA ARG E 19 -1.82 13.39 25.62
C ARG E 19 -2.03 12.36 24.50
N LEU E 20 -2.73 11.27 24.83
CA LEU E 20 -2.97 10.17 23.91
C LEU E 20 -4.42 10.20 23.44
N SER E 21 -4.64 9.70 22.22
CA SER E 21 -5.97 9.64 21.62
C SER E 21 -6.22 8.25 21.06
N CYS E 22 -7.48 7.82 21.12
CA CYS E 22 -7.90 6.55 20.55
C CYS E 22 -9.25 6.76 19.88
N ALA E 23 -9.24 7.01 18.57
CA ALA E 23 -10.46 7.16 17.80
C ALA E 23 -10.99 5.78 17.41
N VAL E 24 -12.22 5.48 17.79
CA VAL E 24 -12.77 4.16 17.65
C VAL E 24 -13.73 4.13 16.47
N SER E 25 -14.13 2.92 16.06
CA SER E 25 -15.20 2.75 15.09
C SER E 25 -15.66 1.29 15.14
N GLY E 26 -16.87 1.06 14.63
CA GLY E 26 -17.38 -0.28 14.48
C GLY E 26 -18.16 -0.84 15.66
N PHE E 27 -18.41 -0.05 16.69
CA PHE E 27 -19.21 -0.52 17.81
C PHE E 27 -19.83 0.69 18.51
N THR E 28 -20.73 0.39 19.44
CA THR E 28 -21.56 1.42 20.04
C THR E 28 -20.77 1.96 21.24
N PHE E 29 -20.09 3.11 21.04
CA PHE E 29 -18.98 3.48 21.93
C PHE E 29 -19.43 3.62 23.38
N ASP E 30 -20.57 4.28 23.61
CA ASP E 30 -21.00 4.59 24.98
C ASP E 30 -21.41 3.35 25.76
N ASP E 31 -21.57 2.21 25.12
CA ASP E 31 -22.02 0.99 25.78
C ASP E 31 -20.88 0.17 26.35
N TYR E 32 -19.62 0.57 26.15
CA TYR E 32 -18.48 -0.24 26.53
C TYR E 32 -17.49 0.58 27.35
N ALA E 33 -16.90 -0.06 28.36
CA ALA E 33 -15.79 0.54 29.08
C ALA E 33 -14.50 0.40 28.29
N MET E 34 -13.65 1.42 28.36
CA MET E 34 -12.40 1.44 27.62
C MET E 34 -11.23 1.42 28.57
N HIS E 35 -10.13 0.81 28.13
CA HIS E 35 -8.95 0.64 28.95
C HIS E 35 -7.70 1.07 28.18
N TRP E 36 -6.66 1.42 28.94
CA TRP E 36 -5.33 1.64 28.40
C TRP E 36 -4.40 0.56 28.97
N VAL E 37 -3.75 -0.17 28.08
CA VAL E 37 -2.75 -1.17 28.45
C VAL E 37 -1.44 -0.76 27.80
N ARG E 38 -0.37 -0.76 28.58
CA ARG E 38 0.95 -0.39 28.06
C ARG E 38 1.90 -1.58 28.15
N GLN E 39 2.93 -1.54 27.30
CA GLN E 39 3.91 -2.62 27.21
C GLN E 39 5.27 -1.98 27.02
N ALA E 40 6.13 -2.06 28.03
CA ALA E 40 7.48 -1.58 27.91
C ALA E 40 8.27 -2.45 26.93
N PRO E 41 9.31 -1.89 26.32
CA PRO E 41 10.11 -2.67 25.34
C PRO E 41 10.61 -3.96 25.95
N GLY E 42 10.21 -5.08 25.33
CA GLY E 42 10.68 -6.39 25.78
C GLY E 42 10.04 -6.83 27.11
N LYS E 43 9.00 -6.13 27.55
CA LYS E 43 8.36 -6.59 28.79
C LYS E 43 6.94 -7.06 28.54
N GLY E 44 6.27 -7.53 29.58
CA GLY E 44 4.87 -8.00 29.48
C GLY E 44 3.89 -6.84 29.41
N LEU E 45 2.63 -7.20 29.60
CA LEU E 45 1.53 -6.24 29.52
C LEU E 45 1.23 -5.69 30.91
N ASP E 46 0.87 -4.41 30.95
CA ASP E 46 0.69 -3.69 32.21
C ASP E 46 -0.53 -2.79 32.07
N TRP E 47 -1.59 -3.11 32.79
CA TRP E 47 -2.83 -2.33 32.73
C TRP E 47 -2.65 -0.98 33.39
N VAL E 48 -3.21 0.07 32.79
CA VAL E 48 -2.98 1.45 33.21
C VAL E 48 -4.23 2.06 33.85
N SER E 49 -5.32 2.19 33.09
CA SER E 49 -6.53 2.78 33.64
C SER E 49 -7.73 2.41 32.78
N LEU E 50 -8.91 2.58 33.36
CA LEU E 50 -10.17 2.30 32.69
C LEU E 50 -11.13 3.48 32.88
N ILE E 51 -12.16 3.50 32.04
CA ILE E 51 -13.25 4.45 32.16
C ILE E 51 -14.52 3.78 31.66
N SER E 52 -15.61 3.89 32.42
CA SER E 52 -16.85 3.23 32.05
C SER E 52 -17.51 3.98 30.89
N GLY E 53 -18.62 3.41 30.41
CA GLY E 53 -19.32 4.04 29.28
C GLY E 53 -19.80 5.44 29.59
N ASP E 54 -20.28 5.67 30.81
CA ASP E 54 -20.69 7.00 31.22
C ASP E 54 -19.52 7.97 31.22
N GLY E 55 -18.33 7.49 31.57
CA GLY E 55 -17.29 8.36 32.07
C GLY E 55 -17.45 8.69 33.53
N SER E 56 -18.43 8.10 34.20
CA SER E 56 -18.64 8.36 35.62
C SER E 56 -17.58 7.70 36.48
N TYR E 57 -17.22 6.46 36.16
CA TYR E 57 -16.24 5.70 36.95
C TYR E 57 -14.93 5.61 36.20
N THR E 58 -13.85 5.98 36.88
CA THR E 58 -12.49 5.76 36.39
C THR E 58 -11.66 5.15 37.51
N TYR E 59 -10.77 4.23 37.13
CA TYR E 59 -9.82 3.64 38.06
C TYR E 59 -8.44 3.62 37.41
N TYR E 60 -7.41 3.76 38.23
CA TYR E 60 -6.05 3.89 37.74
C TYR E 60 -5.13 2.92 38.47
N ALA E 61 -4.08 2.52 37.78
CA ALA E 61 -3.02 1.73 38.41
C ALA E 61 -2.23 2.61 39.37
N ASP E 62 -1.68 1.97 40.41
CA ASP E 62 -0.96 2.72 41.44
C ASP E 62 0.25 3.47 40.87
N SER E 63 0.86 2.92 39.82
CA SER E 63 2.05 3.56 39.24
C SER E 63 1.72 4.88 38.57
N VAL E 64 0.51 5.03 38.05
CA VAL E 64 0.11 6.23 37.31
C VAL E 64 -0.88 7.09 38.05
N LYS E 65 -1.44 6.63 39.17
CA LYS E 65 -2.43 7.40 39.90
C LYS E 65 -1.85 8.74 40.33
N GLY E 66 -2.62 9.81 40.14
CA GLY E 66 -2.23 11.14 40.54
C GLY E 66 -1.56 11.97 39.46
N ARG E 67 -1.17 11.36 38.34
CA ARG E 67 -0.58 12.12 37.24
C ARG E 67 -1.13 11.74 35.86
N PHE E 68 -1.89 10.67 35.74
CA PHE E 68 -2.57 10.32 34.50
C PHE E 68 -4.06 10.55 34.68
N THR E 69 -4.72 10.99 33.60
CA THR E 69 -6.16 11.22 33.64
C THR E 69 -6.77 10.66 32.37
N ILE E 70 -7.81 9.84 32.52
CA ILE E 70 -8.48 9.19 31.40
C ILE E 70 -9.83 9.86 31.20
N SER E 71 -10.20 10.08 29.94
CA SER E 71 -11.47 10.70 29.60
C SER E 71 -11.92 10.20 28.23
N ARG E 72 -13.19 10.44 27.92
CA ARG E 72 -13.77 10.04 26.65
C ARG E 72 -14.74 11.11 26.17
N ASP E 73 -14.88 11.19 24.84
CA ASP E 73 -15.77 12.15 24.19
C ASP E 73 -16.77 11.35 23.35
N SER E 74 -18.04 11.37 23.76
CA SER E 74 -19.06 10.57 23.08
C SER E 74 -19.27 11.04 21.64
N SER E 75 -19.32 12.36 21.44
CA SER E 75 -19.56 12.90 20.11
C SER E 75 -18.44 12.56 19.14
N LYS E 76 -17.20 12.55 19.63
CA LYS E 76 -16.04 12.28 18.80
C LYS E 76 -15.68 10.80 18.73
N ASN E 77 -16.39 9.95 19.48
CA ASN E 77 -16.10 8.53 19.54
C ASN E 77 -14.61 8.28 19.77
N SER E 78 -14.08 8.95 20.78
CA SER E 78 -12.65 8.92 21.08
C SER E 78 -12.43 8.68 22.56
N LEU E 79 -11.28 8.09 22.87
CA LEU E 79 -10.81 7.90 24.23
C LEU E 79 -9.45 8.58 24.38
N TYR E 80 -9.24 9.23 25.52
CA TYR E 80 -8.04 10.03 25.74
C TYR E 80 -7.34 9.57 27.02
N LEU E 81 -6.04 9.88 27.08
CA LEU E 81 -5.24 9.65 28.28
C LEU E 81 -4.29 10.83 28.43
N GLN E 82 -4.52 11.66 29.45
CA GLN E 82 -3.70 12.83 29.71
C GLN E 82 -2.58 12.44 30.67
N MET E 83 -1.36 12.43 30.17
CA MET E 83 -0.19 11.95 30.91
C MET E 83 0.63 13.15 31.37
N ASN E 84 0.81 13.28 32.67
CA ASN E 84 1.55 14.38 33.27
C ASN E 84 2.69 13.86 34.11
N SER E 85 3.66 14.73 34.36
CA SER E 85 4.79 14.43 35.25
C SER E 85 5.49 13.14 34.81
N LEU E 86 5.67 13.01 33.49
CA LEU E 86 6.18 11.76 32.93
C LEU E 86 7.55 11.39 33.48
N ARG E 87 7.80 10.09 33.50
CA ARG E 87 9.01 9.50 34.07
C ARG E 87 9.57 8.54 33.03
N THR E 88 10.91 8.38 32.99
CA THR E 88 11.52 7.46 32.04
C THR E 88 10.93 6.06 32.15
N GLU E 89 10.13 5.86 33.18
CA GLU E 89 9.65 4.60 33.66
C GLU E 89 8.40 4.22 32.91
N ASP E 90 7.78 5.25 32.33
CA ASP E 90 6.56 5.23 31.53
C ASP E 90 6.81 4.94 30.06
N THR E 91 8.07 4.81 29.65
CA THR E 91 8.40 4.55 28.26
C THR E 91 7.85 3.18 27.87
N ALA E 92 6.83 3.17 27.02
CA ALA E 92 6.17 1.93 26.64
C ALA E 92 5.33 2.18 25.40
N LEU E 93 4.88 1.07 24.80
CA LEU E 93 3.86 1.13 23.77
C LEU E 93 2.50 1.08 24.44
N TYR E 94 1.62 2.02 24.09
CA TYR E 94 0.35 2.21 24.79
C TYR E 94 -0.79 1.72 23.92
N TYR E 95 -1.51 0.71 24.42
CA TYR E 95 -2.62 0.10 23.70
C TYR E 95 -3.95 0.63 24.20
N CYS E 96 -4.85 0.90 23.27
CA CYS E 96 -6.24 1.19 23.56
C CYS E 96 -7.03 -0.11 23.46
N ALA E 97 -7.74 -0.47 24.53
CA ALA E 97 -8.42 -1.76 24.62
C ALA E 97 -9.89 -1.56 24.92
N LYS E 98 -10.73 -2.35 24.25
CA LYS E 98 -12.18 -2.28 24.40
C LYS E 98 -12.66 -3.48 25.23
N ALA E 99 -13.52 -3.20 26.21
CA ALA E 99 -14.18 -4.28 26.93
C ALA E 99 -15.19 -4.97 26.03
N GLN E 100 -15.24 -6.30 26.09
CA GLN E 100 -16.10 -7.03 25.16
C GLN E 100 -17.57 -6.94 25.58
N THR E 101 -17.85 -6.94 26.87
CA THR E 101 -19.23 -6.96 27.33
C THR E 101 -19.81 -5.55 27.33
N PRO E 102 -20.97 -5.33 26.70
CA PRO E 102 -21.59 -4.00 26.72
C PRO E 102 -22.27 -3.72 28.05
N THR E 103 -21.52 -3.18 29.01
CA THR E 103 -22.06 -2.89 30.33
C THR E 103 -21.46 -1.60 30.85
N LEU E 104 -22.17 -0.99 31.80
CA LEU E 104 -21.66 0.18 32.50
C LEU E 104 -20.81 -0.21 33.69
N TRP E 105 -20.55 -1.50 33.86
CA TRP E 105 -19.68 -1.95 34.95
C TRP E 105 -18.32 -2.22 34.35
N TRP E 106 -17.33 -2.51 35.19
CA TRP E 106 -15.95 -2.56 34.70
C TRP E 106 -15.20 -3.84 35.04
N LEU E 107 -15.74 -4.71 35.88
CA LEU E 107 -15.04 -5.90 36.33
C LEU E 107 -15.52 -7.14 35.58
N GLN E 108 -14.79 -8.24 35.79
CA GLN E 108 -15.14 -9.57 35.31
C GLN E 108 -15.24 -9.64 33.79
N ASP E 109 -14.57 -8.74 33.07
CA ASP E 109 -14.65 -8.69 31.62
C ASP E 109 -13.30 -9.02 31.00
N ALA E 110 -13.24 -8.95 29.68
CA ALA E 110 -12.02 -9.19 28.92
C ALA E 110 -11.86 -8.08 27.89
N PHE E 111 -10.68 -8.05 27.27
CA PHE E 111 -10.34 -7.08 26.24
C PHE E 111 -10.38 -7.79 24.89
N ASP E 112 -11.46 -7.60 24.14
CA ASP E 112 -11.63 -8.35 22.90
C ASP E 112 -10.92 -7.71 21.71
N ILE E 113 -10.84 -6.38 21.67
CA ILE E 113 -10.19 -5.67 20.58
C ILE E 113 -9.11 -4.76 21.16
N TRP E 114 -7.95 -4.75 20.51
CA TRP E 114 -6.82 -3.92 20.90
C TRP E 114 -6.39 -3.04 19.74
N GLY E 115 -6.02 -1.80 20.04
CA GLY E 115 -5.33 -0.99 19.06
C GLY E 115 -3.92 -1.50 18.85
N GLN E 116 -3.27 -0.99 17.81
CA GLN E 116 -1.94 -1.48 17.47
C GLN E 116 -0.82 -0.77 18.21
N GLY E 117 -1.12 0.31 18.93
CA GLY E 117 -0.11 0.95 19.75
C GLY E 117 0.21 2.38 19.33
N THR E 118 0.48 3.22 20.32
CA THR E 118 1.16 4.48 20.12
C THR E 118 2.35 4.51 21.09
N MET E 119 3.51 4.93 20.58
CA MET E 119 4.74 4.78 21.34
C MET E 119 5.04 6.05 22.12
N VAL E 120 5.21 5.91 23.43
CA VAL E 120 5.60 7.01 24.30
C VAL E 120 7.01 6.73 24.78
N THR E 121 7.92 7.67 24.52
CA THR E 121 9.32 7.54 24.91
C THR E 121 9.68 8.74 25.77
N VAL E 122 9.99 8.49 27.04
CA VAL E 122 10.36 9.54 27.98
C VAL E 122 11.86 9.48 28.19
N SER E 123 12.55 10.54 27.77
CA SER E 123 14.01 10.60 27.87
C SER E 123 14.44 12.04 27.75
N SER E 124 15.53 12.37 28.45
CA SER E 124 16.13 13.70 28.35
C SER E 124 17.20 13.77 27.27
N ALA E 125 17.46 12.67 26.57
CA ALA E 125 18.50 12.64 25.55
C ALA E 125 18.07 13.45 24.32
N SER E 126 19.06 14.03 23.65
CA SER E 126 18.83 14.78 22.42
C SER E 126 18.87 13.83 21.23
N THR E 127 18.10 14.17 20.20
CA THR E 127 18.13 13.40 18.96
C THR E 127 19.53 13.39 18.39
N LYS E 128 20.00 12.21 18.04
CA LYS E 128 21.40 12.08 17.68
C LYS E 128 21.61 10.90 16.74
N GLY E 129 22.32 11.14 15.63
CA GLY E 129 22.58 10.12 14.65
C GLY E 129 23.64 9.13 15.10
N PRO E 130 23.53 7.89 14.62
CA PRO E 130 24.43 6.84 15.08
C PRO E 130 25.84 6.98 14.53
N SER E 131 26.78 6.41 15.26
CA SER E 131 28.13 6.17 14.77
C SER E 131 28.24 4.70 14.39
N VAL E 132 28.65 4.44 13.15
CA VAL E 132 28.73 3.08 12.61
C VAL E 132 30.19 2.68 12.57
N PHE E 133 30.51 1.57 13.24
CA PHE E 133 31.87 1.07 13.32
C PHE E 133 31.95 -0.31 12.70
N PRO E 134 33.00 -0.60 11.94
CA PRO E 134 33.11 -1.93 11.32
C PRO E 134 33.48 -2.99 12.34
N LEU E 135 32.96 -4.19 12.12
CA LEU E 135 33.36 -5.38 12.90
C LEU E 135 34.07 -6.29 11.91
N ALA E 136 35.37 -6.06 11.75
CA ALA E 136 36.12 -6.73 10.69
C ALA E 136 36.26 -8.22 10.99
N PRO E 137 36.13 -9.07 9.97
CA PRO E 137 36.37 -10.50 10.18
C PRO E 137 37.86 -10.79 10.35
N SER E 138 38.16 -11.87 11.04
CA SER E 138 39.52 -12.31 11.28
C SER E 138 39.76 -13.65 10.59
N SER E 139 40.96 -14.18 10.78
CA SER E 139 41.35 -15.48 10.23
C SER E 139 40.47 -16.59 10.76
N GLY E 144 38.22 -20.95 8.64
CA GLY E 144 37.46 -22.06 9.19
C GLY E 144 36.13 -22.30 8.50
N GLY E 145 36.13 -22.19 7.17
CA GLY E 145 34.93 -22.40 6.39
C GLY E 145 34.13 -21.15 6.10
N THR E 146 33.61 -20.51 7.15
CA THR E 146 32.80 -19.30 7.02
C THR E 146 33.31 -18.24 7.98
N ALA E 147 33.07 -16.98 7.62
CA ALA E 147 33.53 -15.84 8.40
C ALA E 147 32.37 -14.94 8.77
N ALA E 148 32.44 -14.36 9.96
CA ALA E 148 31.43 -13.43 10.45
C ALA E 148 31.96 -12.01 10.42
N LEU E 149 31.12 -11.09 9.93
CA LEU E 149 31.43 -9.67 9.93
C LEU E 149 30.15 -8.90 10.19
N GLY E 150 30.30 -7.60 10.43
CA GLY E 150 29.15 -6.75 10.65
C GLY E 150 29.57 -5.34 11.00
N CYS E 151 28.59 -4.52 11.35
CA CYS E 151 28.81 -3.16 11.81
C CYS E 151 28.14 -2.96 13.16
N LEU E 152 28.70 -2.06 13.97
CA LEU E 152 28.16 -1.70 15.27
C LEU E 152 27.54 -0.32 15.18
N VAL E 153 26.23 -0.25 15.38
CA VAL E 153 25.47 0.99 15.30
C VAL E 153 25.35 1.52 16.72
N LYS E 154 26.19 2.49 17.08
CA LYS E 154 26.36 2.92 18.46
C LYS E 154 25.95 4.37 18.66
N ASP E 155 25.37 4.64 19.84
CA ASP E 155 25.16 5.99 20.35
C ASP E 155 24.20 6.80 19.47
N TYR E 156 22.96 6.30 19.36
CA TYR E 156 21.92 7.01 18.63
C TYR E 156 20.68 7.14 19.50
N PHE E 157 19.82 8.08 19.11
CA PHE E 157 18.55 8.33 19.79
C PHE E 157 17.67 9.19 18.89
N PRO E 158 16.36 8.91 18.79
CA PRO E 158 15.70 7.76 19.43
C PRO E 158 15.66 6.53 18.53
N GLU E 159 14.91 5.52 18.98
CA GLU E 159 14.60 4.38 18.14
C GLU E 159 13.75 4.83 16.96
N PRO E 160 13.84 4.16 15.80
CA PRO E 160 14.69 3.03 15.42
C PRO E 160 15.78 3.35 14.41
N VAL E 161 16.56 2.32 14.06
CA VAL E 161 17.44 2.34 12.91
C VAL E 161 17.14 1.11 12.06
N THR E 162 17.34 1.25 10.75
CA THR E 162 17.24 0.13 9.82
C THR E 162 18.61 -0.15 9.25
N VAL E 163 18.96 -1.43 9.17
CA VAL E 163 20.26 -1.87 8.68
C VAL E 163 20.03 -2.86 7.54
N SER E 164 20.72 -2.64 6.42
CA SER E 164 20.69 -3.53 5.28
C SER E 164 22.11 -3.76 4.79
N TRP E 165 22.30 -4.86 4.05
CA TRP E 165 23.61 -5.24 3.55
C TRP E 165 23.59 -5.26 2.02
N ASN E 166 24.56 -4.58 1.42
CA ASN E 166 24.68 -4.46 -0.04
C ASN E 166 23.39 -3.93 -0.66
N SER E 167 22.79 -2.94 0.02
CA SER E 167 21.56 -2.29 -0.44
C SER E 167 20.46 -3.32 -0.73
N GLY E 168 20.31 -4.28 0.19
CA GLY E 168 19.28 -5.28 0.09
C GLY E 168 19.66 -6.52 -0.68
N ALA E 169 20.80 -6.50 -1.38
CA ALA E 169 21.23 -7.69 -2.13
C ALA E 169 21.54 -8.85 -1.20
N LEU E 170 22.16 -8.58 -0.06
CA LEU E 170 22.59 -9.60 0.87
C LEU E 170 21.54 -9.78 1.95
N THR E 171 20.95 -10.98 1.99
CA THR E 171 19.83 -11.32 2.86
C THR E 171 20.04 -12.60 3.66
N SER E 172 20.69 -13.62 3.08
CA SER E 172 20.85 -14.90 3.75
C SER E 172 22.00 -14.84 4.73
N GLY E 173 21.74 -15.30 5.97
CA GLY E 173 22.75 -15.28 7.01
C GLY E 173 22.92 -13.97 7.72
N VAL E 174 22.06 -12.98 7.45
CA VAL E 174 22.13 -11.66 8.09
C VAL E 174 21.34 -11.72 9.39
N HIS E 175 21.91 -11.15 10.46
CA HIS E 175 21.26 -11.09 11.76
C HIS E 175 21.42 -9.67 12.32
N THR E 176 20.34 -8.89 12.30
CA THR E 176 20.32 -7.56 12.89
C THR E 176 19.71 -7.68 14.28
N PHE E 177 20.46 -7.28 15.29
CA PHE E 177 20.04 -7.54 16.65
C PHE E 177 19.21 -6.40 17.21
N PRO E 178 18.27 -6.71 18.12
CA PRO E 178 17.54 -5.66 18.80
C PRO E 178 18.48 -4.73 19.56
N ALA E 179 18.16 -3.45 19.56
CA ALA E 179 19.00 -2.48 20.24
C ALA E 179 18.91 -2.65 21.75
N VAL E 180 19.94 -2.16 22.44
CA VAL E 180 19.95 -2.08 23.88
C VAL E 180 20.10 -0.61 24.28
N LEU E 181 19.60 -0.27 25.47
CA LEU E 181 19.63 1.10 25.95
C LEU E 181 20.78 1.24 26.93
N GLN E 182 21.78 2.05 26.56
CA GLN E 182 22.97 2.24 27.36
C GLN E 182 22.70 3.18 28.53
N SER E 183 23.65 3.22 29.47
CA SER E 183 23.52 4.08 30.65
C SER E 183 23.44 5.54 30.25
N SER E 184 24.04 5.92 29.13
CA SER E 184 24.05 7.30 28.66
C SER E 184 22.70 7.75 28.12
N GLY E 185 21.73 6.86 27.99
CA GLY E 185 20.47 7.17 27.36
C GLY E 185 20.46 7.04 25.86
N LEU E 186 21.54 6.54 25.27
CA LEU E 186 21.65 6.35 23.84
C LEU E 186 21.58 4.86 23.52
N TYR E 187 21.01 4.54 22.36
CA TYR E 187 20.83 3.15 21.95
C TYR E 187 22.04 2.66 21.17
N SER E 188 22.17 1.33 21.12
CA SER E 188 23.27 0.70 20.37
C SER E 188 22.85 -0.70 20.00
N LEU E 189 23.02 -1.05 18.71
CA LEU E 189 22.81 -2.41 18.25
C LEU E 189 23.94 -2.80 17.31
N SER E 190 23.96 -4.07 16.94
CA SER E 190 24.92 -4.60 15.99
C SER E 190 24.21 -5.50 14.99
N SER E 191 24.59 -5.40 13.73
CA SER E 191 24.12 -6.30 12.68
C SER E 191 25.31 -7.11 12.17
N VAL E 192 25.12 -8.42 12.02
CA VAL E 192 26.18 -9.30 11.56
C VAL E 192 25.65 -10.15 10.41
N VAL E 193 26.57 -10.57 9.53
CA VAL E 193 26.26 -11.47 8.43
C VAL E 193 27.37 -12.52 8.34
N THR E 194 26.97 -13.75 8.03
CA THR E 194 27.91 -14.85 7.84
C THR E 194 28.09 -15.08 6.34
N VAL E 195 29.34 -14.98 5.89
CA VAL E 195 29.66 -15.10 4.47
C VAL E 195 30.75 -16.15 4.31
N PRO E 196 30.87 -16.73 3.11
CA PRO E 196 31.97 -17.67 2.87
C PRO E 196 33.31 -17.00 3.09
N SER E 197 34.15 -17.71 3.83
CA SER E 197 35.50 -17.24 4.12
C SER E 197 36.34 -17.05 2.85
N SER E 198 35.99 -17.73 1.76
CA SER E 198 36.69 -17.55 0.50
C SER E 198 36.36 -16.23 -0.19
N SER E 199 35.25 -15.59 0.15
CA SER E 199 34.78 -14.42 -0.58
C SER E 199 35.39 -13.11 -0.09
N LEU E 200 36.17 -13.12 0.98
CA LEU E 200 36.68 -11.90 1.60
C LEU E 200 37.80 -11.33 0.72
N GLY E 201 37.40 -10.60 -0.32
CA GLY E 201 38.36 -9.98 -1.21
C GLY E 201 37.94 -9.97 -2.67
N THR E 202 37.13 -10.95 -3.09
CA THR E 202 36.50 -10.85 -4.40
C THR E 202 35.37 -9.84 -4.37
N GLN E 203 34.61 -9.82 -3.27
CA GLN E 203 33.45 -8.98 -3.11
C GLN E 203 33.60 -8.10 -1.87
N THR E 204 33.12 -6.87 -1.99
CA THR E 204 33.01 -5.93 -0.89
C THR E 204 31.64 -6.08 -0.20
N TYR E 205 31.65 -6.00 1.13
CA TYR E 205 30.42 -6.06 1.91
C TYR E 205 30.20 -4.69 2.57
N ILE E 206 29.01 -4.12 2.33
CA ILE E 206 28.69 -2.76 2.86
C ILE E 206 27.39 -2.83 3.65
N CYS E 207 27.36 -2.17 4.80
CA CYS E 207 26.13 -2.09 5.57
C CYS E 207 25.57 -0.68 5.49
N ASN E 208 24.28 -0.58 5.21
CA ASN E 208 23.59 0.70 5.05
C ASN E 208 22.75 0.96 6.30
N VAL E 209 23.12 1.99 7.06
CA VAL E 209 22.46 2.32 8.31
C VAL E 209 21.63 3.58 8.10
N ASN E 210 20.35 3.50 8.45
CA ASN E 210 19.41 4.60 8.28
C ASN E 210 18.78 4.93 9.61
N HIS E 211 18.83 6.21 10.00
CA HIS E 211 18.22 6.70 11.23
C HIS E 211 17.41 7.95 10.87
N LYS E 212 16.14 7.73 10.58
CA LYS E 212 15.29 8.82 10.08
C LYS E 212 15.11 9.98 11.05
N PRO E 213 14.95 9.78 12.37
CA PRO E 213 14.80 10.95 13.26
C PRO E 213 15.94 11.95 13.21
N SER E 214 17.15 11.53 12.86
CA SER E 214 18.25 12.46 12.67
C SER E 214 18.51 12.76 11.20
N ASN E 215 17.75 12.17 10.28
CA ASN E 215 17.93 12.33 8.83
C ASN E 215 19.36 11.99 8.43
N THR E 216 19.81 10.80 8.83
CA THR E 216 21.17 10.34 8.58
C THR E 216 21.13 9.02 7.81
N LYS E 217 21.93 8.94 6.75
CA LYS E 217 22.20 7.69 6.04
C LYS E 217 23.70 7.46 6.05
N VAL E 218 24.11 6.25 6.42
CA VAL E 218 25.52 5.89 6.50
C VAL E 218 25.74 4.59 5.74
N ASP E 219 26.75 4.59 4.87
CA ASP E 219 27.20 3.40 4.16
C ASP E 219 28.63 3.13 4.60
N LYS E 220 28.80 2.23 5.55
CA LYS E 220 30.13 1.87 6.04
C LYS E 220 30.55 0.54 5.43
N ARG E 221 31.78 0.49 4.92
CA ARG E 221 32.31 -0.67 4.23
C ARG E 221 33.16 -1.47 5.22
N VAL E 222 32.83 -2.76 5.36
CA VAL E 222 33.49 -3.65 6.31
C VAL E 222 34.38 -4.59 5.53
N GLU E 223 35.67 -4.64 5.90
CA GLU E 223 36.63 -5.41 5.13
C GLU E 223 37.84 -5.71 6.01
N PRO E 224 38.58 -6.78 5.71
CA PRO E 224 39.44 -7.40 6.73
C PRO E 224 40.69 -6.61 7.05
N LYS E 225 41.29 -6.99 8.18
CA LYS E 225 42.51 -6.36 8.67
C LYS E 225 43.73 -7.12 8.17
N SER E 226 44.67 -6.40 7.58
CA SER E 226 45.97 -6.94 7.21
C SER E 226 47.00 -6.77 8.31
N CYS E 227 46.56 -6.43 9.52
CA CYS E 227 47.37 -6.47 10.74
C CYS E 227 48.39 -5.33 10.78
N ASP F 1 -2.45 -5.63 45.09
CA ASP F 1 -2.47 -6.22 43.75
C ASP F 1 -2.38 -7.74 43.80
N ILE F 2 -3.22 -8.38 42.98
CA ILE F 2 -3.19 -9.86 42.88
C ILE F 2 -2.02 -10.22 41.99
N GLN F 3 -1.14 -11.09 42.49
CA GLN F 3 0.05 -11.49 41.73
C GLN F 3 -0.29 -12.66 40.82
N MET F 4 -0.03 -12.47 39.54
CA MET F 4 -0.28 -13.54 38.56
C MET F 4 1.04 -14.15 38.11
N THR F 5 1.16 -15.45 38.33
CA THR F 5 2.38 -16.19 37.93
C THR F 5 2.03 -17.17 36.82
N GLN F 6 3.01 -17.47 35.99
CA GLN F 6 2.81 -18.43 34.89
C GLN F 6 3.95 -19.45 34.88
N SER F 7 3.63 -20.65 34.43
CA SER F 7 4.63 -21.76 34.40
C SER F 7 4.27 -22.65 33.24
N PRO F 8 5.20 -22.98 32.32
CA PRO F 8 6.58 -22.54 32.42
C PRO F 8 6.81 -21.16 31.79
N SER F 9 7.95 -20.55 32.07
CA SER F 9 8.28 -19.25 31.44
C SER F 9 8.47 -19.44 29.95
N SER F 10 8.92 -20.62 29.56
CA SER F 10 9.22 -20.90 28.13
C SER F 10 8.87 -22.35 27.81
N LEU F 11 8.44 -22.58 26.56
CA LEU F 11 7.99 -23.93 26.17
C LEU F 11 8.49 -24.23 24.76
N SER F 12 9.02 -25.43 24.56
CA SER F 12 9.42 -25.86 23.20
C SER F 12 8.56 -27.07 22.82
N ALA F 13 7.85 -26.96 21.70
CA ALA F 13 6.99 -28.08 21.25
C ALA F 13 6.89 -28.08 19.74
N SER F 14 6.58 -29.25 19.20
CA SER F 14 6.48 -29.40 17.72
C SER F 14 5.02 -29.29 17.29
N VAL F 15 4.83 -29.12 16.00
CA VAL F 15 3.44 -29.09 15.47
C VAL F 15 2.73 -30.40 15.77
N GLY F 16 1.48 -30.31 16.19
CA GLY F 16 0.70 -31.52 16.51
C GLY F 16 0.77 -31.87 17.97
N ASP F 17 1.70 -31.28 18.70
CA ASP F 17 1.88 -31.65 20.14
C ASP F 17 0.77 -31.07 21.00
N ARG F 18 0.59 -31.67 22.19
CA ARG F 18 -0.45 -31.20 23.12
C ARG F 18 0.22 -30.31 24.15
N VAL F 19 -0.29 -29.09 24.28
CA VAL F 19 0.37 -28.07 25.15
C VAL F 19 -0.53 -27.67 26.30
N THR F 20 0.07 -27.56 27.49
CA THR F 20 -0.67 -27.08 28.67
C THR F 20 0.15 -25.99 29.35
N ILE F 21 -0.49 -24.86 29.64
CA ILE F 21 0.22 -23.70 30.27
C ILE F 21 -0.47 -23.37 31.58
N THR F 22 0.32 -23.18 32.63
CA THR F 22 -0.23 -22.90 33.96
C THR F 22 -0.22 -21.42 34.29
N CYS F 23 -1.33 -20.89 34.76
CA CYS F 23 -1.50 -19.59 35.31
C CYS F 23 -1.95 -19.69 36.71
N ARG F 24 -1.27 -18.99 37.61
CA ARG F 24 -1.56 -19.09 39.06
C ARG F 24 -1.79 -17.70 39.65
N ALA F 25 -2.79 -17.59 40.51
CA ALA F 25 -3.10 -16.31 41.17
C ALA F 25 -2.85 -16.40 42.67
N SER F 26 -2.44 -15.31 43.26
CA SER F 26 -2.10 -15.28 44.70
C SER F 26 -3.35 -15.29 45.56
N GLN F 27 -4.50 -15.12 44.95
CA GLN F 27 -5.76 -15.02 45.72
C GLN F 27 -6.84 -15.55 44.82
N SER F 28 -7.99 -15.92 45.36
CA SER F 28 -9.10 -16.45 44.53
C SER F 28 -9.60 -15.36 43.59
N ILE F 29 -9.78 -15.71 42.33
CA ILE F 29 -10.26 -14.74 41.31
C ILE F 29 -11.42 -15.43 40.60
N SER F 30 -12.06 -16.38 41.26
CA SER F 30 -13.16 -17.18 40.65
C SER F 30 -12.83 -17.66 39.24
N ASN F 31 -13.76 -17.51 38.31
CA ASN F 31 -13.56 -17.93 36.91
C ASN F 31 -13.16 -16.70 36.12
N TYR F 32 -12.73 -15.63 36.82
CA TYR F 32 -12.47 -14.36 36.08
C TYR F 32 -11.02 -14.27 35.62
N LEU F 33 -10.63 -15.17 34.70
CA LEU F 33 -9.28 -15.13 34.10
C LEU F 33 -9.40 -15.18 32.59
N ASN F 34 -8.66 -14.33 31.91
CA ASN F 34 -8.71 -14.27 30.43
C ASN F 34 -7.33 -14.61 29.86
N TRP F 35 -7.25 -15.22 28.68
CA TRP F 35 -6.04 -15.66 28.01
C TRP F 35 -5.84 -14.85 26.75
N TYR F 36 -4.65 -14.29 26.58
CA TYR F 36 -4.31 -13.50 25.41
C TYR F 36 -3.11 -14.12 24.70
N GLN F 37 -3.05 -13.89 23.39
CA GLN F 37 -1.94 -14.35 22.55
C GLN F 37 -1.30 -13.15 21.90
N GLN F 38 0.03 -13.09 21.92
CA GLN F 38 0.78 -12.01 21.30
C GLN F 38 1.94 -12.58 20.49
N LYS F 39 1.91 -12.34 19.19
CA LYS F 39 3.02 -12.57 18.28
C LYS F 39 3.92 -11.34 18.27
N PRO F 40 5.23 -11.54 18.08
CA PRO F 40 6.16 -10.40 18.14
C PRO F 40 5.80 -9.32 17.13
N GLY F 41 5.85 -8.07 17.58
CA GLY F 41 5.61 -6.92 16.74
C GLY F 41 4.16 -6.53 16.54
N LYS F 42 3.22 -7.19 17.21
CA LYS F 42 1.80 -6.93 16.99
C LYS F 42 1.06 -6.92 18.33
N ALA F 43 -0.15 -6.38 18.29
CA ALA F 43 -0.95 -6.21 19.49
C ALA F 43 -1.47 -7.57 20.00
N PRO F 44 -1.74 -7.68 21.30
CA PRO F 44 -2.31 -8.92 21.83
C PRO F 44 -3.71 -9.17 21.29
N LYS F 45 -4.09 -10.44 21.30
CA LYS F 45 -5.40 -10.85 20.81
C LYS F 45 -6.04 -11.81 21.80
N LEU F 46 -7.37 -11.71 21.99
CA LEU F 46 -8.09 -12.53 23.00
C LEU F 46 -8.34 -13.94 22.50
N LEU F 47 -8.24 -14.92 23.40
CA LEU F 47 -8.53 -16.33 23.05
C LEU F 47 -9.65 -16.83 23.98
N ILE F 48 -9.34 -17.05 25.25
CA ILE F 48 -10.32 -17.56 26.25
C ILE F 48 -10.84 -16.37 27.05
N TYR F 49 -12.14 -16.35 27.37
CA TYR F 49 -12.73 -15.14 27.97
C TYR F 49 -13.25 -15.28 29.39
N VAL F 50 -13.48 -16.46 29.93
CA VAL F 50 -13.83 -16.53 31.39
C VAL F 50 -13.35 -17.86 31.90
N ALA F 51 -12.04 -18.10 31.83
CA ALA F 51 -11.41 -19.36 32.28
C ALA F 51 -11.78 -20.56 31.41
N SER F 52 -12.80 -20.48 30.56
CA SER F 52 -13.28 -21.68 29.83
C SER F 52 -14.01 -21.29 28.56
N SER F 53 -14.11 -20.00 28.27
CA SER F 53 -14.97 -19.61 27.13
C SER F 53 -14.20 -19.20 25.88
N LEU F 54 -14.57 -19.77 24.74
CA LEU F 54 -13.86 -19.52 23.48
C LEU F 54 -14.42 -18.29 22.80
N GLN F 55 -13.58 -17.27 22.64
CA GLN F 55 -13.97 -16.11 21.86
C GLN F 55 -14.24 -16.53 20.42
N SER F 56 -15.24 -15.92 19.81
CA SER F 56 -15.56 -16.23 18.42
C SER F 56 -14.37 -15.94 17.52
N GLY F 57 -14.06 -16.90 16.64
CA GLY F 57 -12.93 -16.80 15.75
C GLY F 57 -11.70 -17.57 16.21
N VAL F 58 -11.62 -17.89 17.49
CA VAL F 58 -10.50 -18.70 17.99
C VAL F 58 -10.74 -20.16 17.61
N PRO F 59 -9.77 -20.84 17.01
CA PRO F 59 -9.95 -22.24 16.63
C PRO F 59 -10.23 -23.13 17.83
N SER F 60 -10.83 -24.29 17.55
CA SER F 60 -11.36 -25.16 18.59
C SER F 60 -10.28 -25.82 19.44
N ARG F 61 -9.02 -25.80 18.99
CA ARG F 61 -7.97 -26.48 19.75
C ARG F 61 -7.74 -25.82 21.11
N PHE F 62 -7.81 -24.50 21.16
CA PHE F 62 -7.62 -23.78 22.42
C PHE F 62 -8.77 -24.06 23.38
N SER F 63 -8.43 -24.30 24.64
CA SER F 63 -9.43 -24.48 25.69
C SER F 63 -8.79 -24.16 27.04
N GLY F 64 -9.63 -23.67 27.95
CA GLY F 64 -9.17 -23.35 29.29
C GLY F 64 -10.05 -24.00 30.34
N SER F 65 -9.51 -24.10 31.55
CA SER F 65 -10.24 -24.67 32.66
C SER F 65 -9.66 -24.16 33.96
N GLY F 66 -10.33 -24.48 35.05
CA GLY F 66 -9.89 -24.11 36.38
C GLY F 66 -10.69 -22.95 36.97
N SER F 67 -10.69 -22.88 38.30
CA SER F 67 -11.25 -21.75 39.01
C SER F 67 -10.53 -21.63 40.35
N GLY F 68 -10.61 -20.43 40.94
CA GLY F 68 -9.92 -20.18 42.19
C GLY F 68 -8.55 -19.55 41.99
N THR F 69 -7.49 -20.36 42.06
CA THR F 69 -6.14 -19.87 41.87
C THR F 69 -5.33 -20.62 40.82
N ASP F 70 -5.79 -21.79 40.37
CA ASP F 70 -5.06 -22.58 39.39
C ASP F 70 -5.86 -22.65 38.10
N PHE F 71 -5.25 -22.22 37.00
CA PHE F 71 -5.87 -22.21 35.68
C PHE F 71 -4.90 -22.77 34.66
N THR F 72 -5.45 -23.40 33.62
CA THR F 72 -4.65 -23.97 32.54
C THR F 72 -5.23 -23.57 31.19
N LEU F 73 -4.34 -23.28 30.25
CA LEU F 73 -4.69 -23.10 28.84
C LEU F 73 -4.10 -24.26 28.06
N THR F 74 -4.93 -24.92 27.26
CA THR F 74 -4.55 -26.17 26.60
C THR F 74 -4.80 -26.09 25.10
N ILE F 75 -3.80 -26.47 24.32
CA ILE F 75 -3.92 -26.60 22.87
C ILE F 75 -3.81 -28.08 22.54
N SER F 76 -4.86 -28.64 21.93
CA SER F 76 -4.89 -30.07 21.66
C SER F 76 -3.87 -30.44 20.58
N SER F 77 -3.88 -29.73 19.46
CA SER F 77 -2.99 -30.01 18.32
C SER F 77 -2.39 -28.69 17.87
N LEU F 78 -1.14 -28.44 18.25
CA LEU F 78 -0.50 -27.16 17.95
C LEU F 78 -0.31 -26.98 16.45
N GLN F 79 -0.34 -25.74 16.02
CA GLN F 79 -0.30 -25.31 14.63
C GLN F 79 0.82 -24.29 14.45
N PRO F 80 1.36 -24.13 13.24
CA PRO F 80 2.47 -23.17 13.06
C PRO F 80 2.12 -21.78 13.53
N GLU F 81 0.87 -21.38 13.27
CA GLU F 81 0.35 -20.07 13.62
C GLU F 81 0.04 -19.96 15.12
N ASP F 82 0.29 -21.02 15.90
CA ASP F 82 0.11 -21.02 17.35
C ASP F 82 1.42 -20.75 18.10
N PHE F 83 2.48 -20.32 17.42
CA PHE F 83 3.77 -20.08 18.05
C PHE F 83 3.85 -18.60 18.43
N ALA F 84 3.63 -18.31 19.71
CA ALA F 84 3.63 -16.94 20.21
C ALA F 84 3.80 -16.97 21.73
N THR F 85 3.58 -15.81 22.36
CA THR F 85 3.62 -15.69 23.80
C THR F 85 2.20 -15.55 24.33
N TYR F 86 1.92 -16.23 25.45
CA TYR F 86 0.57 -16.31 26.00
C TYR F 86 0.55 -15.67 27.39
N TYR F 87 -0.32 -14.67 27.56
CA TYR F 87 -0.50 -13.98 28.82
C TYR F 87 -1.87 -14.27 29.41
N CYS F 88 -1.93 -14.51 30.71
CA CYS F 88 -3.18 -14.62 31.43
C CYS F 88 -3.42 -13.35 32.25
N GLN F 89 -4.69 -12.99 32.38
CA GLN F 89 -5.07 -11.73 33.04
C GLN F 89 -6.31 -11.96 33.89
N GLN F 90 -6.28 -11.48 35.13
CA GLN F 90 -7.43 -11.54 36.00
C GLN F 90 -8.26 -10.27 35.85
N SER F 91 -9.58 -10.42 35.95
CA SER F 91 -10.50 -9.29 35.93
C SER F 91 -11.36 -9.23 37.18
N TYR F 92 -10.93 -9.90 38.26
CA TYR F 92 -11.73 -9.97 39.48
C TYR F 92 -11.66 -8.67 40.28
N SER F 93 -10.54 -7.96 40.22
CA SER F 93 -10.37 -6.74 41.00
C SER F 93 -9.45 -5.79 40.28
N THR F 94 -9.57 -4.52 40.62
CA THR F 94 -8.71 -3.47 40.11
C THR F 94 -7.62 -3.14 41.13
N PRO F 95 -6.39 -2.84 40.70
CA PRO F 95 -5.97 -2.83 39.29
C PRO F 95 -5.82 -4.23 38.68
N PHE F 96 -6.13 -4.33 37.40
CA PHE F 96 -5.99 -5.61 36.69
C PHE F 96 -4.51 -5.98 36.58
N THR F 97 -4.23 -7.27 36.69
CA THR F 97 -2.86 -7.78 36.65
C THR F 97 -2.75 -8.88 35.62
N PHE F 98 -1.64 -8.87 34.87
CA PHE F 98 -1.33 -9.87 33.88
C PHE F 98 -0.30 -10.86 34.41
N GLY F 99 -0.19 -11.99 33.73
CA GLY F 99 0.89 -12.92 33.96
C GLY F 99 2.15 -12.45 33.26
N PRO F 100 3.30 -12.96 33.69
CA PRO F 100 4.57 -12.56 33.04
C PRO F 100 4.71 -13.07 31.61
N GLY F 101 3.86 -13.98 31.18
CA GLY F 101 3.90 -14.47 29.82
C GLY F 101 4.56 -15.84 29.72
N THR F 102 4.15 -16.60 28.72
CA THR F 102 4.72 -17.92 28.42
C THR F 102 5.00 -18.00 26.93
N LYS F 103 6.26 -18.18 26.57
CA LYS F 103 6.65 -18.23 25.17
C LYS F 103 6.66 -19.68 24.67
N VAL F 104 6.09 -19.89 23.49
CA VAL F 104 6.05 -21.19 22.84
C VAL F 104 6.80 -21.06 21.52
N ASP F 105 7.83 -21.88 21.34
CA ASP F 105 8.68 -21.79 20.16
C ASP F 105 8.86 -23.19 19.56
N ILE F 106 9.31 -23.22 18.31
CA ILE F 106 9.41 -24.49 17.58
C ILE F 106 10.49 -25.35 18.23
N LYS F 107 10.19 -26.64 18.40
CA LYS F 107 11.17 -27.55 18.97
C LYS F 107 12.20 -27.96 17.92
N ARG F 108 13.47 -27.98 18.32
CA ARG F 108 14.60 -28.33 17.49
C ARG F 108 15.50 -29.29 18.26
N THR F 109 16.39 -29.96 17.54
CA THR F 109 17.51 -30.67 18.17
C THR F 109 18.63 -29.70 18.53
N VAL F 110 19.33 -30.04 19.62
CA VAL F 110 20.29 -29.12 20.25
C VAL F 110 21.41 -28.78 19.28
N ALA F 111 21.56 -27.50 18.98
CA ALA F 111 22.63 -27.00 18.12
C ALA F 111 23.53 -26.06 18.93
N ALA F 112 24.83 -26.36 18.93
CA ALA F 112 25.78 -25.54 19.68
C ALA F 112 26.00 -24.19 18.98
N PRO F 113 26.31 -23.14 19.73
CA PRO F 113 26.57 -21.84 19.11
C PRO F 113 27.92 -21.79 18.43
N SER F 114 27.98 -21.00 17.37
CA SER F 114 29.24 -20.67 16.69
C SER F 114 29.67 -19.30 17.18
N VAL F 115 30.83 -19.24 17.84
CA VAL F 115 31.24 -18.07 18.62
C VAL F 115 32.31 -17.30 17.87
N PHE F 116 32.15 -15.98 17.82
CA PHE F 116 33.15 -15.07 17.28
C PHE F 116 33.32 -13.89 18.23
N ILE F 117 34.55 -13.36 18.28
CA ILE F 117 34.85 -12.16 19.06
C ILE F 117 35.33 -11.08 18.10
N PHE F 118 34.98 -9.84 18.39
CA PHE F 118 35.35 -8.70 17.56
C PHE F 118 36.03 -7.64 18.41
N PRO F 119 37.32 -7.40 18.24
CA PRO F 119 37.99 -6.30 18.95
C PRO F 119 37.46 -4.96 18.47
N PRO F 120 37.59 -3.91 19.28
CA PRO F 120 37.13 -2.59 18.85
C PRO F 120 37.86 -2.12 17.60
N SER F 121 37.14 -1.45 16.72
CA SER F 121 37.76 -0.86 15.54
C SER F 121 38.73 0.23 15.94
N ASP F 122 39.74 0.45 15.09
CA ASP F 122 40.64 1.57 15.31
C ASP F 122 39.92 2.90 15.13
N GLU F 123 38.87 2.93 14.29
CA GLU F 123 38.09 4.15 14.12
C GLU F 123 37.38 4.54 15.41
N GLN F 124 36.83 3.54 16.13
CA GLN F 124 36.14 3.84 17.38
C GLN F 124 37.12 4.25 18.48
N LEU F 125 38.33 3.68 18.48
CA LEU F 125 39.30 4.01 19.52
C LEU F 125 39.72 5.48 19.44
N LYS F 126 39.71 6.08 18.25
CA LYS F 126 39.98 7.50 18.14
C LYS F 126 38.98 8.31 18.93
N SER F 127 37.70 7.94 18.86
CA SER F 127 36.64 8.71 19.51
C SER F 127 36.71 8.66 21.03
N GLY F 128 37.40 7.67 21.60
CA GLY F 128 37.62 7.63 23.02
C GLY F 128 36.88 6.56 23.79
N THR F 129 36.19 5.64 23.12
CA THR F 129 35.52 4.52 23.78
C THR F 129 35.82 3.24 23.02
N ALA F 130 35.81 2.12 23.73
CA ALA F 130 36.11 0.81 23.17
C ALA F 130 34.95 -0.13 23.39
N SER F 131 34.51 -0.79 22.33
CA SER F 131 33.43 -1.76 22.38
C SER F 131 33.94 -3.10 21.86
N VAL F 132 33.77 -4.14 22.67
CA VAL F 132 34.17 -5.50 22.31
C VAL F 132 32.89 -6.31 22.16
N VAL F 133 32.70 -6.93 21.00
CA VAL F 133 31.45 -7.60 20.65
C VAL F 133 31.72 -9.10 20.54
N CYS F 134 30.88 -9.90 21.20
CA CYS F 134 30.91 -11.35 21.11
C CYS F 134 29.62 -11.83 20.47
N LEU F 135 29.74 -12.71 19.47
CA LEU F 135 28.61 -13.15 18.68
C LEU F 135 28.40 -14.65 18.87
N LEU F 136 27.20 -15.03 19.29
CA LEU F 136 26.76 -16.42 19.33
C LEU F 136 25.75 -16.59 18.19
N ASN F 137 26.10 -17.40 17.20
CA ASN F 137 25.36 -17.47 15.95
C ASN F 137 24.69 -18.83 15.80
N ASN F 138 23.37 -18.81 15.57
CA ASN F 138 22.60 -19.97 15.10
C ASN F 138 22.73 -21.16 16.07
N PHE F 139 22.20 -20.95 17.27
CA PHE F 139 22.16 -22.00 18.28
C PHE F 139 20.71 -22.26 18.70
N TYR F 140 20.53 -23.36 19.45
CA TYR F 140 19.25 -23.74 20.05
C TYR F 140 19.53 -24.64 21.24
N PRO F 141 18.84 -24.45 22.37
CA PRO F 141 17.83 -23.42 22.67
C PRO F 141 18.42 -22.05 23.00
N ARG F 142 17.55 -21.07 23.24
CA ARG F 142 18.01 -19.72 23.54
C ARG F 142 18.82 -19.65 24.83
N GLU F 143 18.53 -20.53 25.80
CA GLU F 143 19.20 -20.48 27.09
C GLU F 143 20.71 -20.57 26.93
N ALA F 144 21.41 -19.48 27.22
CA ALA F 144 22.84 -19.39 27.01
C ALA F 144 23.41 -18.31 27.92
N LYS F 145 24.62 -18.54 28.41
CA LYS F 145 25.30 -17.63 29.33
C LYS F 145 26.61 -17.18 28.73
N VAL F 146 26.89 -15.88 28.80
CA VAL F 146 28.13 -15.30 28.31
C VAL F 146 28.83 -14.60 29.47
N GLN F 147 30.09 -14.94 29.70
CA GLN F 147 30.94 -14.31 30.70
C GLN F 147 32.07 -13.58 30.01
N TRP F 148 32.29 -12.33 30.39
CA TRP F 148 33.40 -11.55 29.88
C TRP F 148 34.55 -11.59 30.88
N LYS F 149 35.74 -11.96 30.41
CA LYS F 149 36.94 -11.97 31.23
C LYS F 149 37.98 -11.09 30.56
N VAL F 150 38.56 -10.17 31.33
CA VAL F 150 39.61 -9.28 30.87
C VAL F 150 40.84 -9.55 31.73
N ASP F 151 41.88 -10.10 31.12
CA ASP F 151 43.06 -10.59 31.84
C ASP F 151 42.63 -11.50 32.99
N ASN F 152 41.76 -12.44 32.67
CA ASN F 152 41.21 -13.46 33.57
C ASN F 152 40.32 -12.87 34.65
N ALA F 153 40.18 -11.55 34.72
CA ALA F 153 39.29 -10.93 35.69
C ALA F 153 37.87 -10.96 35.16
N LEU F 154 36.96 -11.51 35.96
CA LEU F 154 35.57 -11.60 35.55
C LEU F 154 34.92 -10.22 35.56
N GLN F 155 34.24 -9.88 34.47
CA GLN F 155 33.60 -8.59 34.30
C GLN F 155 32.12 -8.68 34.67
N SER F 156 31.65 -7.70 35.44
CA SER F 156 30.24 -7.61 35.78
C SER F 156 29.79 -6.15 35.69
N GLY F 157 28.59 -5.94 35.14
CA GLY F 157 28.00 -4.63 35.07
C GLY F 157 28.48 -3.74 33.96
N ASN F 158 29.26 -4.26 33.01
CA ASN F 158 29.73 -3.45 31.89
C ASN F 158 29.49 -4.14 30.55
N SER F 159 28.50 -5.04 30.48
CA SER F 159 28.15 -5.70 29.23
C SER F 159 26.63 -5.70 29.08
N GLN F 160 26.18 -5.80 27.82
CA GLN F 160 24.77 -5.84 27.50
C GLN F 160 24.52 -6.88 26.43
N GLU F 161 23.39 -7.58 26.53
CA GLU F 161 23.05 -8.68 25.64
C GLU F 161 21.80 -8.36 24.84
N SER F 162 21.77 -8.89 23.61
CA SER F 162 20.61 -8.81 22.75
C SER F 162 20.48 -10.14 22.01
N VAL F 163 19.25 -10.60 21.82
CA VAL F 163 18.97 -11.87 21.17
C VAL F 163 17.92 -11.66 20.09
N THR F 164 18.11 -12.30 18.94
CA THR F 164 17.16 -12.20 17.86
C THR F 164 15.97 -13.13 18.10
N GLU F 165 14.89 -12.89 17.35
CA GLU F 165 13.78 -13.83 17.34
C GLU F 165 14.19 -15.09 16.61
N GLN F 166 13.48 -16.18 16.89
CA GLN F 166 13.77 -17.47 16.29
C GLN F 166 13.76 -17.36 14.77
N ASP F 167 14.81 -17.89 14.14
CA ASP F 167 14.94 -17.76 12.69
C ASP F 167 13.86 -18.57 11.97
N SER F 168 13.33 -18.00 10.89
CA SER F 168 12.23 -18.63 10.18
C SER F 168 12.63 -19.89 9.45
N LYS F 169 13.93 -20.12 9.24
CA LYS F 169 14.39 -21.20 8.39
C LYS F 169 14.98 -22.38 9.16
N ASP F 170 15.97 -22.14 10.01
CA ASP F 170 16.55 -23.21 10.82
C ASP F 170 16.06 -23.20 12.26
N SER F 171 15.19 -22.25 12.62
CA SER F 171 14.63 -22.15 13.97
C SER F 171 15.74 -22.06 15.04
N THR F 172 16.75 -21.26 14.75
CA THR F 172 17.85 -21.03 15.69
C THR F 172 17.77 -19.62 16.24
N TYR F 173 18.57 -19.38 17.28
CA TYR F 173 18.68 -18.07 17.90
C TYR F 173 20.10 -17.55 17.72
N SER F 174 20.26 -16.24 17.88
CA SER F 174 21.56 -15.62 17.85
C SER F 174 21.64 -14.56 18.93
N LEU F 175 22.85 -14.38 19.48
CA LEU F 175 23.06 -13.48 20.60
C LEU F 175 24.25 -12.57 20.31
N SER F 176 24.11 -11.29 20.64
CA SER F 176 25.21 -10.34 20.66
C SER F 176 25.42 -9.86 22.09
N SER F 177 26.63 -10.02 22.59
CA SER F 177 27.04 -9.42 23.85
C SER F 177 28.09 -8.37 23.56
N THR F 178 27.87 -7.16 24.07
CA THR F 178 28.78 -6.05 23.86
C THR F 178 29.37 -5.64 25.20
N LEU F 179 30.70 -5.69 25.29
CA LEU F 179 31.44 -5.26 26.47
C LEU F 179 32.00 -3.87 26.21
N THR F 180 31.68 -2.93 27.09
CA THR F 180 31.97 -1.52 26.87
C THR F 180 32.95 -1.03 27.92
N LEU F 181 34.08 -0.47 27.48
CA LEU F 181 35.06 0.06 28.41
C LEU F 181 35.49 1.42 27.89
N SER F 182 35.95 2.28 28.80
CA SER F 182 36.63 3.48 28.36
C SER F 182 37.90 3.11 27.60
N LYS F 183 38.27 3.95 26.63
CA LYS F 183 39.56 3.90 25.96
C LYS F 183 40.68 3.67 26.97
N ALA F 184 40.64 4.42 28.07
CA ALA F 184 41.70 4.38 29.07
C ALA F 184 41.86 2.99 29.66
N ASP F 185 40.74 2.39 30.07
CA ASP F 185 40.80 1.05 30.64
C ASP F 185 41.15 0.01 29.58
N TYR F 186 40.73 0.22 28.32
CA TYR F 186 41.04 -0.74 27.27
C TYR F 186 42.53 -0.81 26.98
N GLU F 187 43.25 0.31 27.16
CA GLU F 187 44.69 0.30 26.94
C GLU F 187 45.44 -0.43 28.05
N LYS F 188 44.80 -0.65 29.19
CA LYS F 188 45.48 -1.15 30.39
C LYS F 188 45.57 -2.67 30.45
N HIS F 189 44.96 -3.39 29.51
CA HIS F 189 44.83 -4.84 29.64
C HIS F 189 45.13 -5.51 28.31
N LYS F 190 45.60 -6.76 28.39
CA LYS F 190 46.11 -7.47 27.21
C LYS F 190 45.12 -8.48 26.64
N VAL F 191 44.56 -9.37 27.46
CA VAL F 191 43.75 -10.47 26.98
C VAL F 191 42.28 -10.17 27.24
N TYR F 192 41.49 -10.14 26.17
CA TYR F 192 40.04 -9.98 26.24
C TYR F 192 39.39 -11.27 25.77
N ALA F 193 38.58 -11.88 26.63
CA ALA F 193 38.06 -13.22 26.39
C ALA F 193 36.54 -13.23 26.56
N CYS F 194 35.88 -13.96 25.67
CA CYS F 194 34.43 -14.20 25.74
C CYS F 194 34.20 -15.69 25.98
N GLU F 195 33.52 -16.03 27.07
CA GLU F 195 33.30 -17.41 27.48
C GLU F 195 31.81 -17.74 27.35
N VAL F 196 31.53 -18.85 26.67
CA VAL F 196 30.16 -19.20 26.28
C VAL F 196 29.80 -20.55 26.88
N THR F 197 28.67 -20.59 27.58
CA THR F 197 28.10 -21.83 28.11
C THR F 197 26.78 -22.10 27.41
N HIS F 198 26.63 -23.32 26.88
CA HIS F 198 25.41 -23.69 26.19
C HIS F 198 25.21 -25.20 26.29
N GLN F 199 23.95 -25.62 26.12
CA GLN F 199 23.63 -27.04 26.23
C GLN F 199 24.33 -27.85 25.15
N GLY F 200 24.42 -27.31 23.94
CA GLY F 200 25.10 -27.98 22.85
C GLY F 200 26.61 -27.98 22.95
N LEU F 201 27.17 -27.37 23.99
CA LEU F 201 28.60 -27.37 24.24
C LEU F 201 28.87 -28.26 25.45
N SER F 202 29.71 -29.27 25.26
CA SER F 202 30.08 -30.14 26.38
C SER F 202 30.82 -29.36 27.45
N SER F 203 31.75 -28.50 27.04
CA SER F 203 32.51 -27.64 27.91
C SER F 203 32.35 -26.19 27.44
N PRO F 204 32.45 -25.23 28.36
CA PRO F 204 32.43 -23.83 27.93
C PRO F 204 33.52 -23.55 26.92
N VAL F 205 33.14 -22.90 25.81
CA VAL F 205 34.07 -22.53 24.76
C VAL F 205 34.48 -21.07 24.99
N THR F 206 35.74 -20.76 24.68
CA THR F 206 36.26 -19.42 24.87
C THR F 206 36.85 -18.93 23.56
N LYS F 207 36.46 -17.72 23.16
CA LYS F 207 37.09 -16.99 22.08
C LYS F 207 37.75 -15.75 22.66
N SER F 208 39.04 -15.58 22.38
CA SER F 208 39.80 -14.49 22.97
C SER F 208 40.77 -13.93 21.95
N PHE F 209 41.28 -12.73 22.25
CA PHE F 209 42.29 -12.09 21.43
C PHE F 209 43.21 -11.29 22.32
N ASN F 210 44.41 -11.04 21.82
CA ASN F 210 45.39 -10.20 22.52
C ASN F 210 45.41 -8.83 21.86
N ARG F 211 45.22 -7.79 22.66
CA ARG F 211 45.17 -6.43 22.15
C ARG F 211 46.46 -6.09 21.42
N GLY F 212 46.33 -5.57 20.19
CA GLY F 212 47.46 -5.17 19.39
C GLY F 212 48.05 -6.24 18.50
N GLU F 213 47.49 -7.45 18.48
CA GLU F 213 48.04 -8.54 17.70
C GLU F 213 46.97 -9.11 16.77
N CYS F 214 47.33 -10.20 16.09
CA CYS F 214 46.40 -10.94 15.25
C CYS F 214 46.42 -12.42 15.59
N ASN G 16 -36.81 26.84 -15.98
CA ASN G 16 -35.98 27.63 -16.86
C ASN G 16 -35.77 26.91 -18.20
N LEU G 17 -34.88 27.46 -19.02
CA LEU G 17 -34.44 26.82 -20.25
C LEU G 17 -32.92 26.80 -20.28
N CYS G 18 -32.37 26.05 -21.21
CA CYS G 18 -30.93 25.98 -21.36
C CYS G 18 -30.44 26.80 -22.55
N PRO G 19 -29.18 27.24 -22.51
CA PRO G 19 -28.67 28.17 -23.53
C PRO G 19 -28.40 27.55 -24.89
N PHE G 20 -29.00 26.40 -25.17
CA PHE G 20 -28.95 25.78 -26.51
C PHE G 20 -29.12 26.84 -27.60
N GLY G 21 -29.97 27.83 -27.35
CA GLY G 21 -30.14 28.92 -28.30
C GLY G 21 -28.89 29.74 -28.51
N GLU G 22 -28.09 29.94 -27.47
CA GLU G 22 -26.92 30.80 -27.54
C GLU G 22 -25.62 30.06 -27.84
N VAL G 23 -25.67 28.74 -28.01
CA VAL G 23 -24.53 27.95 -28.45
C VAL G 23 -24.62 27.59 -29.93
N PHE G 24 -25.79 27.16 -30.40
CA PHE G 24 -25.96 26.86 -31.82
C PHE G 24 -26.04 28.13 -32.65
N ASN G 25 -26.81 29.12 -32.19
CA ASN G 25 -26.94 30.40 -32.88
C ASN G 25 -25.87 31.39 -32.45
N ALA G 26 -24.73 30.89 -31.98
CA ALA G 26 -23.65 31.76 -31.52
C ALA G 26 -23.11 32.60 -32.66
N THR G 27 -22.76 33.85 -32.34
CA THR G 27 -22.23 34.79 -33.32
C THR G 27 -20.99 34.25 -34.03
N LYS G 28 -19.96 33.84 -33.28
CA LYS G 28 -18.76 33.32 -33.91
C LYS G 28 -18.27 32.10 -33.16
N PHE G 29 -17.74 31.15 -33.91
CA PHE G 29 -17.25 29.86 -33.41
C PHE G 29 -15.74 29.87 -33.32
N PRO G 30 -15.16 29.03 -32.47
CA PRO G 30 -13.71 28.96 -32.37
C PRO G 30 -13.12 27.97 -33.37
N SER G 31 -11.80 28.01 -33.49
CA SER G 31 -11.09 26.95 -34.19
C SER G 31 -11.05 25.70 -33.33
N VAL G 32 -11.19 24.53 -33.97
CA VAL G 32 -10.85 23.31 -33.28
C VAL G 32 -9.33 23.36 -33.00
N TYR G 33 -8.93 22.71 -31.90
CA TYR G 33 -7.75 22.89 -31.06
C TYR G 33 -7.98 23.99 -30.02
N ALA G 34 -9.03 24.79 -30.15
CA ALA G 34 -9.38 25.80 -29.18
C ALA G 34 -10.84 25.67 -28.82
N TRP G 35 -11.37 24.46 -28.96
CA TRP G 35 -12.80 24.23 -28.89
C TRP G 35 -13.35 24.65 -27.55
N GLU G 36 -14.55 25.23 -27.57
CA GLU G 36 -15.16 25.80 -26.39
C GLU G 36 -16.02 24.76 -25.69
N ARG G 37 -15.90 24.69 -24.38
CA ARG G 37 -16.63 23.75 -23.54
C ARG G 37 -17.66 24.53 -22.73
N LYS G 38 -18.89 24.05 -22.75
CA LYS G 38 -19.99 24.79 -22.16
C LYS G 38 -20.64 23.96 -21.07
N LYS G 39 -20.61 24.45 -19.84
CA LYS G 39 -21.34 23.77 -18.78
C LYS G 39 -22.81 24.16 -18.83
N ILE G 40 -23.67 23.15 -18.83
CA ILE G 40 -25.11 23.33 -18.90
C ILE G 40 -25.73 22.57 -17.74
N SER G 41 -26.34 23.31 -16.80
CA SER G 41 -26.85 22.73 -15.57
C SER G 41 -28.06 23.55 -15.12
N ASN G 42 -28.96 22.88 -14.41
CA ASN G 42 -30.10 23.53 -13.76
C ASN G 42 -31.02 24.22 -14.76
N CYS G 43 -31.59 23.45 -15.69
CA CYS G 43 -32.68 23.97 -16.51
C CYS G 43 -33.59 22.82 -16.91
N VAL G 44 -34.42 23.07 -17.91
CA VAL G 44 -35.16 22.04 -18.64
C VAL G 44 -34.73 22.10 -20.10
N ALA G 45 -34.34 20.96 -20.66
CA ALA G 45 -33.77 20.91 -22.00
C ALA G 45 -34.86 20.53 -23.01
N ASP G 46 -35.09 21.41 -23.98
CA ASP G 46 -36.01 21.16 -25.07
C ASP G 46 -35.18 20.91 -26.33
N TYR G 47 -35.12 19.64 -26.76
CA TYR G 47 -34.36 19.25 -27.93
C TYR G 47 -35.16 19.31 -29.21
N SER G 48 -36.43 19.75 -29.14
CA SER G 48 -37.24 19.85 -30.34
C SER G 48 -36.64 20.81 -31.35
N VAL G 49 -35.94 21.84 -30.86
CA VAL G 49 -35.30 22.80 -31.74
C VAL G 49 -34.21 22.18 -32.61
N LEU G 50 -33.82 20.92 -32.36
CA LEU G 50 -32.72 20.34 -33.10
C LEU G 50 -33.16 19.21 -34.02
N TYR G 51 -34.44 18.83 -34.01
CA TYR G 51 -34.99 17.90 -34.98
C TYR G 51 -35.29 18.58 -36.32
N PHE G 55 -31.28 21.67 -42.01
CA PHE G 55 -30.38 22.59 -41.34
C PHE G 55 -29.10 21.89 -40.89
N PHE G 56 -29.24 20.79 -40.14
CA PHE G 56 -28.09 20.03 -39.67
C PHE G 56 -27.73 18.95 -40.69
N SER G 57 -26.53 19.05 -41.26
CA SER G 57 -26.09 18.06 -42.23
C SER G 57 -25.78 16.72 -41.57
N THR G 58 -25.27 16.75 -40.34
CA THR G 58 -24.97 15.54 -39.59
C THR G 58 -25.67 15.62 -38.24
N PHE G 59 -26.32 14.54 -37.84
CA PHE G 59 -26.90 14.48 -36.49
C PHE G 59 -26.88 13.00 -36.07
N LYS G 60 -25.78 12.60 -35.43
CA LYS G 60 -25.54 11.23 -35.03
C LYS G 60 -25.36 11.20 -33.52
N CYS G 61 -26.09 10.30 -32.86
CA CYS G 61 -26.01 10.14 -31.42
C CYS G 61 -25.46 8.76 -31.10
N TYR G 62 -24.64 8.68 -30.06
CA TYR G 62 -23.99 7.44 -29.65
C TYR G 62 -24.40 7.12 -28.23
N GLY G 63 -24.86 5.88 -28.01
CA GLY G 63 -25.29 5.45 -26.70
C GLY G 63 -26.68 5.90 -26.31
N VAL G 64 -27.31 6.77 -27.10
CA VAL G 64 -28.69 7.20 -26.92
C VAL G 64 -29.36 7.36 -28.28
N SER G 65 -30.69 7.38 -28.25
CA SER G 65 -31.50 7.58 -29.44
C SER G 65 -31.96 9.03 -29.48
N ALA G 66 -31.73 9.70 -30.61
CA ALA G 66 -32.00 11.13 -30.72
C ALA G 66 -33.47 11.45 -30.47
N THR G 67 -34.37 10.54 -30.83
CA THR G 67 -35.80 10.81 -30.76
C THR G 67 -36.36 10.79 -29.33
N LYS G 68 -35.59 10.32 -28.36
CA LYS G 68 -36.10 10.16 -27.00
C LYS G 68 -35.19 10.88 -26.00
N LEU G 69 -34.63 12.02 -26.40
CA LEU G 69 -33.83 12.81 -25.47
C LEU G 69 -34.69 13.52 -24.44
N ASN G 70 -35.92 13.90 -24.81
CA ASN G 70 -36.81 14.63 -23.92
C ASN G 70 -37.28 13.79 -22.74
N ASP G 71 -37.07 12.47 -22.76
CA ASP G 71 -37.47 11.59 -21.67
C ASP G 71 -36.37 11.37 -20.64
N LEU G 72 -35.18 11.94 -20.84
CA LEU G 72 -34.01 11.59 -20.06
C LEU G 72 -33.61 12.71 -19.09
N CYS G 73 -32.80 12.33 -18.11
CA CYS G 73 -32.28 13.24 -17.11
C CYS G 73 -30.78 12.98 -16.93
N PHE G 74 -30.01 14.05 -16.74
CA PHE G 74 -28.56 13.93 -16.72
C PHE G 74 -27.97 14.83 -15.63
N SER G 75 -26.75 14.49 -15.21
CA SER G 75 -26.10 15.24 -14.15
C SER G 75 -25.64 16.60 -14.64
N ASN G 76 -24.71 16.67 -15.60
CA ASN G 76 -24.56 17.90 -16.33
C ASN G 76 -24.54 17.58 -17.83
N VAL G 77 -24.72 18.61 -18.64
CA VAL G 77 -24.57 18.52 -20.09
C VAL G 77 -23.46 19.48 -20.52
N TYR G 78 -22.63 19.03 -21.46
CA TYR G 78 -21.55 19.83 -22.00
C TYR G 78 -21.75 20.01 -23.50
N ALA G 79 -21.55 21.24 -23.99
CA ALA G 79 -21.71 21.57 -25.40
C ALA G 79 -20.40 22.10 -25.95
N ASP G 80 -19.86 21.45 -26.98
CA ASP G 80 -18.57 21.77 -27.56
C ASP G 80 -18.77 22.43 -28.92
N SER G 81 -18.09 23.55 -29.14
CA SER G 81 -18.24 24.34 -30.36
C SER G 81 -16.89 24.43 -31.06
N PHE G 82 -16.88 24.21 -32.38
CA PHE G 82 -15.69 24.43 -33.21
C PHE G 82 -16.10 24.36 -34.67
N VAL G 83 -15.16 24.72 -35.54
CA VAL G 83 -15.36 24.75 -36.98
C VAL G 83 -14.32 23.83 -37.63
N VAL G 84 -14.78 22.95 -38.51
CA VAL G 84 -13.89 22.08 -39.28
C VAL G 84 -14.29 22.11 -40.75
N LYS G 85 -13.35 21.71 -41.59
CA LYS G 85 -13.64 21.47 -42.99
C LYS G 85 -14.69 20.37 -43.12
N GLY G 86 -15.46 20.43 -44.21
CA GLY G 86 -16.54 19.46 -44.40
C GLY G 86 -16.05 18.02 -44.38
N ASP G 87 -14.95 17.74 -45.07
CA ASP G 87 -14.43 16.38 -45.11
C ASP G 87 -13.97 15.90 -43.74
N ASP G 88 -13.79 16.80 -42.78
CA ASP G 88 -13.26 16.45 -41.47
C ASP G 88 -14.35 16.21 -40.42
N VAL G 89 -15.63 16.26 -40.81
CA VAL G 89 -16.69 15.95 -39.84
C VAL G 89 -16.71 14.46 -39.53
N ARG G 90 -16.26 13.63 -40.47
CA ARG G 90 -16.20 12.18 -40.23
C ARG G 90 -15.29 11.84 -39.07
N GLN G 91 -14.38 12.74 -38.70
CA GLN G 91 -13.45 12.52 -37.59
C GLN G 91 -14.03 12.91 -36.24
N ILE G 92 -15.14 13.64 -36.21
CA ILE G 92 -15.79 13.99 -34.93
C ILE G 92 -16.73 12.83 -34.61
N ALA G 93 -16.14 11.75 -34.09
CA ALA G 93 -16.82 10.49 -33.83
C ALA G 93 -15.87 9.55 -33.10
N PRO G 94 -16.38 8.66 -32.25
CA PRO G 94 -15.48 7.73 -31.54
C PRO G 94 -14.74 6.83 -32.50
N GLY G 95 -13.51 6.48 -32.11
CA GLY G 95 -12.71 5.56 -32.92
C GLY G 95 -12.34 6.09 -34.29
N GLN G 96 -11.94 7.37 -34.37
CA GLN G 96 -11.50 7.97 -35.62
C GLN G 96 -10.03 8.35 -35.49
N THR G 97 -9.31 8.31 -36.63
CA THR G 97 -7.86 8.31 -36.62
C THR G 97 -7.24 9.47 -37.42
N GLY G 98 -8.03 10.48 -37.75
CA GLY G 98 -7.54 11.55 -38.60
C GLY G 98 -6.67 12.56 -37.88
N VAL G 99 -6.30 13.61 -38.62
CA VAL G 99 -5.50 14.69 -38.05
C VAL G 99 -6.29 15.43 -36.99
N ILE G 100 -7.56 15.72 -37.26
CA ILE G 100 -8.41 16.41 -36.27
C ILE G 100 -8.64 15.52 -35.06
N ALA G 101 -8.91 14.23 -35.28
CA ALA G 101 -9.22 13.34 -34.16
C ALA G 101 -7.99 13.08 -33.30
N ASP G 102 -6.81 12.93 -33.91
CA ASP G 102 -5.62 12.60 -33.14
C ASP G 102 -5.11 13.81 -32.35
N TYR G 103 -5.17 15.00 -32.94
CA TYR G 103 -4.44 16.15 -32.41
C TYR G 103 -5.29 17.32 -31.96
N ASN G 104 -6.58 17.36 -32.28
CA ASN G 104 -7.39 18.54 -32.01
C ASN G 104 -8.57 18.28 -31.08
N TYR G 105 -9.38 17.26 -31.38
CA TYR G 105 -10.60 17.02 -30.61
C TYR G 105 -10.94 15.55 -30.71
N LYS G 106 -10.82 14.83 -29.59
CA LYS G 106 -11.01 13.39 -29.55
C LYS G 106 -12.21 13.04 -28.69
N LEU G 107 -13.00 12.10 -29.16
CA LEU G 107 -14.13 11.56 -28.44
C LEU G 107 -13.78 10.18 -27.86
N PRO G 108 -14.32 9.84 -26.71
CA PRO G 108 -14.01 8.54 -26.10
C PRO G 108 -14.61 7.41 -26.91
N ASP G 109 -14.02 6.22 -26.76
CA ASP G 109 -14.58 5.03 -27.38
C ASP G 109 -15.98 4.76 -26.84
N ASP G 110 -16.16 4.87 -25.53
CA ASP G 110 -17.48 4.74 -24.91
C ASP G 110 -18.20 6.08 -24.84
N PHE G 111 -18.21 6.81 -25.96
CA PHE G 111 -18.83 8.11 -25.98
C PHE G 111 -20.35 7.96 -25.93
N MET G 112 -21.00 8.85 -25.20
CA MET G 112 -22.46 8.89 -25.13
C MET G 112 -22.90 10.33 -25.30
N GLY G 113 -23.47 10.64 -26.45
CA GLY G 113 -23.83 12.00 -26.78
C GLY G 113 -24.13 12.13 -28.26
N CYS G 114 -24.34 13.37 -28.70
CA CYS G 114 -24.74 13.65 -30.07
C CYS G 114 -23.78 14.63 -30.72
N VAL G 115 -23.52 14.43 -32.01
CA VAL G 115 -22.67 15.30 -32.81
C VAL G 115 -23.54 15.96 -33.86
N LEU G 116 -23.60 17.29 -33.83
CA LEU G 116 -24.38 18.08 -34.76
C LEU G 116 -23.45 18.96 -35.59
N ALA G 117 -23.61 18.92 -36.91
CA ALA G 117 -22.80 19.73 -37.81
C ALA G 117 -23.69 20.33 -38.88
N TRP G 118 -23.29 21.51 -39.37
CA TRP G 118 -24.06 22.16 -40.43
C TRP G 118 -23.14 23.09 -41.22
N ASN G 119 -23.42 23.21 -42.52
CA ASN G 119 -22.64 24.04 -43.42
C ASN G 119 -22.84 25.53 -43.10
N THR G 120 -21.74 26.29 -43.17
CA THR G 120 -21.67 27.70 -42.77
C THR G 120 -21.02 28.54 -43.86
N ARG G 121 -20.91 28.01 -45.07
CA ARG G 121 -20.20 28.75 -46.14
C ARG G 121 -20.70 30.18 -46.06
N ASN G 122 -21.95 30.40 -46.42
CA ASN G 122 -22.45 31.76 -46.19
C ASN G 122 -21.66 32.63 -45.20
N ILE G 123 -21.47 32.19 -43.96
CA ILE G 123 -21.00 33.08 -42.91
C ILE G 123 -19.53 32.87 -42.53
N ASP G 124 -18.94 31.72 -42.84
CA ASP G 124 -17.55 31.45 -42.45
C ASP G 124 -16.60 31.38 -43.64
N ALA G 125 -17.03 31.87 -44.79
CA ALA G 125 -16.17 31.94 -45.97
C ALA G 125 -16.22 33.34 -46.53
N THR G 126 -15.09 33.79 -47.09
CA THR G 126 -14.98 35.06 -47.78
C THR G 126 -14.44 34.81 -49.19
N SER G 127 -14.66 35.78 -50.06
CA SER G 127 -14.32 35.60 -51.47
C SER G 127 -12.83 35.38 -51.68
N THR G 128 -12.00 36.09 -50.94
CA THR G 128 -10.55 35.95 -51.08
C THR G 128 -9.94 34.93 -50.14
N GLY G 129 -10.69 34.43 -49.16
CA GLY G 129 -10.19 33.39 -48.28
C GLY G 129 -10.29 33.71 -46.80
N ASN G 130 -10.96 32.84 -46.05
CA ASN G 130 -11.10 32.99 -44.60
C ASN G 130 -10.11 32.03 -43.93
N TYR G 131 -8.95 32.55 -43.56
CA TYR G 131 -7.90 31.76 -42.94
C TYR G 131 -7.85 31.92 -41.43
N ASN G 132 -8.94 32.41 -40.83
CA ASN G 132 -8.96 32.61 -39.39
C ASN G 132 -9.23 31.32 -38.61
N TYR G 133 -9.73 30.29 -39.28
CA TYR G 133 -9.98 29.00 -38.64
C TYR G 133 -8.77 28.10 -38.84
N LYS G 134 -8.27 27.55 -37.73
CA LYS G 134 -6.97 26.89 -37.72
C LYS G 134 -7.10 25.53 -37.05
N TYR G 135 -6.12 24.66 -37.33
CA TYR G 135 -6.07 23.32 -36.75
C TYR G 135 -4.62 22.92 -36.56
N ARG G 136 -4.38 22.04 -35.59
CA ARG G 136 -3.05 21.55 -35.27
C ARG G 136 -2.76 20.27 -36.04
N TYR G 137 -1.61 20.24 -36.75
CA TYR G 137 -1.34 19.10 -37.61
C TYR G 137 -0.04 18.42 -37.20
N LEU G 138 0.68 18.98 -36.24
CA LEU G 138 1.88 18.39 -35.66
C LEU G 138 1.76 18.37 -34.15
N ARG G 139 2.10 17.24 -33.54
CA ARG G 139 2.08 17.06 -32.10
C ARG G 139 2.81 15.77 -31.75
N HIS G 140 3.46 15.77 -30.59
CA HIS G 140 4.15 14.59 -30.07
C HIS G 140 3.15 13.77 -29.27
N GLY G 141 2.54 12.79 -29.92
CA GLY G 141 1.56 11.94 -29.26
C GLY G 141 0.14 12.49 -29.39
N LYS G 142 -0.80 11.57 -29.42
CA LYS G 142 -2.20 11.93 -29.59
C LYS G 142 -2.79 12.48 -28.29
N LEU G 143 -3.89 13.21 -28.43
CA LEU G 143 -4.66 13.63 -27.28
C LEU G 143 -5.35 12.42 -26.64
N ARG G 144 -5.71 12.57 -25.37
CA ARG G 144 -6.71 11.71 -24.79
C ARG G 144 -8.10 12.31 -24.98
N PRO G 145 -9.16 11.52 -24.81
CA PRO G 145 -10.51 12.07 -24.95
C PRO G 145 -10.72 13.29 -24.07
N PHE G 146 -11.27 14.35 -24.68
CA PHE G 146 -11.63 15.61 -24.05
C PHE G 146 -10.42 16.41 -23.56
N GLU G 147 -9.22 16.06 -24.01
CA GLU G 147 -8.08 16.95 -23.82
C GLU G 147 -8.19 18.14 -24.77
N ARG G 148 -7.49 19.21 -24.42
CA ARG G 148 -7.46 20.41 -25.26
C ARG G 148 -6.07 21.01 -25.20
N ASP G 149 -5.38 21.04 -26.33
CA ASP G 149 -4.04 21.59 -26.44
C ASP G 149 -4.12 22.94 -27.13
N ILE G 150 -3.80 24.00 -26.38
CA ILE G 150 -3.83 25.37 -26.89
C ILE G 150 -2.43 25.95 -27.02
N SER G 151 -1.39 25.12 -26.87
CA SER G 151 -0.04 25.61 -26.98
C SER G 151 0.32 25.91 -28.43
N ASN G 152 1.08 26.99 -28.63
CA ASN G 152 1.64 27.35 -29.93
C ASN G 152 3.14 27.46 -29.73
N VAL G 153 3.83 26.33 -29.85
CA VAL G 153 5.29 26.26 -29.68
C VAL G 153 5.85 25.63 -30.95
N PRO G 154 6.95 26.18 -31.50
CA PRO G 154 7.54 25.56 -32.69
C PRO G 154 7.82 24.08 -32.47
N PHE G 155 7.44 23.27 -33.46
CA PHE G 155 7.50 21.83 -33.36
C PHE G 155 8.73 21.31 -34.07
N SER G 156 9.54 20.53 -33.36
CA SER G 156 10.71 19.88 -33.92
C SER G 156 10.53 18.36 -33.85
N PRO G 157 11.06 17.62 -34.83
CA PRO G 157 10.76 16.18 -34.91
C PRO G 157 11.45 15.35 -33.85
N ASP G 158 12.12 16.00 -32.89
CA ASP G 158 12.76 15.29 -31.79
C ASP G 158 12.46 15.93 -30.44
N GLY G 159 11.41 16.75 -30.35
CA GLY G 159 11.00 17.33 -29.09
C GLY G 159 11.97 18.35 -28.53
N LYS G 160 13.00 18.70 -29.26
CA LYS G 160 13.95 19.69 -28.77
C LYS G 160 13.53 21.08 -29.16
N PRO G 161 13.51 22.03 -28.21
CA PRO G 161 12.96 23.35 -28.48
C PRO G 161 13.57 23.99 -29.72
N CYS G 162 12.77 24.82 -30.37
CA CYS G 162 13.10 25.26 -31.71
C CYS G 162 12.78 26.73 -31.88
N THR G 163 13.42 27.35 -32.88
CA THR G 163 13.19 28.75 -33.22
C THR G 163 13.11 28.85 -34.73
N PRO G 164 11.90 28.94 -35.30
CA PRO G 164 11.77 29.06 -36.73
C PRO G 164 12.40 30.44 -37.20
N PRO G 165 12.83 30.47 -38.46
CA PRO G 165 12.64 29.52 -39.54
C PRO G 165 13.78 28.52 -39.81
N ALA G 166 14.32 27.86 -38.79
CA ALA G 166 15.35 26.84 -39.00
C ALA G 166 14.73 25.60 -39.66
N LEU G 167 15.59 24.63 -40.00
CA LEU G 167 15.07 23.36 -40.52
C LEU G 167 14.43 22.51 -39.43
N ASN G 168 13.70 21.51 -39.92
CA ASN G 168 12.95 20.56 -39.11
C ASN G 168 12.32 21.30 -37.94
N CYS G 169 11.56 22.33 -38.31
CA CYS G 169 11.05 23.31 -37.36
C CYS G 169 9.83 23.94 -38.02
N TYR G 170 8.66 23.68 -37.47
CA TYR G 170 7.43 24.14 -38.08
C TYR G 170 6.50 24.67 -37.00
N TRP G 171 5.69 25.63 -37.37
CA TRP G 171 4.62 26.06 -36.47
C TRP G 171 3.52 25.00 -36.48
N PRO G 172 3.03 24.56 -35.32
CA PRO G 172 2.17 23.38 -35.27
C PRO G 172 0.75 23.61 -35.76
N LEU G 173 0.38 24.84 -36.11
CA LEU G 173 -1.00 25.15 -36.47
C LEU G 173 -1.10 25.50 -37.95
N ASN G 174 -2.15 24.98 -38.59
CA ASN G 174 -2.38 25.18 -40.01
C ASN G 174 -3.70 25.90 -40.22
N ASP G 175 -3.75 26.75 -41.24
CA ASP G 175 -4.94 27.53 -41.54
C ASP G 175 -5.84 26.75 -42.50
N TYR G 176 -7.13 26.66 -42.15
CA TYR G 176 -8.13 26.29 -43.13
C TYR G 176 -8.29 27.42 -44.14
N GLY G 177 -8.45 27.07 -45.42
CA GLY G 177 -8.75 28.07 -46.42
C GLY G 177 -10.19 27.98 -46.89
N PHE G 178 -11.05 28.88 -46.42
CA PHE G 178 -12.49 28.80 -46.65
C PHE G 178 -12.89 29.90 -47.64
N TYR G 179 -13.16 29.50 -48.88
CA TYR G 179 -13.56 30.40 -49.96
C TYR G 179 -15.04 30.22 -50.26
N THR G 180 -15.68 31.30 -50.73
CA THR G 180 -17.10 31.23 -51.06
C THR G 180 -17.33 30.44 -52.35
N THR G 181 -16.74 30.89 -53.45
CA THR G 181 -16.73 30.04 -54.64
C THR G 181 -15.75 28.90 -54.37
N THR G 182 -16.30 27.78 -53.88
CA THR G 182 -15.46 26.66 -53.49
C THR G 182 -14.71 26.09 -54.69
N GLY G 183 -15.42 25.78 -55.77
CA GLY G 183 -14.78 25.28 -56.97
C GLY G 183 -14.00 24.02 -56.70
N ILE G 184 -12.67 24.17 -56.67
CA ILE G 184 -11.71 23.13 -56.29
C ILE G 184 -11.47 23.02 -54.79
N GLY G 185 -12.24 23.74 -53.98
CA GLY G 185 -11.94 23.88 -52.57
C GLY G 185 -12.75 22.97 -51.67
N TYR G 186 -12.67 23.25 -50.37
CA TYR G 186 -13.50 22.61 -49.36
C TYR G 186 -14.33 23.68 -48.65
N GLN G 187 -15.33 23.23 -47.89
CA GLN G 187 -16.33 24.15 -47.35
C GLN G 187 -16.37 24.08 -45.83
N PRO G 188 -16.67 25.19 -45.16
CA PRO G 188 -16.67 25.22 -43.70
C PRO G 188 -17.97 24.73 -43.09
N TYR G 189 -17.83 24.01 -41.97
CA TYR G 189 -18.96 23.50 -41.22
C TYR G 189 -18.77 23.82 -39.75
N ARG G 190 -19.86 24.17 -39.08
CA ARG G 190 -19.85 24.39 -37.63
C ARG G 190 -20.36 23.14 -36.93
N VAL G 191 -19.66 22.75 -35.87
CA VAL G 191 -19.93 21.50 -35.15
C VAL G 191 -20.25 21.82 -33.71
N VAL G 192 -21.31 21.21 -33.19
CA VAL G 192 -21.63 21.24 -31.77
C VAL G 192 -21.79 19.80 -31.29
N VAL G 193 -21.07 19.44 -30.24
CA VAL G 193 -21.09 18.10 -29.68
C VAL G 193 -21.70 18.18 -28.29
N LEU G 194 -22.77 17.44 -28.06
CA LEU G 194 -23.46 17.42 -26.77
C LEU G 194 -23.04 16.19 -25.99
N SER G 195 -22.68 16.40 -24.72
CA SER G 195 -22.21 15.33 -23.84
C SER G 195 -23.15 15.22 -22.64
N PHE G 196 -23.48 13.98 -22.28
CA PHE G 196 -24.37 13.67 -21.17
C PHE G 196 -23.61 12.83 -20.16
N GLU G 197 -23.71 13.18 -18.87
CA GLU G 197 -22.74 12.71 -17.88
C GLU G 197 -23.26 11.59 -16.97
N LEU G 198 -24.38 11.80 -16.27
CA LEU G 198 -24.95 10.81 -15.36
C LEU G 198 -23.98 10.45 -14.21
N LEU G 199 -23.79 11.42 -13.33
CA LEU G 199 -22.95 11.26 -12.14
C LEU G 199 -23.72 10.59 -11.01
N ASN G 200 -23.11 10.53 -9.83
CA ASN G 200 -23.85 10.05 -8.65
C ASN G 200 -24.60 11.20 -7.99
N ALA G 201 -24.73 12.33 -8.68
CA ALA G 201 -25.34 13.57 -8.21
C ALA G 201 -26.74 13.70 -8.77
N PRO G 202 -27.59 14.51 -8.14
CA PRO G 202 -28.94 14.71 -8.68
C PRO G 202 -28.89 15.30 -10.09
N ALA G 203 -29.79 14.81 -10.94
CA ALA G 203 -29.90 15.33 -12.30
C ALA G 203 -30.45 16.74 -12.28
N THR G 204 -29.76 17.66 -12.96
CA THR G 204 -30.21 19.05 -12.94
C THR G 204 -31.12 19.34 -14.10
N VAL G 205 -30.80 18.73 -15.24
CA VAL G 205 -31.41 19.04 -16.53
C VAL G 205 -32.21 17.82 -16.99
N CYS G 206 -33.44 18.06 -17.41
CA CYS G 206 -34.35 17.02 -17.85
C CYS G 206 -35.17 17.56 -19.00
N GLY G 207 -36.03 16.70 -19.54
CA GLY G 207 -36.97 17.11 -20.55
C GLY G 207 -38.30 17.51 -19.95
N PRO G 208 -39.18 18.08 -20.78
CA PRO G 208 -40.53 18.47 -20.35
C PRO G 208 -41.42 17.26 -20.03
N GLU H 1 -20.11 18.66 6.47
CA GLU H 1 -19.12 19.58 5.93
C GLU H 1 -17.95 18.82 5.30
N VAL H 2 -17.37 19.39 4.24
CA VAL H 2 -16.30 18.73 3.51
C VAL H 2 -14.99 18.86 4.30
N GLN H 3 -14.32 17.74 4.50
CA GLN H 3 -13.04 17.68 5.20
C GLN H 3 -11.99 17.07 4.29
N LEU H 4 -10.80 17.66 4.27
CA LEU H 4 -9.67 17.16 3.50
C LEU H 4 -8.49 17.02 4.46
N VAL H 5 -8.36 15.85 5.07
CA VAL H 5 -7.29 15.58 6.03
C VAL H 5 -6.09 15.02 5.30
N GLU H 6 -4.92 15.57 5.56
CA GLU H 6 -3.72 15.26 4.80
C GLU H 6 -2.62 14.76 5.72
N SER H 7 -1.82 13.83 5.21
CA SER H 7 -0.75 13.20 5.99
C SER H 7 0.36 12.78 5.05
N GLY H 8 1.43 12.23 5.63
CA GLY H 8 2.53 11.68 4.89
C GLY H 8 3.76 12.57 4.81
N GLY H 9 3.62 13.85 5.11
CA GLY H 9 4.75 14.76 5.03
C GLY H 9 5.83 14.44 6.04
N GLY H 10 7.02 14.96 5.77
CA GLY H 10 8.13 14.73 6.68
C GLY H 10 9.41 15.33 6.12
N VAL H 11 10.52 14.94 6.74
CA VAL H 11 11.85 15.37 6.33
C VAL H 11 12.54 14.20 5.61
N VAL H 12 13.05 14.46 4.41
CA VAL H 12 13.84 13.48 3.67
C VAL H 12 15.04 14.15 3.02
N GLN H 13 16.00 13.33 2.65
CA GLN H 13 17.16 13.76 1.91
C GLN H 13 16.85 13.84 0.42
N PRO H 14 17.64 14.62 -0.34
CA PRO H 14 17.45 14.64 -1.79
C PRO H 14 17.59 13.25 -2.40
N GLY H 15 16.75 12.96 -3.38
CA GLY H 15 16.73 11.67 -4.02
C GLY H 15 15.87 10.63 -3.33
N GLY H 16 15.30 10.94 -2.18
CA GLY H 16 14.43 10.00 -1.50
C GLY H 16 13.00 10.04 -1.99
N SER H 17 12.24 9.04 -1.58
CA SER H 17 10.83 8.91 -1.90
C SER H 17 9.98 9.35 -0.71
N LEU H 18 8.72 9.68 -0.99
CA LEU H 18 7.85 10.03 0.12
C LEU H 18 6.44 9.97 -0.45
N ARG H 19 5.48 9.38 0.26
CA ARG H 19 4.12 9.30 -0.26
C ARG H 19 3.14 10.08 0.62
N LEU H 20 2.27 10.85 -0.02
CA LEU H 20 1.30 11.72 0.65
C LEU H 20 -0.10 11.13 0.58
N SER H 21 -0.90 11.42 1.61
CA SER H 21 -2.27 10.93 1.70
C SER H 21 -3.22 12.10 1.97
N CYS H 22 -4.45 11.96 1.46
CA CYS H 22 -5.50 12.95 1.70
C CYS H 22 -6.82 12.21 1.83
N ALA H 23 -7.28 12.01 3.05
CA ALA H 23 -8.57 11.36 3.31
C ALA H 23 -9.68 12.40 3.30
N VAL H 24 -10.72 12.16 2.50
CA VAL H 24 -11.79 13.11 2.34
C VAL H 24 -13.00 12.66 3.14
N SER H 25 -13.97 13.55 3.28
CA SER H 25 -15.28 13.25 3.84
C SER H 25 -16.20 14.41 3.54
N GLY H 26 -17.50 14.11 3.45
CA GLY H 26 -18.50 15.14 3.25
C GLY H 26 -18.89 15.42 1.82
N PHE H 27 -18.50 14.57 0.87
CA PHE H 27 -18.93 14.71 -0.51
C PHE H 27 -18.67 13.40 -1.23
N THR H 28 -19.39 13.21 -2.34
CA THR H 28 -19.16 12.04 -3.18
C THR H 28 -17.80 12.14 -3.83
N PHE H 29 -16.85 11.33 -3.36
CA PHE H 29 -15.46 11.46 -3.80
C PHE H 29 -15.32 11.22 -5.30
N ASP H 30 -15.99 10.19 -5.82
CA ASP H 30 -15.79 9.79 -7.21
C ASP H 30 -16.34 10.78 -8.22
N ASP H 31 -17.12 11.77 -7.78
CA ASP H 31 -17.71 12.75 -8.69
C ASP H 31 -16.86 14.00 -8.88
N TYR H 32 -15.70 14.09 -8.22
CA TYR H 32 -14.92 15.32 -8.24
C TYR H 32 -13.47 15.03 -8.58
N ALA H 33 -12.90 15.87 -9.43
CA ALA H 33 -11.46 15.83 -9.69
C ALA H 33 -10.73 16.43 -8.49
N MET H 34 -9.60 15.81 -8.14
CA MET H 34 -8.80 16.25 -7.00
C MET H 34 -7.43 16.72 -7.46
N HIS H 35 -6.88 17.68 -6.72
CA HIS H 35 -5.65 18.35 -7.11
C HIS H 35 -4.68 18.38 -5.94
N TRP H 36 -3.41 18.57 -6.27
CA TRP H 36 -2.36 18.88 -5.30
C TRP H 36 -1.79 20.25 -5.63
N VAL H 37 -1.72 21.12 -4.63
CA VAL H 37 -1.12 22.44 -4.77
C VAL H 37 -0.09 22.60 -3.65
N ARG H 38 1.11 23.02 -4.02
CA ARG H 38 2.18 23.20 -3.05
C ARG H 38 2.54 24.68 -2.92
N GLN H 39 3.13 25.02 -1.78
CA GLN H 39 3.50 26.40 -1.46
C GLN H 39 4.82 26.39 -0.70
N ALA H 40 5.89 26.85 -1.36
CA ALA H 40 7.18 26.97 -0.71
C ALA H 40 7.12 28.02 0.39
N PRO H 41 7.95 27.90 1.42
CA PRO H 41 7.90 28.87 2.54
C PRO H 41 8.13 30.29 2.05
N GLY H 42 7.18 31.17 2.37
CA GLY H 42 7.26 32.56 1.98
C GLY H 42 6.97 32.84 0.53
N LYS H 43 6.46 31.86 -0.22
CA LYS H 43 6.22 32.00 -1.65
C LYS H 43 4.74 31.83 -1.96
N GLY H 44 4.41 31.83 -3.25
CA GLY H 44 3.05 31.73 -3.72
C GLY H 44 2.65 30.30 -4.03
N LEU H 45 1.43 30.18 -4.58
CA LEU H 45 0.85 28.87 -4.84
C LEU H 45 1.37 28.27 -6.15
N ASP H 46 1.58 26.97 -6.14
CA ASP H 46 2.15 26.23 -7.27
C ASP H 46 1.32 24.96 -7.47
N TRP H 47 0.60 24.90 -8.58
CA TRP H 47 -0.17 23.70 -8.91
C TRP H 47 0.76 22.57 -9.29
N VAL H 48 0.42 21.36 -8.85
CA VAL H 48 1.31 20.20 -8.97
C VAL H 48 0.71 19.13 -9.88
N SER H 49 -0.46 18.60 -9.50
CA SER H 49 -1.04 17.48 -10.24
C SER H 49 -2.55 17.42 -10.03
N LEU H 50 -3.23 16.74 -10.95
CA LEU H 50 -4.66 16.50 -10.86
C LEU H 50 -4.97 15.07 -11.24
N ILE H 51 -6.14 14.61 -10.81
CA ILE H 51 -6.70 13.32 -11.21
C ILE H 51 -8.21 13.47 -11.32
N SER H 52 -8.79 12.97 -12.41
CA SER H 52 -10.23 13.08 -12.60
C SER H 52 -10.95 12.15 -11.62
N GLY H 53 -12.29 12.18 -11.68
CA GLY H 53 -13.06 11.30 -10.81
C GLY H 53 -12.82 9.83 -11.10
N ASP H 54 -12.65 9.48 -12.37
CA ASP H 54 -12.42 8.09 -12.75
C ASP H 54 -11.05 7.60 -12.32
N GLY H 55 -10.09 8.51 -12.18
CA GLY H 55 -8.70 8.13 -12.24
C GLY H 55 -8.20 7.88 -13.64
N SER H 56 -9.06 8.09 -14.65
CA SER H 56 -8.68 7.83 -16.03
C SER H 56 -7.72 8.88 -16.56
N TYR H 57 -7.86 10.13 -16.12
CA TYR H 57 -7.01 11.23 -16.59
C TYR H 57 -6.16 11.76 -15.45
N THR H 58 -4.87 11.94 -15.72
CA THR H 58 -3.95 12.60 -14.79
C THR H 58 -3.07 13.55 -15.57
N TYR H 59 -2.74 14.68 -14.95
CA TYR H 59 -1.81 15.64 -15.53
C TYR H 59 -0.86 16.13 -14.44
N TYR H 60 0.37 16.45 -14.85
CA TYR H 60 1.41 16.87 -13.92
C TYR H 60 2.08 18.13 -14.44
N ALA H 61 2.38 19.05 -13.54
CA ALA H 61 3.20 20.21 -13.90
C ALA H 61 4.58 19.73 -14.33
N ASP H 62 5.21 20.53 -15.20
CA ASP H 62 6.51 20.13 -15.73
C ASP H 62 7.55 19.97 -14.64
N SER H 63 7.44 20.76 -13.56
CA SER H 63 8.42 20.70 -12.49
C SER H 63 8.41 19.35 -11.76
N VAL H 64 7.37 18.55 -11.94
CA VAL H 64 7.23 17.31 -11.18
C VAL H 64 6.95 16.12 -12.11
N LYS H 65 6.67 16.40 -13.38
CA LYS H 65 6.30 15.35 -14.31
C LYS H 65 7.41 14.31 -14.43
N GLY H 66 7.03 13.05 -14.48
CA GLY H 66 7.97 11.96 -14.64
C GLY H 66 8.50 11.37 -13.35
N ARG H 67 8.24 12.01 -12.20
CA ARG H 67 8.79 11.55 -10.93
C ARG H 67 7.77 11.63 -9.81
N PHE H 68 6.63 12.29 -10.02
CA PHE H 68 5.49 12.27 -9.13
C PHE H 68 4.37 11.46 -9.77
N THR H 69 3.64 10.72 -8.95
CA THR H 69 2.51 9.92 -9.43
C THR H 69 1.32 10.17 -8.52
N ILE H 70 0.20 10.56 -9.11
CA ILE H 70 -1.03 10.81 -8.38
C ILE H 70 -1.98 9.63 -8.58
N SER H 71 -2.75 9.32 -7.55
CA SER H 71 -3.70 8.22 -7.59
C SER H 71 -4.80 8.50 -6.59
N ARG H 72 -5.92 7.80 -6.76
CA ARG H 72 -7.01 7.87 -5.81
C ARG H 72 -7.55 6.46 -5.59
N ASP H 73 -8.04 6.22 -4.37
CA ASP H 73 -8.66 4.96 -4.00
C ASP H 73 -10.13 5.25 -3.65
N SER H 74 -11.03 4.84 -4.55
CA SER H 74 -12.44 5.15 -4.37
C SER H 74 -13.02 4.52 -3.12
N SER H 75 -12.66 3.25 -2.85
CA SER H 75 -13.16 2.54 -1.69
C SER H 75 -12.74 3.20 -0.38
N LYS H 76 -11.66 3.99 -0.40
CA LYS H 76 -11.10 4.58 0.80
C LYS H 76 -11.34 6.08 0.91
N ASN H 77 -11.90 6.72 -0.11
CA ASN H 77 -12.11 8.17 -0.12
C ASN H 77 -10.80 8.90 0.20
N SER H 78 -9.74 8.45 -0.45
CA SER H 78 -8.41 8.99 -0.21
C SER H 78 -7.71 9.31 -1.53
N LEU H 79 -6.90 10.36 -1.49
CA LEU H 79 -6.08 10.79 -2.61
C LEU H 79 -4.62 10.64 -2.21
N TYR H 80 -3.78 10.21 -3.14
CA TYR H 80 -2.38 9.95 -2.87
C TYR H 80 -1.49 10.71 -3.85
N LEU H 81 -0.32 11.12 -3.36
CA LEU H 81 0.72 11.72 -4.20
C LEU H 81 2.04 11.04 -3.85
N GLN H 82 2.41 10.04 -4.66
CA GLN H 82 3.63 9.28 -4.43
C GLN H 82 4.78 10.01 -5.11
N MET H 83 5.67 10.60 -4.30
CA MET H 83 6.76 11.42 -4.80
C MET H 83 8.05 10.62 -4.86
N ASN H 84 8.83 10.83 -5.91
CA ASN H 84 10.11 10.16 -6.11
C ASN H 84 11.13 11.15 -6.60
N SER H 85 12.41 10.81 -6.39
CA SER H 85 13.54 11.63 -6.86
C SER H 85 13.42 13.06 -6.35
N LEU H 86 13.05 13.19 -5.07
CA LEU H 86 12.81 14.50 -4.49
C LEU H 86 14.10 15.33 -4.48
N ARG H 87 13.92 16.65 -4.42
CA ARG H 87 15.06 17.56 -4.43
C ARG H 87 14.67 18.86 -3.74
N THR H 88 15.68 19.64 -3.36
CA THR H 88 15.50 20.66 -2.32
C THR H 88 14.43 21.68 -2.68
N GLU H 89 14.36 22.07 -3.95
CA GLU H 89 13.30 22.99 -4.39
C GLU H 89 11.92 22.35 -4.42
N ASP H 90 11.77 21.08 -4.04
CA ASP H 90 10.45 20.53 -3.79
C ASP H 90 9.96 20.81 -2.38
N THR H 91 10.80 21.38 -1.52
CA THR H 91 10.41 21.69 -0.16
C THR H 91 9.27 22.69 -0.16
N ALA H 92 8.09 22.25 0.27
CA ALA H 92 6.91 23.10 0.27
C ALA H 92 5.85 22.48 1.17
N LEU H 93 4.78 23.24 1.41
CA LEU H 93 3.58 22.73 2.06
C LEU H 93 2.63 22.27 0.95
N TYR H 94 2.11 21.05 1.08
CA TYR H 94 1.34 20.43 0.01
C TYR H 94 -0.13 20.39 0.39
N TYR H 95 -0.96 21.11 -0.36
CA TYR H 95 -2.39 21.20 -0.12
C TYR H 95 -3.16 20.21 -0.98
N CYS H 96 -4.18 19.60 -0.39
CA CYS H 96 -5.13 18.77 -1.09
C CYS H 96 -6.35 19.62 -1.43
N ALA H 97 -6.74 19.64 -2.70
CA ALA H 97 -7.78 20.55 -3.18
C ALA H 97 -8.86 19.77 -3.92
N LYS H 98 -10.10 20.22 -3.77
CA LYS H 98 -11.26 19.59 -4.39
C LYS H 98 -11.84 20.54 -5.44
N ALA H 99 -12.03 20.04 -6.66
CA ALA H 99 -12.73 20.81 -7.67
C ALA H 99 -14.20 20.95 -7.29
N GLN H 100 -14.74 22.14 -7.47
CA GLN H 100 -16.10 22.39 -6.99
C GLN H 100 -17.16 21.79 -7.90
N THR H 101 -16.93 21.74 -9.20
CA THR H 101 -17.96 21.21 -10.09
C THR H 101 -17.92 19.69 -10.10
N PRO H 102 -19.05 19.02 -9.90
CA PRO H 102 -19.09 17.55 -10.02
C PRO H 102 -18.98 17.11 -11.48
N THR H 103 -17.75 16.85 -11.93
CA THR H 103 -17.48 16.52 -13.32
C THR H 103 -16.23 15.66 -13.45
N LEU H 104 -16.27 14.76 -14.45
CA LEU H 104 -15.22 13.85 -14.89
C LEU H 104 -14.21 14.50 -15.83
N TRP H 105 -14.46 15.75 -16.21
CA TRP H 105 -13.53 16.64 -16.87
C TRP H 105 -12.77 17.43 -15.80
N TRP H 106 -11.71 18.13 -16.23
CA TRP H 106 -10.78 18.71 -15.27
C TRP H 106 -10.55 20.21 -15.43
N LEU H 107 -10.98 20.82 -16.53
CA LEU H 107 -10.65 22.20 -16.84
C LEU H 107 -11.79 23.14 -16.49
N GLN H 108 -11.49 24.44 -16.54
CA GLN H 108 -12.48 25.51 -16.40
C GLN H 108 -13.18 25.47 -15.05
N ASP H 109 -12.51 24.94 -14.04
CA ASP H 109 -13.08 24.76 -12.71
C ASP H 109 -12.24 25.49 -11.67
N ALA H 110 -12.77 25.55 -10.46
CA ALA H 110 -12.08 26.16 -9.34
C ALA H 110 -11.90 25.14 -8.22
N PHE H 111 -11.18 25.55 -7.18
CA PHE H 111 -10.94 24.72 -6.00
C PHE H 111 -11.71 25.36 -4.84
N ASP H 112 -12.82 24.74 -4.45
CA ASP H 112 -13.64 25.32 -3.40
C ASP H 112 -13.16 24.96 -1.99
N ILE H 113 -12.69 23.73 -1.79
CA ILE H 113 -12.25 23.26 -0.48
C ILE H 113 -10.76 22.92 -0.55
N TRP H 114 -10.00 23.39 0.43
CA TRP H 114 -8.59 23.10 0.58
C TRP H 114 -8.33 22.50 1.95
N GLY H 115 -7.48 21.49 2.01
CA GLY H 115 -6.99 21.02 3.29
C GLY H 115 -5.94 21.97 3.85
N GLN H 116 -5.52 21.71 5.08
CA GLN H 116 -4.62 22.62 5.77
C GLN H 116 -3.15 22.35 5.51
N GLY H 117 -2.81 21.27 4.81
CA GLY H 117 -1.44 21.14 4.38
C GLY H 117 -0.67 20.08 5.15
N THR H 118 0.24 19.41 4.45
CA THR H 118 1.28 18.57 5.04
C THR H 118 2.62 19.06 4.50
N MET H 119 3.59 19.25 5.39
CA MET H 119 4.84 19.92 5.04
C MET H 119 5.91 18.91 4.68
N VAL H 120 6.43 19.02 3.46
CA VAL H 120 7.55 18.21 2.99
C VAL H 120 8.80 19.07 3.00
N THR H 121 9.86 18.59 3.66
CA THR H 121 11.14 19.28 3.71
C THR H 121 12.20 18.35 3.15
N VAL H 122 12.73 18.69 1.98
CA VAL H 122 13.80 17.91 1.35
C VAL H 122 15.12 18.62 1.64
N SER H 123 15.97 17.96 2.42
CA SER H 123 17.27 18.49 2.78
C SER H 123 18.18 17.35 3.20
N SER H 124 19.47 17.52 2.98
CA SER H 124 20.46 16.53 3.39
C SER H 124 21.04 16.80 4.76
N ALA H 125 20.56 17.84 5.45
CA ALA H 125 21.06 18.18 6.77
C ALA H 125 20.57 17.17 7.82
N SER H 126 21.32 17.08 8.90
CA SER H 126 20.98 16.21 10.02
C SER H 126 20.33 17.01 11.14
N THR H 127 19.41 16.35 11.85
CA THR H 127 18.69 17.00 12.94
C THR H 127 19.66 17.54 13.98
N LYS H 128 19.63 18.88 14.14
CA LYS H 128 20.51 19.61 15.04
C LYS H 128 19.71 20.55 15.94
N GLY H 129 20.05 20.54 17.23
CA GLY H 129 19.49 21.50 18.17
C GLY H 129 20.15 22.85 18.06
N PRO H 130 19.39 23.90 18.34
CA PRO H 130 19.91 25.26 18.16
C PRO H 130 20.93 25.64 19.21
N SER H 131 21.81 26.57 18.83
CA SER H 131 22.73 27.23 19.75
C SER H 131 22.16 28.59 20.09
N VAL H 132 21.89 28.84 21.36
CA VAL H 132 21.28 30.08 21.82
C VAL H 132 22.39 31.01 22.30
N PHE H 133 22.47 32.18 21.69
CA PHE H 133 23.43 33.21 22.07
C PHE H 133 22.69 34.49 22.44
N PRO H 134 23.15 35.21 23.46
CA PRO H 134 22.44 36.41 23.88
C PRO H 134 22.76 37.60 22.98
N LEU H 135 21.79 38.50 22.88
CA LEU H 135 21.96 39.79 22.23
C LEU H 135 21.89 40.83 23.35
N ALA H 136 23.05 41.20 23.86
CA ALA H 136 23.12 42.03 25.06
C ALA H 136 22.71 43.46 24.76
N PRO H 137 21.95 44.10 25.64
CA PRO H 137 21.57 45.51 25.43
C PRO H 137 22.73 46.45 25.72
N SER H 138 22.79 47.53 24.93
CA SER H 138 23.83 48.54 25.05
C SER H 138 23.28 49.79 25.72
N SER H 139 24.14 50.78 25.87
CA SER H 139 23.77 52.04 26.52
C SER H 139 22.83 52.87 25.65
N GLY H 144 18.56 55.27 26.01
CA GLY H 144 17.76 56.35 25.49
C GLY H 144 16.27 56.13 25.65
N GLY H 145 15.83 55.96 26.90
CA GLY H 145 14.43 55.74 27.19
C GLY H 145 14.06 54.28 27.20
N THR H 146 14.25 53.60 26.08
CA THR H 146 13.95 52.18 25.94
C THR H 146 15.19 51.44 25.43
N ALA H 147 15.30 50.17 25.83
CA ALA H 147 16.43 49.34 25.46
C ALA H 147 15.93 48.04 24.85
N ALA H 148 16.73 47.48 23.95
CA ALA H 148 16.37 46.27 23.22
C ALA H 148 17.36 45.17 23.51
N LEU H 149 16.85 43.93 23.62
CA LEU H 149 17.68 42.76 23.85
C LEU H 149 16.99 41.55 23.24
N GLY H 150 17.71 40.44 23.18
CA GLY H 150 17.14 39.21 22.67
C GLY H 150 18.17 38.11 22.67
N CYS H 151 17.76 36.96 22.15
CA CYS H 151 18.64 35.81 21.95
C CYS H 151 18.65 35.43 20.48
N LEU H 152 19.79 34.94 20.01
CA LEU H 152 19.95 34.47 18.65
C LEU H 152 19.86 32.96 18.63
N VAL H 153 18.85 32.43 17.97
CA VAL H 153 18.62 30.99 17.86
C VAL H 153 19.21 30.56 16.52
N LYS H 154 20.42 30.00 16.56
CA LYS H 154 21.23 29.80 15.37
C LYS H 154 21.53 28.32 15.16
N ASP H 155 21.62 27.94 13.88
CA ASP H 155 22.14 26.64 13.45
C ASP H 155 21.31 25.48 14.04
N TYR H 156 20.07 25.40 13.57
CA TYR H 156 19.19 24.29 13.92
C TYR H 156 18.50 23.76 12.67
N PHE H 157 18.02 22.51 12.77
CA PHE H 157 17.30 21.86 11.68
C PHE H 157 16.50 20.70 12.26
N PRO H 158 15.25 20.48 11.80
CA PRO H 158 14.44 21.27 10.85
C PRO H 158 13.55 22.28 11.56
N GLU H 159 12.55 22.84 10.86
CA GLU H 159 11.55 23.66 11.55
C GLU H 159 10.70 22.78 12.47
N PRO H 160 10.10 23.37 13.51
CA PRO H 160 10.24 24.75 13.96
C PRO H 160 10.95 24.92 15.30
N VAL H 161 11.09 26.17 15.71
CA VAL H 161 11.47 26.59 17.06
C VAL H 161 10.37 27.47 17.63
N THR H 162 10.14 27.30 18.93
CA THR H 162 9.25 28.16 19.70
C THR H 162 10.09 28.89 20.74
N VAL H 163 9.90 30.21 20.83
CA VAL H 163 10.64 31.06 21.75
C VAL H 163 9.65 31.78 22.64
N SER H 164 9.93 31.78 23.93
CA SER H 164 9.14 32.51 24.92
C SER H 164 10.09 33.24 25.86
N TRP H 165 9.55 34.24 26.56
CA TRP H 165 10.35 35.06 27.47
C TRP H 165 9.79 34.97 28.88
N ASN H 166 10.67 34.70 29.84
CA ASN H 166 10.30 34.57 31.26
C ASN H 166 9.16 33.57 31.42
N SER H 167 9.22 32.48 30.66
CA SER H 167 8.24 31.39 30.70
C SER H 167 6.83 31.89 30.42
N GLY H 168 6.71 32.82 29.47
CA GLY H 168 5.43 33.35 29.06
C GLY H 168 4.93 34.54 29.86
N ALA H 169 5.67 34.97 30.89
CA ALA H 169 5.26 36.13 31.67
C ALA H 169 5.50 37.44 30.94
N LEU H 170 6.36 37.45 29.92
CA LEU H 170 6.66 38.67 29.17
C LEU H 170 6.07 38.48 27.78
N THR H 171 5.08 39.30 27.43
CA THR H 171 4.55 39.14 26.08
C THR H 171 4.53 40.43 25.28
N SER H 172 4.24 41.57 25.91
CA SER H 172 4.18 42.83 25.18
C SER H 172 5.58 43.24 24.74
N GLY H 173 5.71 43.63 23.47
CA GLY H 173 6.98 44.03 22.91
C GLY H 173 7.86 42.91 22.42
N VAL H 174 7.39 41.67 22.48
CA VAL H 174 8.16 40.51 22.01
C VAL H 174 7.93 40.36 20.51
N HIS H 175 9.02 40.26 19.75
CA HIS H 175 8.97 40.12 18.31
C HIS H 175 9.88 38.95 17.91
N THR H 176 9.28 37.78 17.67
CA THR H 176 10.01 36.62 17.20
C THR H 176 9.98 36.58 15.68
N PHE H 177 11.15 36.68 15.05
CA PHE H 177 11.22 36.81 13.61
C PHE H 177 11.10 35.44 12.94
N PRO H 178 10.63 35.41 11.69
CA PRO H 178 10.70 34.18 10.91
C PRO H 178 12.14 33.72 10.74
N ALA H 179 12.33 32.41 10.75
CA ALA H 179 13.66 31.86 10.53
C ALA H 179 14.12 32.10 9.10
N VAL H 180 15.43 32.12 8.92
CA VAL H 180 16.05 32.18 7.60
C VAL H 180 16.89 30.93 7.40
N LEU H 181 16.85 30.39 6.19
CA LEU H 181 17.63 29.20 5.84
C LEU H 181 18.99 29.63 5.34
N GLN H 182 20.05 29.26 6.07
CA GLN H 182 21.41 29.64 5.72
C GLN H 182 21.95 28.74 4.62
N SER H 183 23.15 29.09 4.13
CA SER H 183 23.80 28.28 3.11
C SER H 183 24.24 26.92 3.63
N SER H 184 24.42 26.78 4.94
CA SER H 184 24.77 25.50 5.54
C SER H 184 23.62 24.52 5.56
N GLY H 185 22.40 24.96 5.24
CA GLY H 185 21.23 24.13 5.38
C GLY H 185 20.59 24.15 6.75
N LEU H 186 21.14 24.93 7.68
CA LEU H 186 20.59 25.07 9.02
C LEU H 186 19.90 26.42 9.14
N TYR H 187 18.80 26.46 9.89
CA TYR H 187 18.01 27.66 10.05
C TYR H 187 18.55 28.52 11.19
N SER H 188 18.20 29.80 11.15
CA SER H 188 18.54 30.73 12.22
C SER H 188 17.47 31.81 12.30
N LEU H 189 17.07 32.15 13.51
CA LEU H 189 16.15 33.26 13.75
C LEU H 189 16.62 34.00 14.99
N SER H 190 15.97 35.13 15.24
CA SER H 190 16.21 35.92 16.44
C SER H 190 14.88 36.33 17.04
N SER H 191 14.83 36.39 18.37
CA SER H 191 13.68 36.88 19.09
C SER H 191 14.13 38.06 19.95
N VAL H 192 13.45 39.19 19.81
CA VAL H 192 13.83 40.41 20.49
C VAL H 192 12.65 40.93 21.30
N VAL H 193 12.98 41.71 22.33
CA VAL H 193 11.97 42.34 23.19
C VAL H 193 12.50 43.71 23.61
N THR H 194 11.60 44.69 23.62
CA THR H 194 11.94 46.05 24.02
C THR H 194 11.46 46.29 25.44
N VAL H 195 12.37 46.72 26.30
CA VAL H 195 12.09 46.89 27.72
C VAL H 195 12.56 48.26 28.15
N PRO H 196 12.00 48.81 29.23
CA PRO H 196 12.44 50.13 29.71
C PRO H 196 13.93 50.12 30.04
N SER H 197 14.60 51.21 29.68
CA SER H 197 16.03 51.34 29.94
C SER H 197 16.35 51.41 31.43
N SER H 198 15.34 51.64 32.28
CA SER H 198 15.55 51.68 33.72
C SER H 198 15.58 50.30 34.35
N SER H 199 14.94 49.31 33.72
CA SER H 199 14.75 47.99 34.33
C SER H 199 15.94 47.05 34.15
N LEU H 200 16.99 47.47 33.44
CA LEU H 200 18.17 46.62 33.32
C LEU H 200 18.86 46.44 34.66
N GLY H 201 19.53 45.30 34.81
CA GLY H 201 20.30 44.99 36.01
C GLY H 201 19.45 44.46 37.14
N THR H 202 18.44 45.25 37.52
CA THR H 202 17.43 44.86 38.50
C THR H 202 16.37 43.88 37.98
N GLN H 203 16.05 43.90 36.69
CA GLN H 203 15.07 42.98 36.12
C GLN H 203 15.76 41.95 35.24
N THR H 204 15.45 40.68 35.46
CA THR H 204 16.09 39.59 34.75
C THR H 204 15.24 39.13 33.58
N TYR H 205 15.88 38.88 32.44
CA TYR H 205 15.20 38.51 31.20
C TYR H 205 15.80 37.21 30.68
N ILE H 206 14.98 36.17 30.60
CA ILE H 206 15.39 34.84 30.16
C ILE H 206 14.49 34.42 29.00
N CYS H 207 15.10 33.97 27.91
CA CYS H 207 14.36 33.45 26.77
C CYS H 207 14.45 31.92 26.76
N ASN H 208 13.32 31.29 26.48
CA ASN H 208 13.17 29.84 26.58
C ASN H 208 13.03 29.25 25.17
N VAL H 209 13.96 28.39 24.79
CA VAL H 209 14.05 27.90 23.42
C VAL H 209 13.80 26.40 23.40
N ASN H 210 13.14 25.96 22.32
CA ASN H 210 12.32 24.76 22.37
C ASN H 210 12.23 24.20 20.96
N HIS H 211 13.02 23.15 20.69
CA HIS H 211 13.16 22.56 19.36
C HIS H 211 12.82 21.08 19.49
N LYS H 212 11.55 20.75 19.36
CA LYS H 212 11.06 19.40 19.61
C LYS H 212 11.58 18.35 18.63
N PRO H 213 11.96 18.70 17.39
CA PRO H 213 12.63 17.70 16.54
C PRO H 213 13.91 17.14 17.13
N SER H 214 14.63 17.89 17.96
CA SER H 214 15.86 17.41 18.58
C SER H 214 15.73 17.18 20.07
N ASN H 215 14.52 17.35 20.64
CA ASN H 215 14.26 17.13 22.07
C ASN H 215 15.19 17.97 22.94
N THR H 216 15.29 19.26 22.61
CA THR H 216 16.15 20.19 23.34
C THR H 216 15.33 21.34 23.88
N LYS H 217 15.64 21.73 25.12
CA LYS H 217 15.08 22.92 25.75
C LYS H 217 16.23 23.72 26.33
N VAL H 218 16.29 25.01 25.99
CA VAL H 218 17.39 25.89 26.41
C VAL H 218 16.79 27.12 27.08
N ASP H 219 17.35 27.49 28.24
CA ASP H 219 17.00 28.71 28.94
C ASP H 219 18.24 29.57 29.06
N LYS H 220 18.22 30.74 28.43
CA LYS H 220 19.37 31.64 28.36
C LYS H 220 19.00 32.98 28.95
N ARG H 221 19.82 33.48 29.88
CA ARG H 221 19.61 34.82 30.42
C ARG H 221 20.46 35.81 29.63
N VAL H 222 19.83 36.89 29.18
CA VAL H 222 20.50 37.96 28.47
C VAL H 222 20.82 39.06 29.47
N GLU H 223 22.07 39.49 29.49
CA GLU H 223 22.58 40.39 30.51
C GLU H 223 23.20 41.62 29.86
N PRO H 224 23.22 42.76 30.55
CA PRO H 224 23.93 43.92 30.03
C PRO H 224 25.44 43.74 30.14
N LYS H 225 26.16 44.44 29.26
CA LYS H 225 27.62 44.33 29.23
C LYS H 225 28.27 45.45 30.04
N ASP I 1 3.65 27.53 -20.63
CA ASP I 1 2.79 27.90 -19.50
C ASP I 1 2.28 29.32 -19.65
N ILE I 2 1.05 29.57 -19.19
CA ILE I 2 0.46 30.89 -19.24
C ILE I 2 0.89 31.66 -18.01
N GLN I 3 1.56 32.79 -18.22
CA GLN I 3 2.07 33.59 -17.12
C GLN I 3 0.97 34.47 -16.55
N MET I 4 0.78 34.41 -15.24
CA MET I 4 -0.14 35.27 -14.52
C MET I 4 0.66 36.36 -13.82
N THR I 5 0.24 37.61 -14.01
CA THR I 5 0.81 38.74 -13.31
C THR I 5 -0.29 39.46 -12.55
N GLN I 6 0.10 40.11 -11.45
CA GLN I 6 -0.85 40.85 -10.62
C GLN I 6 -0.27 42.22 -10.30
N SER I 7 -1.15 43.21 -10.22
CA SER I 7 -0.77 44.57 -9.90
C SER I 7 -1.83 45.14 -8.96
N PRO I 8 -1.43 45.82 -7.87
CA PRO I 8 -0.04 45.96 -7.44
C PRO I 8 0.44 44.76 -6.64
N SER I 9 1.76 44.68 -6.41
CA SER I 9 2.28 43.63 -5.54
C SER I 9 1.82 43.82 -4.10
N SER I 10 1.73 45.07 -3.65
CA SER I 10 1.32 45.38 -2.29
C SER I 10 0.36 46.57 -2.31
N LEU I 11 -0.45 46.68 -1.26
CA LEU I 11 -1.52 47.66 -1.22
C LEU I 11 -1.91 47.92 0.23
N SER I 12 -2.10 49.20 0.56
CA SER I 12 -2.49 49.61 1.90
C SER I 12 -3.82 50.36 1.82
N ALA I 13 -4.78 49.96 2.66
CA ALA I 13 -6.10 50.56 2.64
C ALA I 13 -6.68 50.58 4.04
N SER I 14 -7.73 51.38 4.22
CA SER I 14 -8.36 51.58 5.51
C SER I 14 -9.46 50.54 5.68
N VAL I 15 -10.23 50.63 6.75
CA VAL I 15 -11.46 49.84 6.84
C VAL I 15 -12.55 50.55 6.04
N GLY I 16 -13.14 49.83 5.08
CA GLY I 16 -14.30 50.34 4.39
C GLY I 16 -14.07 51.23 3.19
N ASP I 17 -12.94 51.00 2.52
CA ASP I 17 -12.58 51.76 1.31
C ASP I 17 -12.78 50.85 0.09
N ARG I 18 -12.66 51.41 -1.11
CA ARG I 18 -12.84 50.64 -2.34
C ARG I 18 -11.48 50.21 -2.85
N VAL I 19 -11.32 48.91 -3.13
CA VAL I 19 -10.04 48.33 -3.47
C VAL I 19 -10.15 47.54 -4.77
N THR I 20 -9.25 47.85 -5.71
CA THR I 20 -9.09 47.12 -6.97
C THR I 20 -7.74 46.44 -7.05
N ILE I 21 -7.76 45.15 -7.35
CA ILE I 21 -6.57 44.35 -7.63
C ILE I 21 -6.68 43.82 -9.04
N THR I 22 -5.60 43.96 -9.81
CA THR I 22 -5.57 43.56 -11.21
C THR I 22 -4.80 42.25 -11.37
N CYS I 23 -5.32 41.37 -12.23
CA CYS I 23 -4.62 40.17 -12.65
C CYS I 23 -4.57 40.16 -14.17
N ARG I 24 -3.44 39.74 -14.73
CA ARG I 24 -3.28 39.64 -16.17
C ARG I 24 -2.85 38.24 -16.57
N ALA I 25 -3.34 37.82 -17.73
CA ALA I 25 -2.94 36.57 -18.37
C ALA I 25 -2.05 36.88 -19.57
N SER I 26 -0.99 36.09 -19.73
CA SER I 26 -0.13 36.23 -20.90
C SER I 26 -0.80 35.72 -22.17
N GLN I 27 -2.00 35.18 -22.06
CA GLN I 27 -2.72 34.58 -23.21
C GLN I 27 -4.20 34.64 -22.91
N SER I 28 -5.06 34.63 -23.93
CA SER I 28 -6.53 34.61 -23.69
C SER I 28 -6.91 33.38 -22.90
N ILE I 29 -7.63 33.59 -21.79
CA ILE I 29 -8.07 32.48 -20.92
C ILE I 29 -9.57 32.63 -20.76
N SER I 30 -10.20 33.35 -21.68
CA SER I 30 -11.66 33.60 -21.63
C SER I 30 -12.13 34.05 -20.27
N ASN I 31 -13.04 33.32 -19.67
CA ASN I 31 -13.63 33.72 -18.38
C ASN I 31 -13.05 32.83 -17.28
N TYR I 32 -12.05 32.03 -17.60
CA TYR I 32 -11.58 31.01 -16.63
C TYR I 32 -10.50 31.53 -15.70
N LEU I 33 -10.78 32.56 -14.91
CA LEU I 33 -9.82 33.07 -13.94
C LEU I 33 -10.50 32.94 -12.58
N ASN I 34 -9.79 32.38 -11.59
CA ASN I 34 -10.35 32.24 -10.25
C ASN I 34 -9.60 33.14 -9.26
N TRP I 35 -10.28 33.54 -8.20
CA TRP I 35 -9.72 34.40 -7.17
C TRP I 35 -9.77 33.70 -5.82
N TYR I 36 -8.63 33.68 -5.13
CA TYR I 36 -8.52 33.01 -3.82
C TYR I 36 -7.97 33.97 -2.78
N GLN I 37 -8.28 33.74 -1.50
CA GLN I 37 -7.76 34.59 -0.40
C GLN I 37 -6.96 33.72 0.55
N GLN I 38 -5.73 34.11 0.83
CA GLN I 38 -4.95 33.36 1.83
C GLN I 38 -4.51 34.31 2.94
N LYS I 39 -4.85 33.94 4.16
CA LYS I 39 -4.42 34.72 5.32
C LYS I 39 -3.24 33.94 5.89
N PRO I 40 -2.26 34.58 6.55
CA PRO I 40 -1.09 33.89 7.03
C PRO I 40 -1.32 32.65 7.91
N GLY I 41 -0.57 31.59 7.66
CA GLY I 41 -0.64 30.36 8.49
C GLY I 41 -1.81 29.49 8.14
N LYS I 42 -2.76 30.06 7.44
CA LYS I 42 -3.98 29.31 7.10
C LYS I 42 -3.93 28.96 5.62
N ALA I 43 -4.93 28.21 5.18
CA ALA I 43 -4.95 27.76 3.78
C ALA I 43 -5.72 28.74 2.89
N PRO I 44 -5.57 28.75 1.55
CA PRO I 44 -6.38 29.65 0.73
C PRO I 44 -7.84 29.20 0.69
N LYS I 45 -8.73 30.17 0.50
CA LYS I 45 -10.14 29.85 0.31
C LYS I 45 -10.68 30.64 -0.89
N LEU I 46 -11.68 30.04 -1.54
CA LEU I 46 -12.17 30.54 -2.83
C LEU I 46 -13.10 31.72 -2.64
N LEU I 47 -12.94 32.73 -3.50
CA LEU I 47 -13.81 33.91 -3.49
C LEU I 47 -14.61 34.04 -4.78
N ILE I 48 -13.94 34.20 -5.93
CA ILE I 48 -14.61 34.36 -7.26
C ILE I 48 -14.29 33.14 -8.13
N TYR I 49 -15.29 32.58 -8.82
CA TYR I 49 -15.08 31.30 -9.54
C TYR I 49 -15.07 31.32 -11.07
N VAL I 50 -15.69 32.26 -11.77
CA VAL I 50 -15.50 32.24 -13.24
C VAL I 50 -15.38 33.67 -13.71
N ALA I 51 -14.34 34.35 -13.26
CA ALA I 51 -14.08 35.77 -13.58
C ALA I 51 -15.08 36.69 -12.92
N SER I 52 -16.32 36.26 -12.72
CA SER I 52 -17.37 37.19 -12.25
C SER I 52 -18.33 36.52 -11.26
N SER I 53 -18.21 35.22 -11.06
CA SER I 53 -19.22 34.53 -10.23
C SER I 53 -18.72 34.42 -8.79
N LEU I 54 -19.59 34.72 -7.83
CA LEU I 54 -19.19 34.74 -6.41
C LEU I 54 -19.61 33.46 -5.75
N GLN I 55 -18.74 32.93 -4.91
CA GLN I 55 -19.02 31.65 -4.26
C GLN I 55 -19.88 31.88 -3.03
N SER I 56 -20.83 30.97 -2.81
CA SER I 56 -21.67 30.98 -1.61
C SER I 56 -20.81 31.11 -0.35
N GLY I 57 -21.26 31.94 0.57
CA GLY I 57 -20.56 32.22 1.80
C GLY I 57 -19.66 33.44 1.73
N VAL I 58 -19.29 33.88 0.54
CA VAL I 58 -18.47 35.09 0.41
C VAL I 58 -19.38 36.30 0.51
N PRO I 59 -19.02 37.30 1.34
CA PRO I 59 -19.78 38.56 1.36
C PRO I 59 -19.90 39.18 -0.03
N SER I 60 -21.02 39.86 -0.27
CA SER I 60 -21.30 40.45 -1.56
C SER I 60 -20.45 41.68 -1.88
N ARG I 61 -19.65 42.16 -0.93
CA ARG I 61 -18.71 43.23 -1.23
C ARG I 61 -17.63 42.79 -2.21
N PHE I 62 -17.39 41.50 -2.33
CA PHE I 62 -16.42 40.96 -3.28
C PHE I 62 -17.08 40.77 -4.64
N SER I 63 -16.36 41.18 -5.68
CA SER I 63 -16.84 40.97 -7.05
C SER I 63 -15.65 41.02 -8.00
N GLY I 64 -15.81 40.39 -9.15
CA GLY I 64 -14.79 40.38 -10.16
C GLY I 64 -15.41 40.50 -11.54
N SER I 65 -14.62 41.07 -12.46
CA SER I 65 -15.05 41.22 -13.84
C SER I 65 -13.84 40.97 -14.75
N GLY I 66 -14.08 41.04 -16.05
CA GLY I 66 -13.02 40.86 -17.01
C GLY I 66 -13.17 39.63 -17.87
N SER I 67 -12.60 39.67 -19.07
CA SER I 67 -12.56 38.52 -19.96
C SER I 67 -11.40 38.71 -20.91
N GLY I 68 -10.85 37.59 -21.38
CA GLY I 68 -9.66 37.65 -22.21
C GLY I 68 -8.39 37.60 -21.40
N THR I 69 -7.79 38.77 -21.15
CA THR I 69 -6.53 38.84 -20.43
C THR I 69 -6.53 39.77 -19.22
N ASP I 70 -7.44 40.73 -19.13
CA ASP I 70 -7.47 41.70 -18.05
C ASP I 70 -8.63 41.39 -17.12
N PHE I 71 -8.33 41.24 -15.82
CA PHE I 71 -9.32 40.93 -14.81
C PHE I 71 -9.08 41.80 -13.58
N THR I 72 -10.16 42.06 -12.85
CA THR I 72 -10.08 42.84 -11.62
C THR I 72 -10.88 42.14 -10.51
N LEU I 73 -10.35 42.23 -9.29
CA LEU I 73 -11.08 41.86 -8.08
C LEU I 73 -11.37 43.14 -7.30
N THR I 74 -12.63 43.34 -6.93
CA THR I 74 -13.06 44.60 -6.34
C THR I 74 -13.75 44.34 -5.00
N ILE I 75 -13.35 45.11 -3.99
CA ILE I 75 -14.01 45.13 -2.69
C ILE I 75 -14.65 46.50 -2.52
N SER I 76 -15.97 46.54 -2.42
CA SER I 76 -16.68 47.81 -2.29
C SER I 76 -16.36 48.48 -0.95
N SER I 77 -16.51 47.75 0.15
CA SER I 77 -16.33 48.28 1.50
C SER I 77 -15.47 47.28 2.27
N LEU I 78 -14.19 47.61 2.45
CA LEU I 78 -13.22 46.65 2.95
C LEU I 78 -13.45 46.46 4.45
N GLN I 79 -13.26 45.24 4.94
CA GLN I 79 -13.56 44.96 6.34
C GLN I 79 -12.30 44.51 7.10
N PRO I 80 -12.31 44.51 8.44
CA PRO I 80 -11.12 44.02 9.16
C PRO I 80 -10.75 42.61 8.77
N GLU I 81 -11.76 41.78 8.53
CA GLU I 81 -11.62 40.39 8.11
C GLU I 81 -11.14 40.24 6.67
N ASP I 82 -11.03 41.32 5.90
CA ASP I 82 -10.64 41.27 4.49
C ASP I 82 -9.16 41.57 4.27
N PHE I 83 -8.34 41.57 5.31
CA PHE I 83 -6.93 41.89 5.19
C PHE I 83 -6.14 40.59 5.02
N ALA I 84 -5.64 40.34 3.82
CA ALA I 84 -4.96 39.09 3.49
C ALA I 84 -4.22 39.28 2.16
N THR I 85 -3.72 38.18 1.62
CA THR I 85 -3.12 38.15 0.28
C THR I 85 -4.08 37.47 -0.69
N TYR I 86 -4.16 37.99 -1.91
CA TYR I 86 -5.12 37.52 -2.91
C TYR I 86 -4.38 37.02 -4.14
N TYR I 87 -4.70 35.80 -4.56
CA TYR I 87 -4.09 35.17 -5.72
C TYR I 87 -5.14 34.97 -6.82
N CYS I 88 -4.72 35.11 -8.07
CA CYS I 88 -5.55 34.81 -9.22
C CYS I 88 -5.00 33.56 -9.91
N GLN I 89 -5.91 32.73 -10.44
CA GLN I 89 -5.54 31.45 -11.03
C GLN I 89 -6.35 31.20 -12.28
N GLN I 90 -5.67 30.90 -13.38
CA GLN I 90 -6.34 30.51 -14.62
C GLN I 90 -6.62 29.02 -14.60
N SER I 91 -7.79 28.64 -15.13
CA SER I 91 -8.18 27.24 -15.26
C SER I 91 -8.48 26.87 -16.70
N TYR I 92 -8.01 27.67 -17.66
CA TYR I 92 -8.30 27.41 -19.06
C TYR I 92 -7.51 26.22 -19.58
N SER I 93 -6.25 26.08 -19.17
CA SER I 93 -5.39 25.01 -19.66
C SER I 93 -4.51 24.50 -18.53
N THR I 94 -4.04 23.28 -18.72
CA THR I 94 -3.04 22.71 -17.83
C THR I 94 -1.64 22.89 -18.42
N PRO I 95 -0.62 23.12 -17.60
CA PRO I 95 -0.69 23.18 -16.13
C PRO I 95 -1.28 24.49 -15.61
N PHE I 96 -2.02 24.41 -14.53
CA PHE I 96 -2.60 25.60 -13.92
C PHE I 96 -1.51 26.47 -13.31
N THR I 97 -1.64 27.78 -13.46
CA THR I 97 -0.67 28.73 -12.98
C THR I 97 -1.36 29.82 -12.18
N PHE I 98 -0.71 30.29 -11.12
CA PHE I 98 -1.23 31.32 -10.24
C PHE I 98 -0.54 32.64 -10.49
N GLY I 99 -1.07 33.69 -9.87
CA GLY I 99 -0.41 34.97 -9.83
C GLY I 99 0.52 35.06 -8.64
N PRO I 100 1.46 36.01 -8.68
CA PRO I 100 2.38 36.18 -7.55
C PRO I 100 1.70 36.62 -6.27
N GLY I 101 0.48 37.14 -6.34
CA GLY I 101 -0.25 37.55 -5.16
C GLY I 101 -0.19 39.05 -4.93
N THR I 102 -1.15 39.54 -4.16
CA THR I 102 -1.26 40.96 -3.83
C THR I 102 -1.59 41.07 -2.35
N LYS I 103 -0.72 41.71 -1.58
CA LYS I 103 -1.00 41.80 -0.15
C LYS I 103 -1.84 43.05 0.13
N VAL I 104 -2.70 42.94 1.12
CA VAL I 104 -3.50 44.07 1.59
C VAL I 104 -3.27 44.22 3.09
N ASP I 105 -2.69 45.34 3.49
CA ASP I 105 -2.31 45.58 4.88
C ASP I 105 -2.96 46.87 5.39
N ILE I 106 -3.06 46.99 6.72
CA ILE I 106 -3.83 48.08 7.29
C ILE I 106 -3.10 49.38 7.01
N LYS I 107 -3.84 50.42 6.61
CA LYS I 107 -3.20 51.72 6.44
C LYS I 107 -2.93 52.35 7.80
N ARG I 108 -1.76 52.95 7.93
CA ARG I 108 -1.27 53.46 9.21
C ARG I 108 -0.38 54.67 8.94
N THR I 109 -0.34 55.58 9.90
CA THR I 109 0.47 56.79 9.72
C THR I 109 1.95 56.43 9.68
N VAL I 110 2.70 57.16 8.85
CA VAL I 110 4.08 56.80 8.55
C VAL I 110 4.94 56.96 9.80
N ALA I 111 5.53 55.86 10.27
CA ALA I 111 6.36 55.84 11.47
C ALA I 111 7.76 55.36 11.12
N ALA I 112 8.77 56.16 11.50
CA ALA I 112 10.17 55.81 11.27
C ALA I 112 10.59 54.69 12.22
N PRO I 113 11.65 53.95 11.89
CA PRO I 113 12.08 52.85 12.74
C PRO I 113 13.01 53.28 13.85
N SER I 114 12.91 52.58 14.97
CA SER I 114 13.87 52.72 16.07
C SER I 114 14.89 51.61 15.93
N VAL I 115 16.11 51.98 15.55
CA VAL I 115 17.13 51.03 15.11
C VAL I 115 18.00 50.64 16.30
N PHE I 116 18.39 49.37 16.36
CA PHE I 116 19.29 48.86 17.38
C PHE I 116 20.30 47.91 16.75
N ILE I 117 21.54 47.96 17.21
CA ILE I 117 22.62 47.12 16.71
C ILE I 117 23.16 46.28 17.87
N PHE I 118 23.44 45.01 17.59
CA PHE I 118 23.88 44.06 18.61
C PHE I 118 25.21 43.46 18.21
N PRO I 119 26.29 43.69 18.97
CA PRO I 119 27.56 43.00 18.69
C PRO I 119 27.43 41.51 18.94
N PRO I 120 28.27 40.69 18.30
CA PRO I 120 28.27 39.26 18.62
C PRO I 120 28.59 39.02 20.09
N SER I 121 27.94 38.01 20.65
CA SER I 121 28.21 37.64 22.04
C SER I 121 29.60 37.05 22.16
N ASP I 122 30.22 37.28 23.33
CA ASP I 122 31.51 36.67 23.61
C ASP I 122 31.40 35.14 23.58
N GLU I 123 30.26 34.60 24.03
CA GLU I 123 30.05 33.17 23.98
C GLU I 123 30.05 32.65 22.54
N GLN I 124 29.47 33.41 21.61
CA GLN I 124 29.40 32.96 20.23
C GLN I 124 30.78 33.01 19.57
N LEU I 125 31.56 34.05 19.83
CA LEU I 125 32.88 34.14 19.20
C LEU I 125 33.77 33.00 19.66
N LYS I 126 33.66 32.59 20.92
CA LYS I 126 34.39 31.42 21.40
C LYS I 126 34.10 30.21 20.52
N SER I 127 32.88 30.10 20.00
CA SER I 127 32.52 28.97 19.13
C SER I 127 33.12 29.06 17.74
N GLY I 128 33.49 30.26 17.28
CA GLY I 128 34.22 30.40 16.03
C GLY I 128 33.51 31.18 14.93
N THR I 129 32.30 31.71 15.15
CA THR I 129 31.62 32.51 14.14
C THR I 129 31.07 33.78 14.78
N ALA I 130 30.88 34.81 13.96
CA ALA I 130 30.39 36.11 14.42
C ALA I 130 29.10 36.44 13.70
N SER I 131 28.03 36.67 14.47
CA SER I 131 26.75 37.09 13.94
C SER I 131 26.45 38.49 14.50
N VAL I 132 26.15 39.42 13.61
CA VAL I 132 26.03 40.82 13.97
C VAL I 132 24.60 41.22 13.63
N VAL I 133 23.80 41.58 14.63
CA VAL I 133 22.36 41.69 14.48
C VAL I 133 21.95 43.16 14.50
N CYS I 134 21.16 43.57 13.51
CA CYS I 134 20.56 44.89 13.46
C CYS I 134 19.04 44.76 13.56
N LEU I 135 18.43 45.51 14.48
CA LEU I 135 17.00 45.45 14.72
C LEU I 135 16.35 46.75 14.25
N LEU I 136 15.31 46.61 13.43
CA LEU I 136 14.46 47.73 13.01
C LEU I 136 13.10 47.48 13.63
N ASN I 137 12.72 48.32 14.59
CA ASN I 137 11.53 48.06 15.41
C ASN I 137 10.38 48.97 15.02
N ASN I 138 9.18 48.37 14.88
CA ASN I 138 7.89 49.07 14.89
C ASN I 138 7.88 50.26 13.92
N PHE I 139 7.97 49.93 12.64
CA PHE I 139 7.92 50.95 11.59
C PHE I 139 6.83 50.62 10.58
N TYR I 140 6.45 51.63 9.79
CA TYR I 140 5.44 51.53 8.75
C TYR I 140 5.82 52.51 7.64
N PRO I 141 5.70 52.12 6.37
CA PRO I 141 5.28 50.79 5.89
C PRO I 141 6.44 49.80 5.80
N ARG I 142 6.14 48.57 5.34
CA ARG I 142 7.14 47.51 5.36
C ARG I 142 8.37 47.86 4.54
N GLU I 143 8.21 48.68 3.51
CA GLU I 143 9.30 48.98 2.57
C GLU I 143 10.45 49.70 3.28
N ALA I 144 11.56 49.00 3.48
CA ALA I 144 12.71 49.56 4.15
C ALA I 144 13.98 48.89 3.61
N LYS I 145 15.12 49.57 3.81
CA LYS I 145 16.39 49.13 3.26
C LYS I 145 17.47 49.16 4.35
N VAL I 146 18.38 48.18 4.28
CA VAL I 146 19.51 48.05 5.18
C VAL I 146 20.80 47.95 4.37
N GLN I 147 21.76 48.80 4.72
CA GLN I 147 23.11 48.70 4.11
C GLN I 147 24.14 48.46 5.21
N TRP I 148 24.67 47.25 5.31
CA TRP I 148 25.74 46.93 6.22
C TRP I 148 27.04 47.48 5.68
N LYS I 149 27.79 48.18 6.52
CA LYS I 149 29.10 48.71 6.15
C LYS I 149 30.11 48.28 7.20
N VAL I 150 31.22 47.70 6.76
CA VAL I 150 32.29 47.23 7.62
C VAL I 150 33.52 48.07 7.31
N ASP I 151 33.93 48.92 8.26
CA ASP I 151 35.03 49.86 8.04
C ASP I 151 34.75 50.74 6.83
N ASN I 152 33.48 51.13 6.66
CA ASN I 152 32.96 51.85 5.50
C ASN I 152 32.98 51.06 4.21
N ALA I 153 33.35 49.78 4.27
CA ALA I 153 33.29 48.92 3.09
C ALA I 153 31.89 48.32 2.98
N LEU I 154 31.29 48.47 1.80
CA LEU I 154 29.95 47.95 1.57
C LEU I 154 29.97 46.43 1.52
N GLN I 155 29.08 45.81 2.29
CA GLN I 155 28.93 44.36 2.32
C GLN I 155 27.77 43.94 1.44
N SER I 156 27.90 42.78 0.81
CA SER I 156 26.81 42.23 0.01
C SER I 156 26.97 40.73 -0.07
N GLY I 157 25.85 40.00 0.03
CA GLY I 157 25.84 38.55 -0.02
C GLY I 157 26.15 37.84 1.29
N ASN I 158 26.20 38.55 2.43
CA ASN I 158 26.53 37.89 3.69
C ASN I 158 25.59 38.30 4.83
N SER I 159 24.42 38.83 4.52
CA SER I 159 23.40 39.08 5.51
C SER I 159 22.07 38.49 5.04
N GLN I 160 21.19 38.23 5.99
CA GLN I 160 19.85 37.77 5.69
C GLN I 160 18.85 38.58 6.50
N GLU I 161 17.68 38.81 5.90
CA GLU I 161 16.63 39.60 6.53
C GLU I 161 15.43 38.71 6.84
N SER I 162 14.72 39.10 7.90
CA SER I 162 13.48 38.46 8.29
C SER I 162 12.54 39.55 8.74
N VAL I 163 11.26 39.45 8.37
CA VAL I 163 10.33 40.55 8.57
C VAL I 163 9.10 39.96 9.26
N THR I 164 8.64 40.62 10.32
CA THR I 164 7.47 40.08 11.01
C THR I 164 6.19 40.44 10.25
N GLU I 165 5.11 39.77 10.62
CA GLU I 165 3.79 40.17 10.14
C GLU I 165 3.35 41.46 10.83
N GLN I 166 2.39 42.14 10.21
CA GLN I 166 1.92 43.41 10.76
C GLN I 166 1.36 43.21 12.16
N ASP I 167 1.77 44.07 13.09
CA ASP I 167 1.34 43.92 14.47
C ASP I 167 -0.16 44.15 14.62
N SER I 168 -0.80 43.35 15.48
CA SER I 168 -2.24 43.43 15.65
C SER I 168 -2.71 44.70 16.37
N LYS I 169 -1.76 45.42 16.98
CA LYS I 169 -2.13 46.60 17.77
C LYS I 169 -1.78 47.88 17.02
N ASP I 170 -0.49 48.16 16.85
CA ASP I 170 -0.09 49.41 16.23
C ASP I 170 0.07 49.30 14.72
N SER I 171 -0.23 48.14 14.13
CA SER I 171 -0.17 47.92 12.69
C SER I 171 1.20 48.32 12.13
N THR I 172 2.25 47.96 12.86
CA THR I 172 3.62 48.24 12.47
C THR I 172 4.32 46.95 12.06
N TYR I 173 5.51 47.11 11.48
CA TYR I 173 6.35 45.99 11.07
C TYR I 173 7.67 46.04 11.83
N SER I 174 8.40 44.93 11.77
CA SER I 174 9.72 44.86 12.38
C SER I 174 10.63 43.99 11.50
N LEU I 175 11.92 44.32 11.53
CA LEU I 175 12.89 43.70 10.66
C LEU I 175 14.12 43.30 11.47
N SER I 176 14.61 42.08 11.25
CA SER I 176 15.87 41.61 11.80
C SER I 176 16.81 41.27 10.67
N SER I 177 18.00 41.86 10.69
CA SER I 177 19.03 41.58 9.70
C SER I 177 20.27 41.09 10.44
N THR I 178 20.75 39.92 10.09
CA THR I 178 21.89 39.29 10.74
C THR I 178 23.06 39.25 9.78
N LEU I 179 24.21 39.78 10.21
CA LEU I 179 25.40 39.86 9.36
C LEU I 179 26.35 38.78 9.86
N THR I 180 26.58 37.74 9.07
CA THR I 180 27.36 36.60 9.54
C THR I 180 28.75 36.61 8.92
N LEU I 181 29.77 36.66 9.78
CA LEU I 181 31.17 36.55 9.38
C LEU I 181 31.87 35.53 10.25
N SER I 182 32.94 34.93 9.72
CA SER I 182 33.77 34.06 10.52
C SER I 182 34.52 34.87 11.58
N LYS I 183 34.92 34.18 12.66
CA LYS I 183 35.60 34.88 13.74
C LYS I 183 36.89 35.53 13.26
N ALA I 184 37.66 34.83 12.44
CA ALA I 184 38.91 35.39 11.93
C ALA I 184 38.66 36.66 11.12
N ASP I 185 37.64 36.65 10.26
CA ASP I 185 37.28 37.85 9.51
C ASP I 185 36.74 38.94 10.44
N TYR I 186 36.04 38.55 11.50
CA TYR I 186 35.52 39.53 12.45
C TYR I 186 36.64 40.26 13.17
N GLU I 187 37.74 39.56 13.47
CA GLU I 187 38.83 40.18 14.22
C GLU I 187 39.53 41.25 13.40
N LYS I 188 39.53 41.13 12.07
CA LYS I 188 40.34 42.00 11.23
C LYS I 188 39.79 43.42 11.08
N HIS I 189 38.54 43.66 11.47
CA HIS I 189 37.89 44.94 11.22
C HIS I 189 37.43 45.57 12.52
N LYS I 190 37.36 46.90 12.53
CA LYS I 190 37.07 47.66 13.72
C LYS I 190 35.66 48.26 13.75
N VAL I 191 35.18 48.78 12.63
CA VAL I 191 33.99 49.63 12.63
C VAL I 191 32.88 48.84 11.94
N TYR I 192 31.80 48.56 12.66
CA TYR I 192 30.68 47.80 12.12
C TYR I 192 29.43 48.66 12.18
N ALA I 193 28.81 48.90 11.02
CA ALA I 193 27.74 49.87 10.89
C ALA I 193 26.53 49.26 10.21
N CYS I 194 25.35 49.74 10.62
CA CYS I 194 24.07 49.32 10.05
C CYS I 194 23.34 50.56 9.54
N GLU I 195 23.32 50.74 8.22
CA GLU I 195 22.69 51.90 7.60
C GLU I 195 21.26 51.56 7.22
N VAL I 196 20.32 52.43 7.61
CA VAL I 196 18.89 52.14 7.56
C VAL I 196 18.19 53.22 6.75
N THR I 197 17.46 52.83 5.72
CA THR I 197 16.71 53.74 4.87
C THR I 197 15.23 53.41 4.94
N HIS I 198 14.41 54.44 5.17
CA HIS I 198 12.97 54.29 5.29
C HIS I 198 12.31 55.59 4.89
N GLN I 199 11.02 55.51 4.52
CA GLN I 199 10.28 56.70 4.13
C GLN I 199 10.16 57.68 5.30
N GLY I 200 9.93 57.16 6.51
CA GLY I 200 9.76 58.00 7.68
C GLY I 200 11.03 58.67 8.17
N LEU I 201 12.17 58.39 7.56
CA LEU I 201 13.43 59.04 7.89
C LEU I 201 13.76 60.04 6.79
N SER I 202 13.99 61.30 7.17
CA SER I 202 14.41 62.29 6.19
C SER I 202 15.77 61.95 5.61
N SER I 203 16.67 61.44 6.45
CA SER I 203 17.98 60.97 6.05
C SER I 203 18.22 59.57 6.62
N PRO I 204 19.04 58.76 5.95
CA PRO I 204 19.36 57.43 6.48
C PRO I 204 19.98 57.52 7.87
N VAL I 205 19.61 56.57 8.73
CA VAL I 205 20.12 56.46 10.09
C VAL I 205 21.11 55.29 10.16
N THR I 206 22.20 55.49 10.89
CA THR I 206 23.23 54.47 11.07
C THR I 206 23.53 54.31 12.54
N LYS I 207 23.31 53.10 13.06
CA LYS I 207 23.88 52.68 14.34
C LYS I 207 25.14 51.88 14.07
N SER I 208 26.19 52.14 14.86
CA SER I 208 27.44 51.44 14.66
C SER I 208 28.13 51.26 16.01
N PHE I 209 29.07 50.32 16.04
CA PHE I 209 29.91 50.12 17.21
C PHE I 209 31.32 49.81 16.75
N ASN I 210 32.28 50.08 17.64
CA ASN I 210 33.67 49.73 17.41
C ASN I 210 33.99 48.45 18.19
N ARG I 211 34.59 47.49 17.50
CA ARG I 211 34.81 46.17 18.08
C ARG I 211 35.72 46.25 19.29
N GLY I 212 35.21 45.84 20.45
CA GLY I 212 35.97 45.83 21.68
C GLY I 212 35.69 46.97 22.64
N GLU I 213 34.86 47.93 22.26
CA GLU I 213 34.60 49.10 23.11
C GLU I 213 33.18 49.10 23.67
C1 NAG J . -26.17 -61.31 -26.23
C2 NAG J . -25.00 -61.98 -26.91
C3 NAG J . -24.95 -63.45 -26.49
C4 NAG J . -24.95 -63.58 -24.97
C5 NAG J . -26.02 -62.71 -24.31
C6 NAG J . -25.81 -62.57 -22.82
C7 NAG J . -24.32 -60.97 -29.03
C8 NAG J . -24.50 -60.97 -30.52
N2 NAG J . -25.06 -61.86 -28.35
O3 NAG J . -23.79 -64.05 -27.05
O4 NAG J . -25.24 -64.94 -24.64
O5 NAG J . -26.01 -61.37 -24.83
O6 NAG J . -24.43 -62.33 -22.54
O7 NAG J . -23.52 -60.22 -28.47
C1 NAG J . -24.17 -65.54 -23.86
C2 NAG J . -24.83 -66.48 -22.83
C3 NAG J . -23.76 -67.17 -22.02
C4 NAG J . -22.86 -67.98 -22.95
C5 NAG J . -22.28 -67.09 -24.04
C6 NAG J . -21.55 -67.87 -25.10
C7 NAG J . -27.05 -65.68 -22.18
C8 NAG J . -27.86 -64.89 -21.19
N2 NAG J . -25.74 -65.73 -21.96
O3 NAG J . -24.36 -68.01 -21.04
O4 NAG J . -21.81 -68.58 -22.21
O5 NAG J . -23.32 -66.37 -24.72
O6 NAG J . -20.77 -67.03 -25.94
O7 NAG J . -27.58 -66.23 -23.14
C1 FUC J . -24.04 -62.99 -21.30
C2 FUC J . -22.52 -62.94 -21.20
C3 FUC J . -22.06 -61.49 -21.15
C4 FUC J . -22.77 -60.74 -19.98
C5 FUC J . -24.32 -60.96 -20.07
C6 FUC J . -25.06 -60.43 -18.89
O2 FUC J . -21.89 -63.62 -22.29
O3 FUC J . -20.68 -61.39 -20.95
O4 FUC J . -22.28 -61.21 -18.75
O5 FUC J . -24.65 -62.36 -20.19
C1 NAG K . -43.16 -19.88 48.80
C2 NAG K . -44.19 -20.95 48.43
C3 NAG K . -44.60 -21.73 49.68
C4 NAG K . -43.38 -22.31 50.36
C5 NAG K . -42.36 -21.21 50.65
C6 NAG K . -41.05 -21.75 51.21
C7 NAG K . -45.48 -20.24 46.46
C8 NAG K . -46.75 -19.60 45.98
N2 NAG K . -45.36 -20.36 47.78
O3 NAG K . -45.51 -22.78 49.31
O4 NAG K . -43.75 -22.94 51.59
O5 NAG K . -42.02 -20.51 49.44
O6 NAG K . -40.46 -20.84 52.13
O7 NAG K . -44.59 -20.60 45.69
#